data_1USZ
# 
_entry.id   1USZ 
# 
_audit_conform.dict_name       mmcif_pdbx.dic 
_audit_conform.dict_version    5.398 
_audit_conform.dict_location   http://mmcif.pdb.org/dictionaries/ascii/mmcif_pdbx.dic 
# 
loop_
_database_2.database_id 
_database_2.database_code 
_database_2.pdbx_database_accession 
_database_2.pdbx_DOI 
PDB   1USZ         pdb_00001usz 10.2210/pdb1usz/pdb 
PDBE  EBI-14079    ?            ?                   
WWPDB D_1290014079 ?            ?                   
# 
loop_
_pdbx_audit_revision_history.ordinal 
_pdbx_audit_revision_history.data_content_type 
_pdbx_audit_revision_history.major_revision 
_pdbx_audit_revision_history.minor_revision 
_pdbx_audit_revision_history.revision_date 
1 'Structure model' 1 0 2004-08-31 
2 'Structure model' 1 1 2011-05-08 
3 'Structure model' 1 2 2011-07-13 
4 'Structure model' 1 3 2024-11-13 
# 
_pdbx_audit_revision_details.ordinal             1 
_pdbx_audit_revision_details.revision_ordinal    1 
_pdbx_audit_revision_details.data_content_type   'Structure model' 
_pdbx_audit_revision_details.provider            repository 
_pdbx_audit_revision_details.type                'Initial release' 
_pdbx_audit_revision_details.description         ? 
_pdbx_audit_revision_details.details             ? 
# 
loop_
_pdbx_audit_revision_group.ordinal 
_pdbx_audit_revision_group.revision_ordinal 
_pdbx_audit_revision_group.data_content_type 
_pdbx_audit_revision_group.group 
1 2 'Structure model' 'Version format compliance' 
2 3 'Structure model' 'Version format compliance' 
3 4 'Structure model' 'Data collection'           
4 4 'Structure model' 'Database references'       
5 4 'Structure model' 'Derived calculations'      
6 4 'Structure model' Other                       
7 4 'Structure model' 'Structure summary'         
# 
loop_
_pdbx_audit_revision_category.ordinal 
_pdbx_audit_revision_category.revision_ordinal 
_pdbx_audit_revision_category.data_content_type 
_pdbx_audit_revision_category.category 
1 4 'Structure model' chem_comp_atom            
2 4 'Structure model' chem_comp_bond            
3 4 'Structure model' database_2                
4 4 'Structure model' pdbx_database_status      
5 4 'Structure model' pdbx_entry_details        
6 4 'Structure model' pdbx_modification_feature 
7 4 'Structure model' struct_conn               
# 
loop_
_pdbx_audit_revision_item.ordinal 
_pdbx_audit_revision_item.revision_ordinal 
_pdbx_audit_revision_item.data_content_type 
_pdbx_audit_revision_item.item 
1 4 'Structure model' '_database_2.pdbx_DOI'                         
2 4 'Structure model' '_database_2.pdbx_database_accession'          
3 4 'Structure model' '_pdbx_database_status.status_code_sf'         
4 4 'Structure model' '_pdbx_entry_details.has_protein_modification' 
5 4 'Structure model' '_struct_conn.pdbx_leaving_atom_flag'          
# 
_pdbx_database_status.status_code                     REL 
_pdbx_database_status.entry_id                        1USZ 
_pdbx_database_status.deposit_site                    PDBE 
_pdbx_database_status.process_site                    PDBE 
_pdbx_database_status.SG_entry                        . 
_pdbx_database_status.recvd_initial_deposition_date   2003-12-02 
_pdbx_database_status.pdb_format_compatible           Y 
_pdbx_database_status.status_code_sf                  REL 
_pdbx_database_status.status_code_mr                  ? 
_pdbx_database_status.status_code_cs                  ? 
_pdbx_database_status.methods_development_category    ? 
_pdbx_database_status.status_code_nmr_data            ? 
# 
loop_
_pdbx_database_related.db_name 
_pdbx_database_related.db_id 
_pdbx_database_related.content_type 
_pdbx_database_related.details 
PDB 1USQ unspecified 'COMPLEX OF E. COLI DRAE ADHESIN WITH CHLORAMPHENICOL' 
PDB 1UT2 unspecified 'AFAE-3 ADHESIN FROM ESCHERICHIA COLI'                 
# 
loop_
_audit_author.name 
_audit_author.pdbx_ordinal 
'Anderson, K.L.'   1  
'Billington, J.'   2  
'Pettigrew, D.'    3  
'Cota, E.'         4  
'Roversi, P.'      5  
'Simpson, P.'      6  
'Chen, H.A.'       7  
'Urvil, P.'        8  
'Dumerle, L.'      9  
'Barlow, P.'       10 
'Medof, E.'        11 
'Smith, R.A.G.'    12 
'Nowicki, B.'      13 
'Le Bouguenec, C.' 14 
'Lea, S.M.'        15 
'Matthews, S.'     16 
# 
loop_
_citation.id 
_citation.title 
_citation.journal_abbrev 
_citation.journal_volume 
_citation.page_first 
_citation.page_last 
_citation.year 
_citation.journal_id_ASTM 
_citation.country 
_citation.journal_id_ISSN 
_citation.journal_id_CSD 
_citation.book_publisher 
_citation.pdbx_database_id_PubMed 
_citation.pdbx_database_id_DOI 
primary 'High Resolution Studies of the Afa/Dr Adhesin Drae and its Interaction with Chloramphenicol' J.Biol.Chem. 279 46851 ? 
2004 JBCHA3 US 0021-9258 0071 ? 15331605 10.1074/JBC.M409284200       
1       'An Atomic Resolution Model for Assmebly, Architecture,and Function of the Dr Adhesins'       Mol.Cell     15  647   ? 
2004 MOCEFL US 1097-2765 2168 ? 15327779 10.1016/J.MOLCEL.2004.08.003 
# 
loop_
_citation_author.citation_id 
_citation_author.name 
_citation_author.ordinal 
_citation_author.identifier_ORCID 
primary 'Pettigrew, D.'    1  ? 
primary 'Anderson, K.L.'   2  ? 
primary 'Billington, J.'   3  ? 
primary 'Cota, E.'         4  ? 
primary 'Simpson, P.'      5  ? 
primary 'Urvil, P.'        6  ? 
primary 'Rabuzin, F.'      7  ? 
primary 'Roversi, P.'      8  ? 
primary 'Nowicki, B.'      9  ? 
primary 'Du Merle, L.'     10 ? 
primary 'Le Bouguenec, C.' 11 ? 
primary 'Matthews, S.'     12 ? 
primary 'Lea, S.M.'        13 ? 
1       'Anderson, K.L.'   14 ? 
1       'Billington, J.'   15 ? 
1       'Pettigrew, D.'    16 ? 
1       'Cota, E.'         17 ? 
1       'Simpson, P.'      18 ? 
1       'Roversi, P.'      19 ? 
1       'Chen, H.A.'       20 ? 
1       'Urvil, P.'        21 ? 
1       'Du Merle, L.'     22 ? 
1       'Barlow, P.N.'     23 ? 
1       'Medof, M.E.'      24 ? 
1       'Smith, R.A.G.'    25 ? 
1       'Nowicki, B.'      26 ? 
1       'Le Bouguenec, C.' 27 ? 
1       'Lea, S.M.'        28 ? 
1       'Matthews, S.'     29 ? 
# 
loop_
_entity.id 
_entity.type 
_entity.src_method 
_entity.pdbx_description 
_entity.formula_weight 
_entity.pdbx_number_of_molecules 
_entity.pdbx_ec 
_entity.pdbx_mutation 
_entity.pdbx_fragment 
_entity.details 
1 polymer     man 'AFIMBRIAL ADHESIN AFA-III' 16233.725 1 ? YES ? 'SELENOMETHIONINE DERIVATIVE' 
2 non-polymer syn 'SULFATE ION'               96.063    1 ? ?   ? ?                             
3 non-polymer syn 'CHLORIDE ION'              35.453    1 ? ?   ? ?                             
4 water       nat water                       18.015    4 ? ?   ? ?                             
# 
_entity_name_com.entity_id   1 
_entity_name_com.name        AFAE3 
# 
_entity_poly.entity_id                      1 
_entity_poly.type                           'polypeptide(L)' 
_entity_poly.nstd_linkage                   no 
_entity_poly.nstd_monomer                   yes 
_entity_poly.pdbx_seq_one_letter_code       
;RGSHHHHHHGSFTPSGTTGTTKLTVTEECQVRVGDLTVAKTRGQLTDAAPIGPVTVQALGCNARQVALKADTDNFEQGKF
FLISDNNRDKLYVNIRP(MSE)DNSAWTTDNGVFYKNDVGSWGGTIGIYVDGQQTNTPPGNYTLTLTGGYWAK
;
_entity_poly.pdbx_seq_one_letter_code_can   
;RGSHHHHHHGSFTPSGTTGTTKLTVTEECQVRVGDLTVAKTRGQLTDAAPIGPVTVQALGCNARQVALKADTDNFEQGKF
FLISDNNRDKLYVNIRPMDNSAWTTDNGVFYKNDVGSWGGTIGIYVDGQQTNTPPGNYTLTLTGGYWAK
;
_entity_poly.pdbx_strand_id                 A 
_entity_poly.pdbx_target_identifier         ? 
# 
loop_
_pdbx_entity_nonpoly.entity_id 
_pdbx_entity_nonpoly.name 
_pdbx_entity_nonpoly.comp_id 
2 'SULFATE ION'  SO4 
3 'CHLORIDE ION' CL  
4 water          HOH 
# 
loop_
_entity_poly_seq.entity_id 
_entity_poly_seq.num 
_entity_poly_seq.mon_id 
_entity_poly_seq.hetero 
1 1   ARG n 
1 2   GLY n 
1 3   SER n 
1 4   HIS n 
1 5   HIS n 
1 6   HIS n 
1 7   HIS n 
1 8   HIS n 
1 9   HIS n 
1 10  GLY n 
1 11  SER n 
1 12  PHE n 
1 13  THR n 
1 14  PRO n 
1 15  SER n 
1 16  GLY n 
1 17  THR n 
1 18  THR n 
1 19  GLY n 
1 20  THR n 
1 21  THR n 
1 22  LYS n 
1 23  LEU n 
1 24  THR n 
1 25  VAL n 
1 26  THR n 
1 27  GLU n 
1 28  GLU n 
1 29  CYS n 
1 30  GLN n 
1 31  VAL n 
1 32  ARG n 
1 33  VAL n 
1 34  GLY n 
1 35  ASP n 
1 36  LEU n 
1 37  THR n 
1 38  VAL n 
1 39  ALA n 
1 40  LYS n 
1 41  THR n 
1 42  ARG n 
1 43  GLY n 
1 44  GLN n 
1 45  LEU n 
1 46  THR n 
1 47  ASP n 
1 48  ALA n 
1 49  ALA n 
1 50  PRO n 
1 51  ILE n 
1 52  GLY n 
1 53  PRO n 
1 54  VAL n 
1 55  THR n 
1 56  VAL n 
1 57  GLN n 
1 58  ALA n 
1 59  LEU n 
1 60  GLY n 
1 61  CYS n 
1 62  ASN n 
1 63  ALA n 
1 64  ARG n 
1 65  GLN n 
1 66  VAL n 
1 67  ALA n 
1 68  LEU n 
1 69  LYS n 
1 70  ALA n 
1 71  ASP n 
1 72  THR n 
1 73  ASP n 
1 74  ASN n 
1 75  PHE n 
1 76  GLU n 
1 77  GLN n 
1 78  GLY n 
1 79  LYS n 
1 80  PHE n 
1 81  PHE n 
1 82  LEU n 
1 83  ILE n 
1 84  SER n 
1 85  ASP n 
1 86  ASN n 
1 87  ASN n 
1 88  ARG n 
1 89  ASP n 
1 90  LYS n 
1 91  LEU n 
1 92  TYR n 
1 93  VAL n 
1 94  ASN n 
1 95  ILE n 
1 96  ARG n 
1 97  PRO n 
1 98  MSE n 
1 99  ASP n 
1 100 ASN n 
1 101 SER n 
1 102 ALA n 
1 103 TRP n 
1 104 THR n 
1 105 THR n 
1 106 ASP n 
1 107 ASN n 
1 108 GLY n 
1 109 VAL n 
1 110 PHE n 
1 111 TYR n 
1 112 LYS n 
1 113 ASN n 
1 114 ASP n 
1 115 VAL n 
1 116 GLY n 
1 117 SER n 
1 118 TRP n 
1 119 GLY n 
1 120 GLY n 
1 121 THR n 
1 122 ILE n 
1 123 GLY n 
1 124 ILE n 
1 125 TYR n 
1 126 VAL n 
1 127 ASP n 
1 128 GLY n 
1 129 GLN n 
1 130 GLN n 
1 131 THR n 
1 132 ASN n 
1 133 THR n 
1 134 PRO n 
1 135 PRO n 
1 136 GLY n 
1 137 ASN n 
1 138 TYR n 
1 139 THR n 
1 140 LEU n 
1 141 THR n 
1 142 LEU n 
1 143 THR n 
1 144 GLY n 
1 145 GLY n 
1 146 TYR n 
1 147 TRP n 
1 148 ALA n 
1 149 LYS n 
# 
_entity_src_gen.entity_id                          1 
_entity_src_gen.pdbx_src_id                        1 
_entity_src_gen.pdbx_alt_source_flag               sample 
_entity_src_gen.pdbx_seq_type                      ? 
_entity_src_gen.pdbx_beg_seq_num                   ? 
_entity_src_gen.pdbx_end_seq_num                   ? 
_entity_src_gen.gene_src_common_name               ? 
_entity_src_gen.gene_src_genus                     ? 
_entity_src_gen.pdbx_gene_src_gene                 ? 
_entity_src_gen.gene_src_species                   ? 
_entity_src_gen.gene_src_strain                    A30 
_entity_src_gen.gene_src_tissue                    ? 
_entity_src_gen.gene_src_tissue_fraction           ? 
_entity_src_gen.gene_src_details                   ? 
_entity_src_gen.pdbx_gene_src_fragment             ? 
_entity_src_gen.pdbx_gene_src_scientific_name      'ESCHERICHIA COLI' 
_entity_src_gen.pdbx_gene_src_ncbi_taxonomy_id     562 
_entity_src_gen.pdbx_gene_src_variant              ? 
_entity_src_gen.pdbx_gene_src_cell_line            ? 
_entity_src_gen.pdbx_gene_src_atcc                 ? 
_entity_src_gen.pdbx_gene_src_organ                ? 
_entity_src_gen.pdbx_gene_src_organelle            ? 
_entity_src_gen.pdbx_gene_src_cell                 ? 
_entity_src_gen.pdbx_gene_src_cellular_location    ? 
_entity_src_gen.host_org_common_name               ? 
_entity_src_gen.pdbx_host_org_scientific_name      'ESCHERICHIA COLI' 
_entity_src_gen.pdbx_host_org_ncbi_taxonomy_id     562 
_entity_src_gen.host_org_genus                     ? 
_entity_src_gen.pdbx_host_org_gene                 ? 
_entity_src_gen.pdbx_host_org_organ                ? 
_entity_src_gen.host_org_species                   ? 
_entity_src_gen.pdbx_host_org_tissue               ? 
_entity_src_gen.pdbx_host_org_tissue_fraction      ? 
_entity_src_gen.pdbx_host_org_strain               B834 
_entity_src_gen.pdbx_host_org_variant              ? 
_entity_src_gen.pdbx_host_org_cell_line            ? 
_entity_src_gen.pdbx_host_org_atcc                 ? 
_entity_src_gen.pdbx_host_org_culture_collection   ? 
_entity_src_gen.pdbx_host_org_cell                 ? 
_entity_src_gen.pdbx_host_org_organelle            ? 
_entity_src_gen.pdbx_host_org_cellular_location    ? 
_entity_src_gen.pdbx_host_org_vector_type          ? 
_entity_src_gen.pdbx_host_org_vector               ? 
_entity_src_gen.host_org_details                   ? 
_entity_src_gen.expression_system_id               ? 
_entity_src_gen.plasmid_name                       PQE-30 
_entity_src_gen.plasmid_details                    ? 
_entity_src_gen.pdbx_description                   'N-TERMINUS 6-HIS-TAGGED' 
# 
loop_
_chem_comp.id 
_chem_comp.type 
_chem_comp.mon_nstd_flag 
_chem_comp.name 
_chem_comp.pdbx_synonyms 
_chem_comp.formula 
_chem_comp.formula_weight 
ALA 'L-peptide linking' y ALANINE          ? 'C3 H7 N O2'     89.093  
ARG 'L-peptide linking' y ARGININE         ? 'C6 H15 N4 O2 1' 175.209 
ASN 'L-peptide linking' y ASPARAGINE       ? 'C4 H8 N2 O3'    132.118 
ASP 'L-peptide linking' y 'ASPARTIC ACID'  ? 'C4 H7 N O4'     133.103 
CL  non-polymer         . 'CHLORIDE ION'   ? 'Cl -1'          35.453  
CYS 'L-peptide linking' y CYSTEINE         ? 'C3 H7 N O2 S'   121.158 
GLN 'L-peptide linking' y GLUTAMINE        ? 'C5 H10 N2 O3'   146.144 
GLU 'L-peptide linking' y 'GLUTAMIC ACID'  ? 'C5 H9 N O4'     147.129 
GLY 'peptide linking'   y GLYCINE          ? 'C2 H5 N O2'     75.067  
HIS 'L-peptide linking' y HISTIDINE        ? 'C6 H10 N3 O2 1' 156.162 
HOH non-polymer         . WATER            ? 'H2 O'           18.015  
ILE 'L-peptide linking' y ISOLEUCINE       ? 'C6 H13 N O2'    131.173 
LEU 'L-peptide linking' y LEUCINE          ? 'C6 H13 N O2'    131.173 
LYS 'L-peptide linking' y LYSINE           ? 'C6 H15 N2 O2 1' 147.195 
MSE 'L-peptide linking' n SELENOMETHIONINE ? 'C5 H11 N O2 Se' 196.106 
PHE 'L-peptide linking' y PHENYLALANINE    ? 'C9 H11 N O2'    165.189 
PRO 'L-peptide linking' y PROLINE          ? 'C5 H9 N O2'     115.130 
SER 'L-peptide linking' y SERINE           ? 'C3 H7 N O3'     105.093 
SO4 non-polymer         . 'SULFATE ION'    ? 'O4 S -2'        96.063  
THR 'L-peptide linking' y THREONINE        ? 'C4 H9 N O3'     119.119 
TRP 'L-peptide linking' y TRYPTOPHAN       ? 'C11 H12 N2 O2'  204.225 
TYR 'L-peptide linking' y TYROSINE         ? 'C9 H11 N O3'    181.189 
VAL 'L-peptide linking' y VALINE           ? 'C5 H11 N O2'    117.146 
# 
loop_
_pdbx_poly_seq_scheme.asym_id 
_pdbx_poly_seq_scheme.entity_id 
_pdbx_poly_seq_scheme.seq_id 
_pdbx_poly_seq_scheme.mon_id 
_pdbx_poly_seq_scheme.ndb_seq_num 
_pdbx_poly_seq_scheme.pdb_seq_num 
_pdbx_poly_seq_scheme.auth_seq_num 
_pdbx_poly_seq_scheme.pdb_mon_id 
_pdbx_poly_seq_scheme.auth_mon_id 
_pdbx_poly_seq_scheme.pdb_strand_id 
_pdbx_poly_seq_scheme.pdb_ins_code 
_pdbx_poly_seq_scheme.hetero 
A 1 1   ARG 1   -9  ?   ?   ?   A . n 
A 1 2   GLY 2   -8  ?   ?   ?   A . n 
A 1 3   SER 3   -7  ?   ?   ?   A . n 
A 1 4   HIS 4   -6  ?   ?   ?   A . n 
A 1 5   HIS 5   -5  ?   ?   ?   A . n 
A 1 6   HIS 6   -4  ?   ?   ?   A . n 
A 1 7   HIS 7   -3  ?   ?   ?   A . n 
A 1 8   HIS 8   -2  ?   ?   ?   A . n 
A 1 9   HIS 9   -1  ?   ?   ?   A . n 
A 1 10  GLY 10  0   0   GLY GLY A . n 
A 1 11  SER 11  1   1   SER SER A . n 
A 1 12  PHE 12  2   2   PHE PHE A . n 
A 1 13  THR 13  3   3   THR THR A . n 
A 1 14  PRO 14  4   4   PRO PRO A . n 
A 1 15  SER 15  5   5   SER SER A . n 
A 1 16  GLY 16  6   6   GLY GLY A . n 
A 1 17  THR 17  7   7   THR THR A . n 
A 1 18  THR 18  8   8   THR THR A . n 
A 1 19  GLY 19  9   9   GLY GLY A . n 
A 1 20  THR 20  10  10  THR THR A . n 
A 1 21  THR 21  11  11  THR THR A . n 
A 1 22  LYS 22  12  12  LYS LYS A . n 
A 1 23  LEU 23  13  13  LEU LEU A . n 
A 1 24  THR 24  14  14  THR THR A . n 
A 1 25  VAL 25  15  15  VAL VAL A . n 
A 1 26  THR 26  16  16  THR THR A . n 
A 1 27  GLU 27  17  17  GLU GLU A . n 
A 1 28  GLU 28  18  18  GLU GLU A . n 
A 1 29  CYS 29  19  19  CYS CYS A . n 
A 1 30  GLN 30  20  20  GLN GLN A . n 
A 1 31  VAL 31  21  21  VAL VAL A . n 
A 1 32  ARG 32  22  22  ARG ARG A . n 
A 1 33  VAL 33  23  23  VAL VAL A . n 
A 1 34  GLY 34  24  24  GLY GLY A . n 
A 1 35  ASP 35  25  25  ASP ASP A . n 
A 1 36  LEU 36  26  26  LEU LEU A . n 
A 1 37  THR 37  27  27  THR THR A . n 
A 1 38  VAL 38  28  28  VAL VAL A . n 
A 1 39  ALA 39  29  29  ALA ALA A . n 
A 1 40  LYS 40  30  30  LYS LYS A . n 
A 1 41  THR 41  31  31  THR THR A . n 
A 1 42  ARG 42  32  32  ARG ARG A . n 
A 1 43  GLY 43  33  33  GLY GLY A . n 
A 1 44  GLN 44  34  34  GLN GLN A . n 
A 1 45  LEU 45  35  35  LEU LEU A . n 
A 1 46  THR 46  36  36  THR THR A . n 
A 1 47  ASP 47  37  37  ASP ASP A . n 
A 1 48  ALA 48  38  38  ALA ALA A . n 
A 1 49  ALA 49  39  39  ALA ALA A . n 
A 1 50  PRO 50  40  40  PRO PRO A . n 
A 1 51  ILE 51  41  41  ILE ILE A . n 
A 1 52  GLY 52  42  42  GLY GLY A . n 
A 1 53  PRO 53  43  43  PRO PRO A . n 
A 1 54  VAL 54  44  44  VAL VAL A . n 
A 1 55  THR 55  45  45  THR THR A . n 
A 1 56  VAL 56  46  46  VAL VAL A . n 
A 1 57  GLN 57  47  47  GLN GLN A . n 
A 1 58  ALA 58  48  48  ALA ALA A . n 
A 1 59  LEU 59  49  49  LEU LEU A . n 
A 1 60  GLY 60  50  50  GLY GLY A . n 
A 1 61  CYS 61  51  51  CYS CYS A . n 
A 1 62  ASN 62  52  52  ASN ASN A . n 
A 1 63  ALA 63  53  53  ALA ALA A . n 
A 1 64  ARG 64  54  54  ARG ARG A . n 
A 1 65  GLN 65  55  55  GLN GLN A . n 
A 1 66  VAL 66  56  56  VAL VAL A . n 
A 1 67  ALA 67  57  57  ALA ALA A . n 
A 1 68  LEU 68  58  58  LEU LEU A . n 
A 1 69  LYS 69  59  59  LYS LYS A . n 
A 1 70  ALA 70  60  60  ALA ALA A . n 
A 1 71  ASP 71  61  61  ASP ASP A . n 
A 1 72  THR 72  62  62  THR THR A . n 
A 1 73  ASP 73  63  63  ASP ASP A . n 
A 1 74  ASN 74  64  64  ASN ASN A . n 
A 1 75  PHE 75  65  65  PHE PHE A . n 
A 1 76  GLU 76  66  66  GLU GLU A . n 
A 1 77  GLN 77  67  67  GLN GLN A . n 
A 1 78  GLY 78  68  68  GLY GLY A . n 
A 1 79  LYS 79  69  69  LYS LYS A . n 
A 1 80  PHE 80  70  70  PHE PHE A . n 
A 1 81  PHE 81  71  71  PHE PHE A . n 
A 1 82  LEU 82  72  72  LEU LEU A . n 
A 1 83  ILE 83  73  73  ILE ILE A . n 
A 1 84  SER 84  74  74  SER SER A . n 
A 1 85  ASP 85  75  75  ASP ASP A . n 
A 1 86  ASN 86  76  76  ASN ASN A . n 
A 1 87  ASN 87  77  77  ASN ASN A . n 
A 1 88  ARG 88  78  78  ARG ARG A . n 
A 1 89  ASP 89  79  79  ASP ASP A . n 
A 1 90  LYS 90  80  80  LYS LYS A . n 
A 1 91  LEU 91  81  81  LEU LEU A . n 
A 1 92  TYR 92  82  82  TYR TYR A . n 
A 1 93  VAL 93  83  83  VAL VAL A . n 
A 1 94  ASN 94  84  84  ASN ASN A . n 
A 1 95  ILE 95  85  85  ILE ILE A . n 
A 1 96  ARG 96  86  86  ARG ARG A . n 
A 1 97  PRO 97  87  87  PRO PRO A . n 
A 1 98  MSE 98  88  88  MSE MSE A . n 
A 1 99  ASP 99  89  89  ASP ASP A . n 
A 1 100 ASN 100 90  90  ASN ASN A . n 
A 1 101 SER 101 91  91  SER SER A . n 
A 1 102 ALA 102 92  92  ALA ALA A . n 
A 1 103 TRP 103 93  93  TRP TRP A . n 
A 1 104 THR 104 94  94  THR THR A . n 
A 1 105 THR 105 95  95  THR THR A . n 
A 1 106 ASP 106 96  96  ASP ASP A . n 
A 1 107 ASN 107 97  97  ASN ASN A . n 
A 1 108 GLY 108 98  98  GLY GLY A . n 
A 1 109 VAL 109 99  99  VAL VAL A . n 
A 1 110 PHE 110 100 100 PHE PHE A . n 
A 1 111 TYR 111 101 101 TYR TYR A . n 
A 1 112 LYS 112 102 102 LYS LYS A . n 
A 1 113 ASN 113 103 103 ASN ASN A . n 
A 1 114 ASP 114 104 104 ASP ASP A . n 
A 1 115 VAL 115 105 105 VAL VAL A . n 
A 1 116 GLY 116 106 106 GLY GLY A . n 
A 1 117 SER 117 107 107 SER SER A . n 
A 1 118 TRP 118 108 108 TRP TRP A . n 
A 1 119 GLY 119 109 109 GLY GLY A . n 
A 1 120 GLY 120 110 110 GLY GLY A . n 
A 1 121 THR 121 111 111 THR THR A . n 
A 1 122 ILE 122 112 112 ILE ILE A . n 
A 1 123 GLY 123 113 113 GLY GLY A . n 
A 1 124 ILE 124 114 114 ILE ILE A . n 
A 1 125 TYR 125 115 115 TYR TYR A . n 
A 1 126 VAL 126 116 116 VAL VAL A . n 
A 1 127 ASP 127 117 117 ASP ASP A . n 
A 1 128 GLY 128 118 118 GLY GLY A . n 
A 1 129 GLN 129 119 119 GLN GLN A . n 
A 1 130 GLN 130 120 120 GLN GLN A . n 
A 1 131 THR 131 121 121 THR THR A . n 
A 1 132 ASN 132 122 122 ASN ASN A . n 
A 1 133 THR 133 123 123 THR THR A . n 
A 1 134 PRO 134 124 124 PRO PRO A . n 
A 1 135 PRO 135 125 125 PRO PRO A . n 
A 1 136 GLY 136 126 126 GLY GLY A . n 
A 1 137 ASN 137 127 127 ASN ASN A . n 
A 1 138 TYR 138 128 128 TYR TYR A . n 
A 1 139 THR 139 129 129 THR THR A . n 
A 1 140 LEU 140 130 130 LEU LEU A . n 
A 1 141 THR 141 131 131 THR THR A . n 
A 1 142 LEU 142 132 132 LEU LEU A . n 
A 1 143 THR 143 133 133 THR THR A . n 
A 1 144 GLY 144 134 134 GLY GLY A . n 
A 1 145 GLY 145 135 135 GLY GLY A . n 
A 1 146 TYR 146 136 136 TYR TYR A . n 
A 1 147 TRP 147 137 137 TRP TRP A . n 
A 1 148 ALA 148 138 138 ALA ALA A . n 
A 1 149 LYS 149 139 139 LYS LYS A . n 
# 
loop_
_pdbx_nonpoly_scheme.asym_id 
_pdbx_nonpoly_scheme.entity_id 
_pdbx_nonpoly_scheme.mon_id 
_pdbx_nonpoly_scheme.ndb_seq_num 
_pdbx_nonpoly_scheme.pdb_seq_num 
_pdbx_nonpoly_scheme.auth_seq_num 
_pdbx_nonpoly_scheme.pdb_mon_id 
_pdbx_nonpoly_scheme.auth_mon_id 
_pdbx_nonpoly_scheme.pdb_strand_id 
_pdbx_nonpoly_scheme.pdb_ins_code 
B 2 SO4 1 1140 1140 SO4 SO4 A . 
C 3 CL  1 1141 1141 CL  CL  A . 
D 4 HOH 1 2001 2001 HOH HOH A . 
D 4 HOH 2 2002 2002 HOH HOH A . 
D 4 HOH 3 2003 2003 HOH HOH A . 
D 4 HOH 4 2004 2004 HOH HOH A . 
# 
loop_
_software.name 
_software.classification 
_software.version 
_software.citation_id 
_software.pdbx_ordinal 
XFIT    'model building' .  ? 1 
SCALA   'data scaling'   .  ? 2 
RANTAN  phasing          .  ? 3 
SHARP   phasing          .  ? 4 
SOLOMON phasing          .  ? 5 
XFIT    phasing          .  ? 6 
TNT     refinement       5E ? 7 
# 
_cell.entry_id           1USZ 
_cell.length_a           141.300 
_cell.length_b           141.300 
_cell.length_c           141.300 
_cell.angle_alpha        90.00 
_cell.angle_beta         90.00 
_cell.angle_gamma        90.00 
_cell.Z_PDB              48 
_cell.pdbx_unique_axis   ? 
# 
_symmetry.entry_id                         1USZ 
_symmetry.space_group_name_H-M             'I 4 3 2' 
_symmetry.pdbx_full_space_group_name_H-M   ? 
_symmetry.cell_setting                     ? 
_symmetry.Int_Tables_number                211 
# 
_exptl.entry_id          1USZ 
_exptl.method            'X-RAY DIFFRACTION' 
_exptl.crystals_number   1 
# 
_exptl_crystal.id                    1 
_exptl_crystal.density_meas          ? 
_exptl_crystal.density_Matthews      3.62 
_exptl_crystal.density_percent_sol   67 
_exptl_crystal.description           'SOLVED BY SAD WITH AUTOSHARP' 
# 
_exptl_crystal_grow.crystal_id      1 
_exptl_crystal_grow.method          ? 
_exptl_crystal_grow.temp            ? 
_exptl_crystal_grow.temp_details    ? 
_exptl_crystal_grow.pH              7.00 
_exptl_crystal_grow.pdbx_pH_range   ? 
_exptl_crystal_grow.pdbx_details    '2.0 M AMMONIUM SULPHATE, 2% PEG 400, 0.1M NAHEPES PH 6.8' 
# 
_diffrn.id                     1 
_diffrn.ambient_temp           100.0 
_diffrn.ambient_temp_details   ? 
_diffrn.crystal_id             1 
# 
_diffrn_detector.diffrn_id              1 
_diffrn_detector.detector               CCD 
_diffrn_detector.type                   MARRESEARCH 
_diffrn_detector.pdbx_collection_date   2003-03-15 
_diffrn_detector.details                ? 
# 
_diffrn_radiation.diffrn_id                        1 
_diffrn_radiation.wavelength_id                    1 
_diffrn_radiation.pdbx_monochromatic_or_laue_m_l   M 
_diffrn_radiation.monochromator                    ? 
_diffrn_radiation.pdbx_diffrn_protocol             'SINGLE WAVELENGTH' 
_diffrn_radiation.pdbx_scattering_type             x-ray 
# 
_diffrn_radiation_wavelength.id           1 
_diffrn_radiation_wavelength.wavelength   0.97892 
_diffrn_radiation_wavelength.wt           1.0 
# 
_diffrn_source.diffrn_id                   1 
_diffrn_source.source                      SYNCHROTRON 
_diffrn_source.type                        'ESRF BEAMLINE BM14' 
_diffrn_source.pdbx_synchrotron_site       ESRF 
_diffrn_source.pdbx_synchrotron_beamline   BM14 
_diffrn_source.pdbx_wavelength             0.97892 
_diffrn_source.pdbx_wavelength_list        ? 
# 
_reflns.pdbx_diffrn_id               1 
_reflns.pdbx_ordinal                 1 
_reflns.entry_id                     1USZ 
_reflns.observed_criterion_sigma_I   ? 
_reflns.observed_criterion_sigma_F   ? 
_reflns.d_resolution_low             28.900 
_reflns.d_resolution_high            3.100 
_reflns.number_obs                   5108 
_reflns.number_all                   ? 
_reflns.percent_possible_obs         99.7 
_reflns.pdbx_Rmerge_I_obs            0.08400 
_reflns.pdbx_Rsym_value              ? 
_reflns.pdbx_netI_over_sigmaI        7.8000 
_reflns.B_iso_Wilson_estimate        -2.3 
_reflns.pdbx_redundancy              23.000 
# 
_reflns_shell.pdbx_diffrn_id         1 
_reflns_shell.pdbx_ordinal           1 
_reflns_shell.d_res_high             3.10 
_reflns_shell.d_res_low              3.27 
_reflns_shell.percent_possible_all   100.0 
_reflns_shell.Rmerge_I_obs           0.32000 
_reflns_shell.pdbx_Rsym_value        ? 
_reflns_shell.meanI_over_sigI_obs    1.700 
_reflns_shell.pdbx_redundancy        ? 
# 
_refine.pdbx_refine_id                           'X-RAY DIFFRACTION' 
_refine.entry_id                                 1USZ 
_refine.pdbx_diffrn_id                           1 
_refine.pdbx_TLS_residual_ADP_flag               ? 
_refine.ls_number_reflns_obs                     3941 
_refine.ls_number_reflns_all                     3941 
_refine.pdbx_ls_sigma_I                          ? 
_refine.pdbx_ls_sigma_F                          0.0 
_refine.pdbx_data_cutoff_high_absF               ? 
_refine.pdbx_data_cutoff_low_absF                ? 
_refine.pdbx_data_cutoff_high_rms_absF           ? 
_refine.ls_d_res_low                             30.0 
_refine.ls_d_res_high                            3.28 
_refine.ls_percent_reflns_obs                    99.7 
_refine.ls_R_factor_obs                          0.220 
_refine.ls_R_factor_all                          0.220 
_refine.ls_R_factor_R_work                       0.218 
_refine.ls_R_factor_R_free                       0.247 
_refine.ls_R_factor_R_free_error                 ? 
_refine.ls_R_factor_R_free_error_details         ? 
_refine.ls_percent_reflns_R_free                 5.0 
_refine.ls_number_reflns_R_free                  713 
_refine.ls_number_parameters                     ? 
_refine.ls_number_restraints                     ? 
_refine.occupancy_min                            ? 
_refine.occupancy_max                            ? 
_refine.correlation_coeff_Fo_to_Fc               ? 
_refine.correlation_coeff_Fo_to_Fc_free          ? 
_refine.B_iso_mean                               ? 
_refine.aniso_B[1][1]                            ? 
_refine.aniso_B[2][2]                            ? 
_refine.aniso_B[3][3]                            ? 
_refine.aniso_B[1][2]                            ? 
_refine.aniso_B[1][3]                            ? 
_refine.aniso_B[2][3]                            ? 
_refine.solvent_model_details                    'BABINET SCALING' 
_refine.solvent_model_param_ksol                 0.36 
_refine.solvent_model_param_bsol                 37 
_refine.pdbx_solvent_vdw_probe_radii             ? 
_refine.pdbx_solvent_ion_probe_radii             ? 
_refine.pdbx_solvent_shrinkage_radii             ? 
_refine.pdbx_ls_cross_valid_method               THROUGHOUT 
_refine.details                                  'MAXIMUM LIKELIHOOD BUSTER-TNT REFINEMENT' 
_refine.pdbx_starting_model                      ? 
_refine.pdbx_method_to_determine_struct          MAD 
_refine.pdbx_isotropic_thermal_model             'TNT BCORREL' 
_refine.pdbx_stereochemistry_target_values       'TNT CSDX_PROTGEO' 
_refine.pdbx_stereochem_target_val_spec_case     ? 
_refine.pdbx_R_Free_selection_details            RANDOM 
_refine.pdbx_overall_ESU_R                       ? 
_refine.pdbx_overall_ESU_R_Free                  ? 
_refine.overall_SU_ML                            ? 
_refine.pdbx_overall_phase_error                 ? 
_refine.overall_SU_B                             ? 
_refine.overall_SU_R_Cruickshank_DPI             ? 
_refine.pdbx_overall_SU_R_free_Cruickshank_DPI   ? 
_refine.pdbx_overall_SU_R_Blow_DPI               ? 
_refine.pdbx_overall_SU_R_free_Blow_DPI          ? 
# 
_refine_hist.pdbx_refine_id                   'X-RAY DIFFRACTION' 
_refine_hist.cycle_id                         LAST 
_refine_hist.pdbx_number_atoms_protein        1059 
_refine_hist.pdbx_number_atoms_nucleic_acid   0 
_refine_hist.pdbx_number_atoms_ligand         6 
_refine_hist.number_atoms_solvent             4 
_refine_hist.number_atoms_total               1069 
_refine_hist.d_res_high                       3.28 
_refine_hist.d_res_low                        30.0 
# 
loop_
_refine_ls_restr.type 
_refine_ls_restr.dev_ideal 
_refine_ls_restr.dev_ideal_target 
_refine_ls_restr.weight 
_refine_ls_restr.number 
_refine_ls_restr.pdbx_refine_id 
_refine_ls_restr.pdbx_restraint_function 
t_bond_d                  0.006 ? 2      1085 'X-RAY DIFFRACTION' ? 
t_angle_deg               0.667 ? 3      1475 'X-RAY DIFFRACTION' ? 
t_dihedral_angle_d        20.71 ? 0.00   636  'X-RAY DIFFRACTION' ? 
t_incorr_chiral_ct        ?     ? ?      0    'X-RAY DIFFRACTION' ? 
t_pseud_angle             ?     ? ?      ?    'X-RAY DIFFRACTION' ? 
t_trig_c_planes           0.007 ? 2      30   'X-RAY DIFFRACTION' ? 
t_gen_planes              0.013 ? 5      157  'X-RAY DIFFRACTION' ? 
t_it                      1.268 ? 20.000 1085 'X-RAY DIFFRACTION' ? 
t_nbd                     0.032 ? 5      42   'X-RAY DIFFRACTION' ? 
t_omega_torsion           ?     ? ?      ?    'X-RAY DIFFRACTION' ? 
t_other_torsion           ?     ? ?      ?    'X-RAY DIFFRACTION' ? 
t_improper_torsion        ?     ? ?      ?    'X-RAY DIFFRACTION' ? 
t_chiral_improper_torsion ?     ? ?      ?    'X-RAY DIFFRACTION' ? 
t_sum_occupancies         ?     ? ?      ?    'X-RAY DIFFRACTION' ? 
t_utility_distance        ?     ? ?      ?    'X-RAY DIFFRACTION' ? 
t_utility_angle           ?     ? ?      ?    'X-RAY DIFFRACTION' ? 
t_utility_torsion         ?     ? ?      ?    'X-RAY DIFFRACTION' ? 
t_ideal_dist_contact      ?     ? ?      ?    'X-RAY DIFFRACTION' ? 
# 
_pdbx_refine.pdbx_refine_id                              'X-RAY DIFFRACTION' 
_pdbx_refine.entry_id                                    1USZ 
_pdbx_refine.R_factor_all_no_cutoff                      0.220 
_pdbx_refine.R_factor_obs_no_cutoff                      0.218 
_pdbx_refine.free_R_factor_no_cutoff                     0.247 
_pdbx_refine.free_R_error_no_cutoff                      ? 
_pdbx_refine.free_R_val_test_set_size_perc_no_cutoff     5 
_pdbx_refine.free_R_val_test_set_ct_no_cutoff            713 
_pdbx_refine.R_factor_all_4sig_cutoff                    ? 
_pdbx_refine.R_factor_obs_4sig_cutoff                    ? 
_pdbx_refine.free_R_factor_4sig_cutoff                   ? 
_pdbx_refine.free_R_val_test_set_size_perc_4sig_cutoff   ? 
_pdbx_refine.free_R_val_test_set_ct_4sig_cutoff          ? 
_pdbx_refine.number_reflns_obs_4sig_cutoff               ? 
# 
_struct.entry_id                  1USZ 
_struct.title                     'SeMet AfaE-3 adhesin from Escherichia Coli' 
_struct.pdbx_model_details        ? 
_struct.pdbx_CASP_flag            ? 
_struct.pdbx_model_type_details   ? 
# 
_struct_keywords.entry_id        1USZ 
_struct_keywords.pdbx_keywords   ADHESIN 
_struct_keywords.text            'ADHESIN, AFAE-3, AFIMBRIAL ADHESIN, UPEC, DAEC' 
# 
loop_
_struct_asym.id 
_struct_asym.pdbx_blank_PDB_chainid_flag 
_struct_asym.pdbx_modified 
_struct_asym.entity_id 
_struct_asym.details 
A N N 1 ? 
B N N 2 ? 
C N N 3 ? 
D N N 4 ? 
# 
loop_
_struct_ref.id 
_struct_ref.db_name 
_struct_ref.db_code 
_struct_ref.entity_id 
_struct_ref.pdbx_seq_one_letter_code 
_struct_ref.pdbx_align_begin 
_struct_ref.pdbx_db_accession 
_struct_ref.pdbx_db_isoform 
1 PDB 1USZ       1 ? ? 1USZ   ? 
2 UNP FMA3_ECOLI 1 ? ? Q57254 ? 
# 
loop_
_struct_ref_seq.align_id 
_struct_ref_seq.ref_id 
_struct_ref_seq.pdbx_PDB_id_code 
_struct_ref_seq.pdbx_strand_id 
_struct_ref_seq.seq_align_beg 
_struct_ref_seq.pdbx_seq_align_beg_ins_code 
_struct_ref_seq.seq_align_end 
_struct_ref_seq.pdbx_seq_align_end_ins_code 
_struct_ref_seq.pdbx_db_accession 
_struct_ref_seq.db_align_beg 
_struct_ref_seq.pdbx_db_align_beg_ins_code 
_struct_ref_seq.db_align_end 
_struct_ref_seq.pdbx_db_align_end_ins_code 
_struct_ref_seq.pdbx_auth_seq_align_beg 
_struct_ref_seq.pdbx_auth_seq_align_end 
1 1 1USZ A 1  ? 9   ? 1USZ   -9 ? -1  ? -9 -1  
2 2 1USZ A 10 ? 149 ? Q57254 21 ? 160 ? 0  139 
# 
loop_
_struct_ref_seq_dif.align_id 
_struct_ref_seq_dif.pdbx_pdb_id_code 
_struct_ref_seq_dif.mon_id 
_struct_ref_seq_dif.pdbx_pdb_strand_id 
_struct_ref_seq_dif.seq_num 
_struct_ref_seq_dif.pdbx_pdb_ins_code 
_struct_ref_seq_dif.pdbx_seq_db_name 
_struct_ref_seq_dif.pdbx_seq_db_accession_code 
_struct_ref_seq_dif.db_mon_id 
_struct_ref_seq_dif.pdbx_seq_db_seq_num 
_struct_ref_seq_dif.details 
_struct_ref_seq_dif.pdbx_auth_seq_num 
_struct_ref_seq_dif.pdbx_ordinal 
1 1USZ GLY A 10 ? UNP Q57254 ALA 21 'engineered mutation' 0 1 
1 1USZ SER A 11 ? UNP Q57254 GLY 22 'engineered mutation' 1 2 
# 
_pdbx_struct_assembly.id                   1 
_pdbx_struct_assembly.details              author_and_software_defined_assembly 
_pdbx_struct_assembly.method_details       PQS 
_pdbx_struct_assembly.oligomeric_details   trimeric 
_pdbx_struct_assembly.oligomeric_count     3 
# 
_pdbx_struct_assembly_gen.assembly_id       1 
_pdbx_struct_assembly_gen.oper_expression   1,2,3 
_pdbx_struct_assembly_gen.asym_id_list      A,B,C,D 
# 
loop_
_pdbx_struct_oper_list.id 
_pdbx_struct_oper_list.type 
_pdbx_struct_oper_list.name 
_pdbx_struct_oper_list.symmetry_operation 
_pdbx_struct_oper_list.matrix[1][1] 
_pdbx_struct_oper_list.matrix[1][2] 
_pdbx_struct_oper_list.matrix[1][3] 
_pdbx_struct_oper_list.vector[1] 
_pdbx_struct_oper_list.matrix[2][1] 
_pdbx_struct_oper_list.matrix[2][2] 
_pdbx_struct_oper_list.matrix[2][3] 
_pdbx_struct_oper_list.vector[2] 
_pdbx_struct_oper_list.matrix[3][1] 
_pdbx_struct_oper_list.matrix[3][2] 
_pdbx_struct_oper_list.matrix[3][3] 
_pdbx_struct_oper_list.vector[3] 
1 'identity operation'         1_555 x,y,z 1.0000000000  0.0000000000  0.0000000000  0.0000000000   0.0000000000  1.0000000000 0.0000000000 0.0000000000  0.0000000000  0.0000000000 1.0000000000 0.0000000000   
2 'crystal symmetry operation' 5_555 z,x,y -0.4643596923 0.8230751416  -0.3269822433 -22.8461210478 -0.5505631123 0.0209186660 0.8345314067 20.3073468826 0.6937220881  0.5675471088 0.4434410263 -10.6492675866 
3 'crystal symmetry operation' 9_555 y,z,x -0.4643596923 -0.5505631123 0.6937220881  7.9592905086   0.8230751416  0.0209186660 0.5675471088 24.4232327392 -0.3269822433 0.8345314067 0.4434410263 -19.6950725218 
# 
_struct_biol.id        1 
_struct_biol.details   
;THE MONOMER SITS AROUND THE THREEFOLD AXIS                   
 AND FORMS ATRIMER WITH ITS THREEFOLD-RELATED                         
 COPIES; THE TRIMER ISLINKED INTERNALLY BY                            
 INTERMOLECULAR DISULPHIDE BONDS.
;
# 
_struct_conf.conf_type_id            HELX_P 
_struct_conf.id                      HELX_P1 
_struct_conf.pdbx_PDB_helix_id       1 
_struct_conf.beg_label_comp_id       GLY 
_struct_conf.beg_label_asym_id       A 
_struct_conf.beg_label_seq_id        43 
_struct_conf.pdbx_beg_PDB_ins_code   ? 
_struct_conf.end_label_comp_id       LEU 
_struct_conf.end_label_asym_id       A 
_struct_conf.end_label_seq_id        45 
_struct_conf.pdbx_end_PDB_ins_code   ? 
_struct_conf.beg_auth_comp_id        GLY 
_struct_conf.beg_auth_asym_id        A 
_struct_conf.beg_auth_seq_id         33 
_struct_conf.end_auth_comp_id        LEU 
_struct_conf.end_auth_asym_id        A 
_struct_conf.end_auth_seq_id         35 
_struct_conf.pdbx_PDB_helix_class    5 
_struct_conf.details                 ? 
_struct_conf.pdbx_PDB_helix_length   3 
# 
_struct_conf_type.id          HELX_P 
_struct_conf_type.criteria    ? 
_struct_conf_type.reference   ? 
# 
loop_
_struct_conn.id 
_struct_conn.conn_type_id 
_struct_conn.pdbx_leaving_atom_flag 
_struct_conn.pdbx_PDB_id 
_struct_conn.ptnr1_label_asym_id 
_struct_conn.ptnr1_label_comp_id 
_struct_conn.ptnr1_label_seq_id 
_struct_conn.ptnr1_label_atom_id 
_struct_conn.pdbx_ptnr1_label_alt_id 
_struct_conn.pdbx_ptnr1_PDB_ins_code 
_struct_conn.pdbx_ptnr1_standard_comp_id 
_struct_conn.ptnr1_symmetry 
_struct_conn.ptnr2_label_asym_id 
_struct_conn.ptnr2_label_comp_id 
_struct_conn.ptnr2_label_seq_id 
_struct_conn.ptnr2_label_atom_id 
_struct_conn.pdbx_ptnr2_label_alt_id 
_struct_conn.pdbx_ptnr2_PDB_ins_code 
_struct_conn.ptnr1_auth_asym_id 
_struct_conn.ptnr1_auth_comp_id 
_struct_conn.ptnr1_auth_seq_id 
_struct_conn.ptnr2_auth_asym_id 
_struct_conn.ptnr2_auth_comp_id 
_struct_conn.ptnr2_auth_seq_id 
_struct_conn.ptnr2_symmetry 
_struct_conn.pdbx_ptnr3_label_atom_id 
_struct_conn.pdbx_ptnr3_label_seq_id 
_struct_conn.pdbx_ptnr3_label_comp_id 
_struct_conn.pdbx_ptnr3_label_asym_id 
_struct_conn.pdbx_ptnr3_label_alt_id 
_struct_conn.pdbx_ptnr3_PDB_ins_code 
_struct_conn.details 
_struct_conn.pdbx_dist_value 
_struct_conn.pdbx_value_order 
_struct_conn.pdbx_role 
disulf1 disulf ?    ? A CYS 29 SG ? ? ? 1_555 A CYS 61 SG ? ? A CYS 19 A CYS 51 9_555 ? ? ? ? ? ? ? 2.031 ? ? 
covale1 covale both ? A PRO 97 C  ? ? ? 1_555 A MSE 98 N  ? ? A PRO 87 A MSE 88 1_555 ? ? ? ? ? ? ? 1.329 ? ? 
covale2 covale both ? A MSE 98 C  ? ? ? 1_555 A ASP 99 N  ? ? A MSE 88 A ASP 89 1_555 ? ? ? ? ? ? ? 1.326 ? ? 
# 
loop_
_struct_conn_type.id 
_struct_conn_type.criteria 
_struct_conn_type.reference 
disulf ? ? 
covale ? ? 
# 
loop_
_pdbx_modification_feature.ordinal 
_pdbx_modification_feature.label_comp_id 
_pdbx_modification_feature.label_asym_id 
_pdbx_modification_feature.label_seq_id 
_pdbx_modification_feature.label_alt_id 
_pdbx_modification_feature.modified_residue_label_comp_id 
_pdbx_modification_feature.modified_residue_label_asym_id 
_pdbx_modification_feature.modified_residue_label_seq_id 
_pdbx_modification_feature.modified_residue_label_alt_id 
_pdbx_modification_feature.auth_comp_id 
_pdbx_modification_feature.auth_asym_id 
_pdbx_modification_feature.auth_seq_id 
_pdbx_modification_feature.PDB_ins_code 
_pdbx_modification_feature.symmetry 
_pdbx_modification_feature.modified_residue_auth_comp_id 
_pdbx_modification_feature.modified_residue_auth_asym_id 
_pdbx_modification_feature.modified_residue_auth_seq_id 
_pdbx_modification_feature.modified_residue_PDB_ins_code 
_pdbx_modification_feature.modified_residue_symmetry 
_pdbx_modification_feature.comp_id_linking_atom 
_pdbx_modification_feature.modified_residue_id_linking_atom 
_pdbx_modification_feature.modified_residue_id 
_pdbx_modification_feature.ref_pcm_id 
_pdbx_modification_feature.ref_comp_id 
_pdbx_modification_feature.type 
_pdbx_modification_feature.category 
1 MSE A 98 ? .   . .  . MSE A 88 ? 1_555 .   . .  . .     .  .  MET 1 MSE Selenomethionine 'Named protein modification' 
2 CYS A 29 ? CYS A 61 ? CYS A 19 ? 1_555 CYS A 51 ? 9_555 SG SG .   . .   None             'Disulfide bridge'           
# 
loop_
_struct_sheet.id 
_struct_sheet.type 
_struct_sheet.number_strands 
_struct_sheet.details 
AA ? 6 ? 
AB ? 7 ? 
# 
loop_
_struct_sheet_order.sheet_id 
_struct_sheet_order.range_id_1 
_struct_sheet_order.range_id_2 
_struct_sheet_order.offset 
_struct_sheet_order.sense 
AA 1 2 ? parallel      
AA 2 3 ? anti-parallel 
AA 3 4 ? anti-parallel 
AA 4 5 ? anti-parallel 
AA 5 6 ? anti-parallel 
AB 1 2 ? parallel      
AB 2 3 ? anti-parallel 
AB 3 4 ? anti-parallel 
AB 4 5 ? anti-parallel 
AB 5 6 ? anti-parallel 
AB 6 7 ? anti-parallel 
# 
loop_
_struct_sheet_range.sheet_id 
_struct_sheet_range.id 
_struct_sheet_range.beg_label_comp_id 
_struct_sheet_range.beg_label_asym_id 
_struct_sheet_range.beg_label_seq_id 
_struct_sheet_range.pdbx_beg_PDB_ins_code 
_struct_sheet_range.end_label_comp_id 
_struct_sheet_range.end_label_asym_id 
_struct_sheet_range.end_label_seq_id 
_struct_sheet_range.pdbx_end_PDB_ins_code 
_struct_sheet_range.beg_auth_comp_id 
_struct_sheet_range.beg_auth_asym_id 
_struct_sheet_range.beg_auth_seq_id 
_struct_sheet_range.end_auth_comp_id 
_struct_sheet_range.end_auth_asym_id 
_struct_sheet_range.end_auth_seq_id 
AA 1 ALA A 39  ? THR A 41  ? ALA A 29  THR A 31  
AA 2 SER A 11  ? THR A 26  ? SER A 1   THR A 16  
AA 3 GLY A 136 ? ALA A 148 ? GLY A 126 ALA A 138 
AA 4 GLN A 65  ? ALA A 70  ? GLN A 55  ALA A 60  
AA 5 VAL A 109 ? LYS A 112 ? VAL A 99  LYS A 102 
AA 6 TRP A 103 ? ASP A 106 ? TRP A 93  ASP A 96  
AB 1 ALA A 39  ? THR A 41  ? ALA A 29  THR A 31  
AB 2 SER A 11  ? THR A 26  ? SER A 1   THR A 16  
AB 3 GLY A 136 ? ALA A 148 ? GLY A 126 ALA A 138 
AB 4 PHE A 80  ? SER A 84  ? PHE A 70  SER A 74  
AB 5 LYS A 90  ? PRO A 97  ? LYS A 80  PRO A 87  
AB 6 GLY A 119 ? VAL A 126 ? GLY A 109 VAL A 116 
AB 7 PRO A 50  ? GLN A 57  ? PRO A 40  GLN A 47  
# 
loop_
_pdbx_struct_sheet_hbond.sheet_id 
_pdbx_struct_sheet_hbond.range_id_1 
_pdbx_struct_sheet_hbond.range_id_2 
_pdbx_struct_sheet_hbond.range_1_label_atom_id 
_pdbx_struct_sheet_hbond.range_1_label_comp_id 
_pdbx_struct_sheet_hbond.range_1_label_asym_id 
_pdbx_struct_sheet_hbond.range_1_label_seq_id 
_pdbx_struct_sheet_hbond.range_1_PDB_ins_code 
_pdbx_struct_sheet_hbond.range_1_auth_atom_id 
_pdbx_struct_sheet_hbond.range_1_auth_comp_id 
_pdbx_struct_sheet_hbond.range_1_auth_asym_id 
_pdbx_struct_sheet_hbond.range_1_auth_seq_id 
_pdbx_struct_sheet_hbond.range_2_label_atom_id 
_pdbx_struct_sheet_hbond.range_2_label_comp_id 
_pdbx_struct_sheet_hbond.range_2_label_asym_id 
_pdbx_struct_sheet_hbond.range_2_label_seq_id 
_pdbx_struct_sheet_hbond.range_2_PDB_ins_code 
_pdbx_struct_sheet_hbond.range_2_auth_atom_id 
_pdbx_struct_sheet_hbond.range_2_auth_comp_id 
_pdbx_struct_sheet_hbond.range_2_auth_asym_id 
_pdbx_struct_sheet_hbond.range_2_auth_seq_id 
AA 1 2 N LYS A 40  ? N LYS A 30  O THR A 24  ? O THR A 14  
AA 2 3 N VAL A 25  ? N VAL A 15  O GLY A 136 ? O GLY A 126 
AA 3 4 N TRP A 147 ? N TRP A 137 O GLN A 65  ? O GLN A 55  
AA 4 5 N LEU A 68  ? N LEU A 58  O PHE A 110 ? O PHE A 100 
AA 5 6 N TYR A 111 ? N TYR A 101 O THR A 104 ? O THR A 94  
AB 1 2 N LYS A 40  ? N LYS A 30  O THR A 24  ? O THR A 14  
AB 2 3 N VAL A 25  ? N VAL A 15  O GLY A 136 ? O GLY A 126 
AB 3 4 N THR A 139 ? N THR A 129 O ILE A 83  ? O ILE A 73  
AB 4 5 N LEU A 82  ? N LEU A 72  O LEU A 91  ? O LEU A 81  
AB 5 6 N ARG A 96  ? N ARG A 86  O GLY A 123 ? O GLY A 113 
AB 6 7 O ILE A 124 ? O ILE A 114 N ILE A 51  ? N ILE A 41  
# 
loop_
_struct_site.id 
_struct_site.pdbx_evidence_code 
_struct_site.pdbx_auth_asym_id 
_struct_site.pdbx_auth_comp_id 
_struct_site.pdbx_auth_seq_id 
_struct_site.pdbx_auth_ins_code 
_struct_site.pdbx_num_residues 
_struct_site.details 
AC1 Software ? ? ? ? 2 'BINDING SITE FOR RESIDUE SO4 A1140' 
AC2 Software ? ? ? ? 1 'BINDING SITE FOR RESIDUE CL A1141'  
# 
loop_
_struct_site_gen.id 
_struct_site_gen.site_id 
_struct_site_gen.pdbx_num_res 
_struct_site_gen.label_comp_id 
_struct_site_gen.label_asym_id 
_struct_site_gen.label_seq_id 
_struct_site_gen.pdbx_auth_ins_code 
_struct_site_gen.auth_comp_id 
_struct_site_gen.auth_asym_id 
_struct_site_gen.auth_seq_id 
_struct_site_gen.label_atom_id 
_struct_site_gen.label_alt_id 
_struct_site_gen.symmetry 
_struct_site_gen.details 
1 AC1 2 THR A 20 ? THR A 10 . ? 1_555 ? 
2 AC1 2 ASP A 35 ? ASP A 25 . ? 1_555 ? 
3 AC2 1 GLY A 52 ? GLY A 42 . ? 1_555 ? 
# 
_pdbx_entry_details.entry_id                   1USZ 
_pdbx_entry_details.compound_details           
;ENGINEERED MUTATION IN CHAIN A GLY 21 TO ALA 21
ENGINEERED MUTATION IN CHAIN A SER 22 TO GLY 22
;
_pdbx_entry_details.source_details             ? 
_pdbx_entry_details.nonpolymer_details         ? 
_pdbx_entry_details.sequence_details           'MUTATIONS A0G, G1S' 
_pdbx_entry_details.has_ligand_of_interest     ? 
_pdbx_entry_details.has_protein_modification   Y 
# 
_pdbx_validate_rmsd_angle.id                         1 
_pdbx_validate_rmsd_angle.PDB_model_num              1 
_pdbx_validate_rmsd_angle.auth_atom_id_1             C 
_pdbx_validate_rmsd_angle.auth_asym_id_1             A 
_pdbx_validate_rmsd_angle.auth_comp_id_1             GLY 
_pdbx_validate_rmsd_angle.auth_seq_id_1              42 
_pdbx_validate_rmsd_angle.PDB_ins_code_1             ? 
_pdbx_validate_rmsd_angle.label_alt_id_1             ? 
_pdbx_validate_rmsd_angle.auth_atom_id_2             N 
_pdbx_validate_rmsd_angle.auth_asym_id_2             A 
_pdbx_validate_rmsd_angle.auth_comp_id_2             PRO 
_pdbx_validate_rmsd_angle.auth_seq_id_2              43 
_pdbx_validate_rmsd_angle.PDB_ins_code_2             ? 
_pdbx_validate_rmsd_angle.label_alt_id_2             ? 
_pdbx_validate_rmsd_angle.auth_atom_id_3             CD 
_pdbx_validate_rmsd_angle.auth_asym_id_3             A 
_pdbx_validate_rmsd_angle.auth_comp_id_3             PRO 
_pdbx_validate_rmsd_angle.auth_seq_id_3              43 
_pdbx_validate_rmsd_angle.PDB_ins_code_3             ? 
_pdbx_validate_rmsd_angle.label_alt_id_3             ? 
_pdbx_validate_rmsd_angle.angle_value                96.21 
_pdbx_validate_rmsd_angle.angle_target_value         128.40 
_pdbx_validate_rmsd_angle.angle_deviation            -32.19 
_pdbx_validate_rmsd_angle.angle_standard_deviation   2.10 
_pdbx_validate_rmsd_angle.linker_flag                Y 
# 
loop_
_pdbx_validate_torsion.id 
_pdbx_validate_torsion.PDB_model_num 
_pdbx_validate_torsion.auth_comp_id 
_pdbx_validate_torsion.auth_asym_id 
_pdbx_validate_torsion.auth_seq_id 
_pdbx_validate_torsion.PDB_ins_code 
_pdbx_validate_torsion.label_alt_id 
_pdbx_validate_torsion.phi 
_pdbx_validate_torsion.psi 
1 1 SER A 5   ? ? -169.83 79.67   
2 1 ILE A 41  ? ? -97.05  -123.16 
3 1 ARG A 78  ? ? -126.07 -70.26  
4 1 SER A 91  ? ? -33.57  145.44  
5 1 VAL A 105 ? ? -58.83  -175.67 
6 1 THR A 121 ? ? -67.32  3.01    
# 
_pdbx_struct_mod_residue.id               1 
_pdbx_struct_mod_residue.label_asym_id    A 
_pdbx_struct_mod_residue.label_comp_id    MSE 
_pdbx_struct_mod_residue.label_seq_id     98 
_pdbx_struct_mod_residue.auth_asym_id     A 
_pdbx_struct_mod_residue.auth_comp_id     MSE 
_pdbx_struct_mod_residue.auth_seq_id      88 
_pdbx_struct_mod_residue.PDB_ins_code     ? 
_pdbx_struct_mod_residue.parent_comp_id   MET 
_pdbx_struct_mod_residue.details          SELENOMETHIONINE 
# 
_pdbx_database_remark.id     700 
_pdbx_database_remark.text   
;
SHEET
THE SHEET STRUCTURE OF THIS MOLECULE IS BIFURCATED. IN
ORDER TO REPRESENT THIS FEATURE IN THE SHEET RECORDS BELOW,
TWO SHEETS ARE DEFINED.
;
# 
loop_
_pdbx_unobs_or_zero_occ_residues.id 
_pdbx_unobs_or_zero_occ_residues.PDB_model_num 
_pdbx_unobs_or_zero_occ_residues.polymer_flag 
_pdbx_unobs_or_zero_occ_residues.occupancy_flag 
_pdbx_unobs_or_zero_occ_residues.auth_asym_id 
_pdbx_unobs_or_zero_occ_residues.auth_comp_id 
_pdbx_unobs_or_zero_occ_residues.auth_seq_id 
_pdbx_unobs_or_zero_occ_residues.PDB_ins_code 
_pdbx_unobs_or_zero_occ_residues.label_asym_id 
_pdbx_unobs_or_zero_occ_residues.label_comp_id 
_pdbx_unobs_or_zero_occ_residues.label_seq_id 
1 1 Y 1 A ARG -9 ? A ARG 1 
2 1 Y 1 A GLY -8 ? A GLY 2 
3 1 Y 1 A SER -7 ? A SER 3 
4 1 Y 1 A HIS -6 ? A HIS 4 
5 1 Y 1 A HIS -5 ? A HIS 5 
6 1 Y 1 A HIS -4 ? A HIS 6 
7 1 Y 1 A HIS -3 ? A HIS 7 
8 1 Y 1 A HIS -2 ? A HIS 8 
9 1 Y 1 A HIS -1 ? A HIS 9 
# 
loop_
_chem_comp_atom.comp_id 
_chem_comp_atom.atom_id 
_chem_comp_atom.type_symbol 
_chem_comp_atom.pdbx_aromatic_flag 
_chem_comp_atom.pdbx_stereo_config 
_chem_comp_atom.pdbx_ordinal 
ALA N    N  N N 1   
ALA CA   C  N S 2   
ALA C    C  N N 3   
ALA O    O  N N 4   
ALA CB   C  N N 5   
ALA OXT  O  N N 6   
ALA H    H  N N 7   
ALA H2   H  N N 8   
ALA HA   H  N N 9   
ALA HB1  H  N N 10  
ALA HB2  H  N N 11  
ALA HB3  H  N N 12  
ALA HXT  H  N N 13  
ARG N    N  N N 14  
ARG CA   C  N S 15  
ARG C    C  N N 16  
ARG O    O  N N 17  
ARG CB   C  N N 18  
ARG CG   C  N N 19  
ARG CD   C  N N 20  
ARG NE   N  N N 21  
ARG CZ   C  N N 22  
ARG NH1  N  N N 23  
ARG NH2  N  N N 24  
ARG OXT  O  N N 25  
ARG H    H  N N 26  
ARG H2   H  N N 27  
ARG HA   H  N N 28  
ARG HB2  H  N N 29  
ARG HB3  H  N N 30  
ARG HG2  H  N N 31  
ARG HG3  H  N N 32  
ARG HD2  H  N N 33  
ARG HD3  H  N N 34  
ARG HE   H  N N 35  
ARG HH11 H  N N 36  
ARG HH12 H  N N 37  
ARG HH21 H  N N 38  
ARG HH22 H  N N 39  
ARG HXT  H  N N 40  
ASN N    N  N N 41  
ASN CA   C  N S 42  
ASN C    C  N N 43  
ASN O    O  N N 44  
ASN CB   C  N N 45  
ASN CG   C  N N 46  
ASN OD1  O  N N 47  
ASN ND2  N  N N 48  
ASN OXT  O  N N 49  
ASN H    H  N N 50  
ASN H2   H  N N 51  
ASN HA   H  N N 52  
ASN HB2  H  N N 53  
ASN HB3  H  N N 54  
ASN HD21 H  N N 55  
ASN HD22 H  N N 56  
ASN HXT  H  N N 57  
ASP N    N  N N 58  
ASP CA   C  N S 59  
ASP C    C  N N 60  
ASP O    O  N N 61  
ASP CB   C  N N 62  
ASP CG   C  N N 63  
ASP OD1  O  N N 64  
ASP OD2  O  N N 65  
ASP OXT  O  N N 66  
ASP H    H  N N 67  
ASP H2   H  N N 68  
ASP HA   H  N N 69  
ASP HB2  H  N N 70  
ASP HB3  H  N N 71  
ASP HD2  H  N N 72  
ASP HXT  H  N N 73  
CL  CL   CL N N 74  
CYS N    N  N N 75  
CYS CA   C  N R 76  
CYS C    C  N N 77  
CYS O    O  N N 78  
CYS CB   C  N N 79  
CYS SG   S  N N 80  
CYS OXT  O  N N 81  
CYS H    H  N N 82  
CYS H2   H  N N 83  
CYS HA   H  N N 84  
CYS HB2  H  N N 85  
CYS HB3  H  N N 86  
CYS HG   H  N N 87  
CYS HXT  H  N N 88  
GLN N    N  N N 89  
GLN CA   C  N S 90  
GLN C    C  N N 91  
GLN O    O  N N 92  
GLN CB   C  N N 93  
GLN CG   C  N N 94  
GLN CD   C  N N 95  
GLN OE1  O  N N 96  
GLN NE2  N  N N 97  
GLN OXT  O  N N 98  
GLN H    H  N N 99  
GLN H2   H  N N 100 
GLN HA   H  N N 101 
GLN HB2  H  N N 102 
GLN HB3  H  N N 103 
GLN HG2  H  N N 104 
GLN HG3  H  N N 105 
GLN HE21 H  N N 106 
GLN HE22 H  N N 107 
GLN HXT  H  N N 108 
GLU N    N  N N 109 
GLU CA   C  N S 110 
GLU C    C  N N 111 
GLU O    O  N N 112 
GLU CB   C  N N 113 
GLU CG   C  N N 114 
GLU CD   C  N N 115 
GLU OE1  O  N N 116 
GLU OE2  O  N N 117 
GLU OXT  O  N N 118 
GLU H    H  N N 119 
GLU H2   H  N N 120 
GLU HA   H  N N 121 
GLU HB2  H  N N 122 
GLU HB3  H  N N 123 
GLU HG2  H  N N 124 
GLU HG3  H  N N 125 
GLU HE2  H  N N 126 
GLU HXT  H  N N 127 
GLY N    N  N N 128 
GLY CA   C  N N 129 
GLY C    C  N N 130 
GLY O    O  N N 131 
GLY OXT  O  N N 132 
GLY H    H  N N 133 
GLY H2   H  N N 134 
GLY HA2  H  N N 135 
GLY HA3  H  N N 136 
GLY HXT  H  N N 137 
HIS N    N  N N 138 
HIS CA   C  N S 139 
HIS C    C  N N 140 
HIS O    O  N N 141 
HIS CB   C  N N 142 
HIS CG   C  Y N 143 
HIS ND1  N  Y N 144 
HIS CD2  C  Y N 145 
HIS CE1  C  Y N 146 
HIS NE2  N  Y N 147 
HIS OXT  O  N N 148 
HIS H    H  N N 149 
HIS H2   H  N N 150 
HIS HA   H  N N 151 
HIS HB2  H  N N 152 
HIS HB3  H  N N 153 
HIS HD1  H  N N 154 
HIS HD2  H  N N 155 
HIS HE1  H  N N 156 
HIS HE2  H  N N 157 
HIS HXT  H  N N 158 
HOH O    O  N N 159 
HOH H1   H  N N 160 
HOH H2   H  N N 161 
ILE N    N  N N 162 
ILE CA   C  N S 163 
ILE C    C  N N 164 
ILE O    O  N N 165 
ILE CB   C  N S 166 
ILE CG1  C  N N 167 
ILE CG2  C  N N 168 
ILE CD1  C  N N 169 
ILE OXT  O  N N 170 
ILE H    H  N N 171 
ILE H2   H  N N 172 
ILE HA   H  N N 173 
ILE HB   H  N N 174 
ILE HG12 H  N N 175 
ILE HG13 H  N N 176 
ILE HG21 H  N N 177 
ILE HG22 H  N N 178 
ILE HG23 H  N N 179 
ILE HD11 H  N N 180 
ILE HD12 H  N N 181 
ILE HD13 H  N N 182 
ILE HXT  H  N N 183 
LEU N    N  N N 184 
LEU CA   C  N S 185 
LEU C    C  N N 186 
LEU O    O  N N 187 
LEU CB   C  N N 188 
LEU CG   C  N N 189 
LEU CD1  C  N N 190 
LEU CD2  C  N N 191 
LEU OXT  O  N N 192 
LEU H    H  N N 193 
LEU H2   H  N N 194 
LEU HA   H  N N 195 
LEU HB2  H  N N 196 
LEU HB3  H  N N 197 
LEU HG   H  N N 198 
LEU HD11 H  N N 199 
LEU HD12 H  N N 200 
LEU HD13 H  N N 201 
LEU HD21 H  N N 202 
LEU HD22 H  N N 203 
LEU HD23 H  N N 204 
LEU HXT  H  N N 205 
LYS N    N  N N 206 
LYS CA   C  N S 207 
LYS C    C  N N 208 
LYS O    O  N N 209 
LYS CB   C  N N 210 
LYS CG   C  N N 211 
LYS CD   C  N N 212 
LYS CE   C  N N 213 
LYS NZ   N  N N 214 
LYS OXT  O  N N 215 
LYS H    H  N N 216 
LYS H2   H  N N 217 
LYS HA   H  N N 218 
LYS HB2  H  N N 219 
LYS HB3  H  N N 220 
LYS HG2  H  N N 221 
LYS HG3  H  N N 222 
LYS HD2  H  N N 223 
LYS HD3  H  N N 224 
LYS HE2  H  N N 225 
LYS HE3  H  N N 226 
LYS HZ1  H  N N 227 
LYS HZ2  H  N N 228 
LYS HZ3  H  N N 229 
LYS HXT  H  N N 230 
MSE N    N  N N 231 
MSE CA   C  N S 232 
MSE C    C  N N 233 
MSE O    O  N N 234 
MSE OXT  O  N N 235 
MSE CB   C  N N 236 
MSE CG   C  N N 237 
MSE SE   SE N N 238 
MSE CE   C  N N 239 
MSE H    H  N N 240 
MSE H2   H  N N 241 
MSE HA   H  N N 242 
MSE HXT  H  N N 243 
MSE HB2  H  N N 244 
MSE HB3  H  N N 245 
MSE HG2  H  N N 246 
MSE HG3  H  N N 247 
MSE HE1  H  N N 248 
MSE HE2  H  N N 249 
MSE HE3  H  N N 250 
PHE N    N  N N 251 
PHE CA   C  N S 252 
PHE C    C  N N 253 
PHE O    O  N N 254 
PHE CB   C  N N 255 
PHE CG   C  Y N 256 
PHE CD1  C  Y N 257 
PHE CD2  C  Y N 258 
PHE CE1  C  Y N 259 
PHE CE2  C  Y N 260 
PHE CZ   C  Y N 261 
PHE OXT  O  N N 262 
PHE H    H  N N 263 
PHE H2   H  N N 264 
PHE HA   H  N N 265 
PHE HB2  H  N N 266 
PHE HB3  H  N N 267 
PHE HD1  H  N N 268 
PHE HD2  H  N N 269 
PHE HE1  H  N N 270 
PHE HE2  H  N N 271 
PHE HZ   H  N N 272 
PHE HXT  H  N N 273 
PRO N    N  N N 274 
PRO CA   C  N S 275 
PRO C    C  N N 276 
PRO O    O  N N 277 
PRO CB   C  N N 278 
PRO CG   C  N N 279 
PRO CD   C  N N 280 
PRO OXT  O  N N 281 
PRO H    H  N N 282 
PRO HA   H  N N 283 
PRO HB2  H  N N 284 
PRO HB3  H  N N 285 
PRO HG2  H  N N 286 
PRO HG3  H  N N 287 
PRO HD2  H  N N 288 
PRO HD3  H  N N 289 
PRO HXT  H  N N 290 
SER N    N  N N 291 
SER CA   C  N S 292 
SER C    C  N N 293 
SER O    O  N N 294 
SER CB   C  N N 295 
SER OG   O  N N 296 
SER OXT  O  N N 297 
SER H    H  N N 298 
SER H2   H  N N 299 
SER HA   H  N N 300 
SER HB2  H  N N 301 
SER HB3  H  N N 302 
SER HG   H  N N 303 
SER HXT  H  N N 304 
SO4 S    S  N N 305 
SO4 O1   O  N N 306 
SO4 O2   O  N N 307 
SO4 O3   O  N N 308 
SO4 O4   O  N N 309 
THR N    N  N N 310 
THR CA   C  N S 311 
THR C    C  N N 312 
THR O    O  N N 313 
THR CB   C  N R 314 
THR OG1  O  N N 315 
THR CG2  C  N N 316 
THR OXT  O  N N 317 
THR H    H  N N 318 
THR H2   H  N N 319 
THR HA   H  N N 320 
THR HB   H  N N 321 
THR HG1  H  N N 322 
THR HG21 H  N N 323 
THR HG22 H  N N 324 
THR HG23 H  N N 325 
THR HXT  H  N N 326 
TRP N    N  N N 327 
TRP CA   C  N S 328 
TRP C    C  N N 329 
TRP O    O  N N 330 
TRP CB   C  N N 331 
TRP CG   C  Y N 332 
TRP CD1  C  Y N 333 
TRP CD2  C  Y N 334 
TRP NE1  N  Y N 335 
TRP CE2  C  Y N 336 
TRP CE3  C  Y N 337 
TRP CZ2  C  Y N 338 
TRP CZ3  C  Y N 339 
TRP CH2  C  Y N 340 
TRP OXT  O  N N 341 
TRP H    H  N N 342 
TRP H2   H  N N 343 
TRP HA   H  N N 344 
TRP HB2  H  N N 345 
TRP HB3  H  N N 346 
TRP HD1  H  N N 347 
TRP HE1  H  N N 348 
TRP HE3  H  N N 349 
TRP HZ2  H  N N 350 
TRP HZ3  H  N N 351 
TRP HH2  H  N N 352 
TRP HXT  H  N N 353 
TYR N    N  N N 354 
TYR CA   C  N S 355 
TYR C    C  N N 356 
TYR O    O  N N 357 
TYR CB   C  N N 358 
TYR CG   C  Y N 359 
TYR CD1  C  Y N 360 
TYR CD2  C  Y N 361 
TYR CE1  C  Y N 362 
TYR CE2  C  Y N 363 
TYR CZ   C  Y N 364 
TYR OH   O  N N 365 
TYR OXT  O  N N 366 
TYR H    H  N N 367 
TYR H2   H  N N 368 
TYR HA   H  N N 369 
TYR HB2  H  N N 370 
TYR HB3  H  N N 371 
TYR HD1  H  N N 372 
TYR HD2  H  N N 373 
TYR HE1  H  N N 374 
TYR HE2  H  N N 375 
TYR HH   H  N N 376 
TYR HXT  H  N N 377 
VAL N    N  N N 378 
VAL CA   C  N S 379 
VAL C    C  N N 380 
VAL O    O  N N 381 
VAL CB   C  N N 382 
VAL CG1  C  N N 383 
VAL CG2  C  N N 384 
VAL OXT  O  N N 385 
VAL H    H  N N 386 
VAL H2   H  N N 387 
VAL HA   H  N N 388 
VAL HB   H  N N 389 
VAL HG11 H  N N 390 
VAL HG12 H  N N 391 
VAL HG13 H  N N 392 
VAL HG21 H  N N 393 
VAL HG22 H  N N 394 
VAL HG23 H  N N 395 
VAL HXT  H  N N 396 
# 
loop_
_chem_comp_bond.comp_id 
_chem_comp_bond.atom_id_1 
_chem_comp_bond.atom_id_2 
_chem_comp_bond.value_order 
_chem_comp_bond.pdbx_aromatic_flag 
_chem_comp_bond.pdbx_stereo_config 
_chem_comp_bond.pdbx_ordinal 
ALA N   CA   sing N N 1   
ALA N   H    sing N N 2   
ALA N   H2   sing N N 3   
ALA CA  C    sing N N 4   
ALA CA  CB   sing N N 5   
ALA CA  HA   sing N N 6   
ALA C   O    doub N N 7   
ALA C   OXT  sing N N 8   
ALA CB  HB1  sing N N 9   
ALA CB  HB2  sing N N 10  
ALA CB  HB3  sing N N 11  
ALA OXT HXT  sing N N 12  
ARG N   CA   sing N N 13  
ARG N   H    sing N N 14  
ARG N   H2   sing N N 15  
ARG CA  C    sing N N 16  
ARG CA  CB   sing N N 17  
ARG CA  HA   sing N N 18  
ARG C   O    doub N N 19  
ARG C   OXT  sing N N 20  
ARG CB  CG   sing N N 21  
ARG CB  HB2  sing N N 22  
ARG CB  HB3  sing N N 23  
ARG CG  CD   sing N N 24  
ARG CG  HG2  sing N N 25  
ARG CG  HG3  sing N N 26  
ARG CD  NE   sing N N 27  
ARG CD  HD2  sing N N 28  
ARG CD  HD3  sing N N 29  
ARG NE  CZ   sing N N 30  
ARG NE  HE   sing N N 31  
ARG CZ  NH1  sing N N 32  
ARG CZ  NH2  doub N N 33  
ARG NH1 HH11 sing N N 34  
ARG NH1 HH12 sing N N 35  
ARG NH2 HH21 sing N N 36  
ARG NH2 HH22 sing N N 37  
ARG OXT HXT  sing N N 38  
ASN N   CA   sing N N 39  
ASN N   H    sing N N 40  
ASN N   H2   sing N N 41  
ASN CA  C    sing N N 42  
ASN CA  CB   sing N N 43  
ASN CA  HA   sing N N 44  
ASN C   O    doub N N 45  
ASN C   OXT  sing N N 46  
ASN CB  CG   sing N N 47  
ASN CB  HB2  sing N N 48  
ASN CB  HB3  sing N N 49  
ASN CG  OD1  doub N N 50  
ASN CG  ND2  sing N N 51  
ASN ND2 HD21 sing N N 52  
ASN ND2 HD22 sing N N 53  
ASN OXT HXT  sing N N 54  
ASP N   CA   sing N N 55  
ASP N   H    sing N N 56  
ASP N   H2   sing N N 57  
ASP CA  C    sing N N 58  
ASP CA  CB   sing N N 59  
ASP CA  HA   sing N N 60  
ASP C   O    doub N N 61  
ASP C   OXT  sing N N 62  
ASP CB  CG   sing N N 63  
ASP CB  HB2  sing N N 64  
ASP CB  HB3  sing N N 65  
ASP CG  OD1  doub N N 66  
ASP CG  OD2  sing N N 67  
ASP OD2 HD2  sing N N 68  
ASP OXT HXT  sing N N 69  
CYS N   CA   sing N N 70  
CYS N   H    sing N N 71  
CYS N   H2   sing N N 72  
CYS CA  C    sing N N 73  
CYS CA  CB   sing N N 74  
CYS CA  HA   sing N N 75  
CYS C   O    doub N N 76  
CYS C   OXT  sing N N 77  
CYS CB  SG   sing N N 78  
CYS CB  HB2  sing N N 79  
CYS CB  HB3  sing N N 80  
CYS SG  HG   sing N N 81  
CYS OXT HXT  sing N N 82  
GLN N   CA   sing N N 83  
GLN N   H    sing N N 84  
GLN N   H2   sing N N 85  
GLN CA  C    sing N N 86  
GLN CA  CB   sing N N 87  
GLN CA  HA   sing N N 88  
GLN C   O    doub N N 89  
GLN C   OXT  sing N N 90  
GLN CB  CG   sing N N 91  
GLN CB  HB2  sing N N 92  
GLN CB  HB3  sing N N 93  
GLN CG  CD   sing N N 94  
GLN CG  HG2  sing N N 95  
GLN CG  HG3  sing N N 96  
GLN CD  OE1  doub N N 97  
GLN CD  NE2  sing N N 98  
GLN NE2 HE21 sing N N 99  
GLN NE2 HE22 sing N N 100 
GLN OXT HXT  sing N N 101 
GLU N   CA   sing N N 102 
GLU N   H    sing N N 103 
GLU N   H2   sing N N 104 
GLU CA  C    sing N N 105 
GLU CA  CB   sing N N 106 
GLU CA  HA   sing N N 107 
GLU C   O    doub N N 108 
GLU C   OXT  sing N N 109 
GLU CB  CG   sing N N 110 
GLU CB  HB2  sing N N 111 
GLU CB  HB3  sing N N 112 
GLU CG  CD   sing N N 113 
GLU CG  HG2  sing N N 114 
GLU CG  HG3  sing N N 115 
GLU CD  OE1  doub N N 116 
GLU CD  OE2  sing N N 117 
GLU OE2 HE2  sing N N 118 
GLU OXT HXT  sing N N 119 
GLY N   CA   sing N N 120 
GLY N   H    sing N N 121 
GLY N   H2   sing N N 122 
GLY CA  C    sing N N 123 
GLY CA  HA2  sing N N 124 
GLY CA  HA3  sing N N 125 
GLY C   O    doub N N 126 
GLY C   OXT  sing N N 127 
GLY OXT HXT  sing N N 128 
HIS N   CA   sing N N 129 
HIS N   H    sing N N 130 
HIS N   H2   sing N N 131 
HIS CA  C    sing N N 132 
HIS CA  CB   sing N N 133 
HIS CA  HA   sing N N 134 
HIS C   O    doub N N 135 
HIS C   OXT  sing N N 136 
HIS CB  CG   sing N N 137 
HIS CB  HB2  sing N N 138 
HIS CB  HB3  sing N N 139 
HIS CG  ND1  sing Y N 140 
HIS CG  CD2  doub Y N 141 
HIS ND1 CE1  doub Y N 142 
HIS ND1 HD1  sing N N 143 
HIS CD2 NE2  sing Y N 144 
HIS CD2 HD2  sing N N 145 
HIS CE1 NE2  sing Y N 146 
HIS CE1 HE1  sing N N 147 
HIS NE2 HE2  sing N N 148 
HIS OXT HXT  sing N N 149 
HOH O   H1   sing N N 150 
HOH O   H2   sing N N 151 
ILE N   CA   sing N N 152 
ILE N   H    sing N N 153 
ILE N   H2   sing N N 154 
ILE CA  C    sing N N 155 
ILE CA  CB   sing N N 156 
ILE CA  HA   sing N N 157 
ILE C   O    doub N N 158 
ILE C   OXT  sing N N 159 
ILE CB  CG1  sing N N 160 
ILE CB  CG2  sing N N 161 
ILE CB  HB   sing N N 162 
ILE CG1 CD1  sing N N 163 
ILE CG1 HG12 sing N N 164 
ILE CG1 HG13 sing N N 165 
ILE CG2 HG21 sing N N 166 
ILE CG2 HG22 sing N N 167 
ILE CG2 HG23 sing N N 168 
ILE CD1 HD11 sing N N 169 
ILE CD1 HD12 sing N N 170 
ILE CD1 HD13 sing N N 171 
ILE OXT HXT  sing N N 172 
LEU N   CA   sing N N 173 
LEU N   H    sing N N 174 
LEU N   H2   sing N N 175 
LEU CA  C    sing N N 176 
LEU CA  CB   sing N N 177 
LEU CA  HA   sing N N 178 
LEU C   O    doub N N 179 
LEU C   OXT  sing N N 180 
LEU CB  CG   sing N N 181 
LEU CB  HB2  sing N N 182 
LEU CB  HB3  sing N N 183 
LEU CG  CD1  sing N N 184 
LEU CG  CD2  sing N N 185 
LEU CG  HG   sing N N 186 
LEU CD1 HD11 sing N N 187 
LEU CD1 HD12 sing N N 188 
LEU CD1 HD13 sing N N 189 
LEU CD2 HD21 sing N N 190 
LEU CD2 HD22 sing N N 191 
LEU CD2 HD23 sing N N 192 
LEU OXT HXT  sing N N 193 
LYS N   CA   sing N N 194 
LYS N   H    sing N N 195 
LYS N   H2   sing N N 196 
LYS CA  C    sing N N 197 
LYS CA  CB   sing N N 198 
LYS CA  HA   sing N N 199 
LYS C   O    doub N N 200 
LYS C   OXT  sing N N 201 
LYS CB  CG   sing N N 202 
LYS CB  HB2  sing N N 203 
LYS CB  HB3  sing N N 204 
LYS CG  CD   sing N N 205 
LYS CG  HG2  sing N N 206 
LYS CG  HG3  sing N N 207 
LYS CD  CE   sing N N 208 
LYS CD  HD2  sing N N 209 
LYS CD  HD3  sing N N 210 
LYS CE  NZ   sing N N 211 
LYS CE  HE2  sing N N 212 
LYS CE  HE3  sing N N 213 
LYS NZ  HZ1  sing N N 214 
LYS NZ  HZ2  sing N N 215 
LYS NZ  HZ3  sing N N 216 
LYS OXT HXT  sing N N 217 
MSE N   CA   sing N N 218 
MSE N   H    sing N N 219 
MSE N   H2   sing N N 220 
MSE CA  C    sing N N 221 
MSE CA  CB   sing N N 222 
MSE CA  HA   sing N N 223 
MSE C   O    doub N N 224 
MSE C   OXT  sing N N 225 
MSE OXT HXT  sing N N 226 
MSE CB  CG   sing N N 227 
MSE CB  HB2  sing N N 228 
MSE CB  HB3  sing N N 229 
MSE CG  SE   sing N N 230 
MSE CG  HG2  sing N N 231 
MSE CG  HG3  sing N N 232 
MSE SE  CE   sing N N 233 
MSE CE  HE1  sing N N 234 
MSE CE  HE2  sing N N 235 
MSE CE  HE3  sing N N 236 
PHE N   CA   sing N N 237 
PHE N   H    sing N N 238 
PHE N   H2   sing N N 239 
PHE CA  C    sing N N 240 
PHE CA  CB   sing N N 241 
PHE CA  HA   sing N N 242 
PHE C   O    doub N N 243 
PHE C   OXT  sing N N 244 
PHE CB  CG   sing N N 245 
PHE CB  HB2  sing N N 246 
PHE CB  HB3  sing N N 247 
PHE CG  CD1  doub Y N 248 
PHE CG  CD2  sing Y N 249 
PHE CD1 CE1  sing Y N 250 
PHE CD1 HD1  sing N N 251 
PHE CD2 CE2  doub Y N 252 
PHE CD2 HD2  sing N N 253 
PHE CE1 CZ   doub Y N 254 
PHE CE1 HE1  sing N N 255 
PHE CE2 CZ   sing Y N 256 
PHE CE2 HE2  sing N N 257 
PHE CZ  HZ   sing N N 258 
PHE OXT HXT  sing N N 259 
PRO N   CA   sing N N 260 
PRO N   CD   sing N N 261 
PRO N   H    sing N N 262 
PRO CA  C    sing N N 263 
PRO CA  CB   sing N N 264 
PRO CA  HA   sing N N 265 
PRO C   O    doub N N 266 
PRO C   OXT  sing N N 267 
PRO CB  CG   sing N N 268 
PRO CB  HB2  sing N N 269 
PRO CB  HB3  sing N N 270 
PRO CG  CD   sing N N 271 
PRO CG  HG2  sing N N 272 
PRO CG  HG3  sing N N 273 
PRO CD  HD2  sing N N 274 
PRO CD  HD3  sing N N 275 
PRO OXT HXT  sing N N 276 
SER N   CA   sing N N 277 
SER N   H    sing N N 278 
SER N   H2   sing N N 279 
SER CA  C    sing N N 280 
SER CA  CB   sing N N 281 
SER CA  HA   sing N N 282 
SER C   O    doub N N 283 
SER C   OXT  sing N N 284 
SER CB  OG   sing N N 285 
SER CB  HB2  sing N N 286 
SER CB  HB3  sing N N 287 
SER OG  HG   sing N N 288 
SER OXT HXT  sing N N 289 
SO4 S   O1   doub N N 290 
SO4 S   O2   doub N N 291 
SO4 S   O3   sing N N 292 
SO4 S   O4   sing N N 293 
THR N   CA   sing N N 294 
THR N   H    sing N N 295 
THR N   H2   sing N N 296 
THR CA  C    sing N N 297 
THR CA  CB   sing N N 298 
THR CA  HA   sing N N 299 
THR C   O    doub N N 300 
THR C   OXT  sing N N 301 
THR CB  OG1  sing N N 302 
THR CB  CG2  sing N N 303 
THR CB  HB   sing N N 304 
THR OG1 HG1  sing N N 305 
THR CG2 HG21 sing N N 306 
THR CG2 HG22 sing N N 307 
THR CG2 HG23 sing N N 308 
THR OXT HXT  sing N N 309 
TRP N   CA   sing N N 310 
TRP N   H    sing N N 311 
TRP N   H2   sing N N 312 
TRP CA  C    sing N N 313 
TRP CA  CB   sing N N 314 
TRP CA  HA   sing N N 315 
TRP C   O    doub N N 316 
TRP C   OXT  sing N N 317 
TRP CB  CG   sing N N 318 
TRP CB  HB2  sing N N 319 
TRP CB  HB3  sing N N 320 
TRP CG  CD1  doub Y N 321 
TRP CG  CD2  sing Y N 322 
TRP CD1 NE1  sing Y N 323 
TRP CD1 HD1  sing N N 324 
TRP CD2 CE2  doub Y N 325 
TRP CD2 CE3  sing Y N 326 
TRP NE1 CE2  sing Y N 327 
TRP NE1 HE1  sing N N 328 
TRP CE2 CZ2  sing Y N 329 
TRP CE3 CZ3  doub Y N 330 
TRP CE3 HE3  sing N N 331 
TRP CZ2 CH2  doub Y N 332 
TRP CZ2 HZ2  sing N N 333 
TRP CZ3 CH2  sing Y N 334 
TRP CZ3 HZ3  sing N N 335 
TRP CH2 HH2  sing N N 336 
TRP OXT HXT  sing N N 337 
TYR N   CA   sing N N 338 
TYR N   H    sing N N 339 
TYR N   H2   sing N N 340 
TYR CA  C    sing N N 341 
TYR CA  CB   sing N N 342 
TYR CA  HA   sing N N 343 
TYR C   O    doub N N 344 
TYR C   OXT  sing N N 345 
TYR CB  CG   sing N N 346 
TYR CB  HB2  sing N N 347 
TYR CB  HB3  sing N N 348 
TYR CG  CD1  doub Y N 349 
TYR CG  CD2  sing Y N 350 
TYR CD1 CE1  sing Y N 351 
TYR CD1 HD1  sing N N 352 
TYR CD2 CE2  doub Y N 353 
TYR CD2 HD2  sing N N 354 
TYR CE1 CZ   doub Y N 355 
TYR CE1 HE1  sing N N 356 
TYR CE2 CZ   sing Y N 357 
TYR CE2 HE2  sing N N 358 
TYR CZ  OH   sing N N 359 
TYR OH  HH   sing N N 360 
TYR OXT HXT  sing N N 361 
VAL N   CA   sing N N 362 
VAL N   H    sing N N 363 
VAL N   H2   sing N N 364 
VAL CA  C    sing N N 365 
VAL CA  CB   sing N N 366 
VAL CA  HA   sing N N 367 
VAL C   O    doub N N 368 
VAL C   OXT  sing N N 369 
VAL CB  CG1  sing N N 370 
VAL CB  CG2  sing N N 371 
VAL CB  HB   sing N N 372 
VAL CG1 HG11 sing N N 373 
VAL CG1 HG12 sing N N 374 
VAL CG1 HG13 sing N N 375 
VAL CG2 HG21 sing N N 376 
VAL CG2 HG22 sing N N 377 
VAL CG2 HG23 sing N N 378 
VAL OXT HXT  sing N N 379 
# 
_atom_sites.entry_id                    1USZ 
_atom_sites.fract_transf_matrix[1][1]   0.00211057 
_atom_sites.fract_transf_matrix[1][2]   -0.00673169 
_atom_sites.fract_transf_matrix[1][3]   -0.00056013 
_atom_sites.fract_transf_matrix[2][1]   -0.00633760 
_atom_sites.fract_transf_matrix[2][2]   -0.00177027 
_atom_sites.fract_transf_matrix[2][3]   -0.00260479 
_atom_sites.fract_transf_matrix[3][1]   0.00233758 
_atom_sites.fract_transf_matrix[3][2]   0.00127844 
_atom_sites.fract_transf_matrix[3][3]   -0.00655631 
_atom_sites.fract_transf_vector[1]      0.409100 
_atom_sites.fract_transf_vector[2]      0.272521 
_atom_sites.fract_transf_vector[3]      0.230144 
# 
loop_
_atom_type.symbol 
C  
CL 
N  
O  
S  
SE 
# 
loop_
_atom_site.group_PDB 
_atom_site.id 
_atom_site.type_symbol 
_atom_site.label_atom_id 
_atom_site.label_alt_id 
_atom_site.label_comp_id 
_atom_site.label_asym_id 
_atom_site.label_entity_id 
_atom_site.label_seq_id 
_atom_site.pdbx_PDB_ins_code 
_atom_site.Cartn_x 
_atom_site.Cartn_y 
_atom_site.Cartn_z 
_atom_site.occupancy 
_atom_site.B_iso_or_equiv 
_atom_site.pdbx_formal_charge 
_atom_site.auth_seq_id 
_atom_site.auth_comp_id 
_atom_site.auth_asym_id 
_atom_site.auth_atom_id 
_atom_site.pdbx_PDB_model_num 
ATOM   1    N  N   . GLY A 1 10  ? -14.341 -15.011 2.201   1.00 53.20  ? 0    GLY A N   1 
ATOM   2    C  CA  . GLY A 1 10  ? -15.442 -14.050 2.032   1.00 53.48  ? 0    GLY A CA  1 
ATOM   3    C  C   . GLY A 1 10  ? -15.094 -12.990 0.987   1.00 56.90  ? 0    GLY A C   1 
ATOM   4    O  O   . GLY A 1 10  ? -14.022 -13.032 0.391   1.00 56.77  ? 0    GLY A O   1 
ATOM   5    N  N   . SER A 1 11  ? -16.035 -12.082 0.706   1.00 51.93  ? 1    SER A N   1 
ATOM   6    C  CA  . SER A 1 11  ? -15.804 -11.086 -0.324  1.00 50.98  ? 1    SER A CA  1 
ATOM   7    C  C   . SER A 1 11  ? -15.759 -9.686  0.248   1.00 50.64  ? 1    SER A C   1 
ATOM   8    O  O   . SER A 1 11  ? -16.460 -9.370  1.198   1.00 49.60  ? 1    SER A O   1 
ATOM   9    C  CB  . SER A 1 11  ? -16.832 -11.195 -1.473  1.00 55.91  ? 1    SER A CB  1 
ATOM   10   O  OG  . SER A 1 11  ? -18.120 -11.575 -1.008  1.00 66.64  ? 1    SER A OG  1 
ATOM   11   N  N   . PHE A 1 12  ? -14.868 -8.878  -0.302  1.00 43.84  ? 2    PHE A N   1 
ATOM   12   C  CA  . PHE A 1 12  ? -14.759 -7.505  0.130   1.00 41.69  ? 2    PHE A CA  1 
ATOM   13   C  C   . PHE A 1 12  ? -15.923 -6.714  -0.445  1.00 41.50  ? 2    PHE A C   1 
ATOM   14   O  O   . PHE A 1 12  ? -16.305 -6.901  -1.601  1.00 41.43  ? 2    PHE A O   1 
ATOM   15   C  CB  . PHE A 1 12  ? -13.435 -6.937  -0.363  1.00 43.81  ? 2    PHE A CB  1 
ATOM   16   C  CG  . PHE A 1 12  ? -13.369 -5.445  -0.348  1.00 44.84  ? 2    PHE A CG  1 
ATOM   17   C  CD1 . PHE A 1 12  ? -12.693 -4.769  -1.350  1.00 46.23  ? 2    PHE A CD1 1 
ATOM   18   C  CD2 . PHE A 1 12  ? -13.943 -4.715  0.680   1.00 46.45  ? 2    PHE A CD2 1 
ATOM   19   C  CE1 . PHE A 1 12  ? -12.611 -3.403  -1.342  1.00 46.52  ? 2    PHE A CE1 1 
ATOM   20   C  CE2 . PHE A 1 12  ? -13.853 -3.335  0.697   1.00 48.35  ? 2    PHE A CE2 1 
ATOM   21   C  CZ  . PHE A 1 12  ? -13.182 -2.682  -0.315  1.00 45.83  ? 2    PHE A CZ  1 
ATOM   22   N  N   . THR A 1 13  ? -16.484 -5.836  0.374   1.00 34.87  ? 3    THR A N   1 
ATOM   23   C  CA  . THR A 1 13  ? -17.557 -4.943  -0.062  1.00 33.47  ? 3    THR A CA  1 
ATOM   24   C  C   . THR A 1 13  ? -17.036 -3.512  -0.203  1.00 35.05  ? 3    THR A C   1 
ATOM   25   O  O   . THR A 1 13  ? -16.715 -2.847  0.791   1.00 34.42  ? 3    THR A O   1 
ATOM   26   C  CB  . THR A 1 13  ? -18.716 -4.932  0.928   1.00 42.33  ? 3    THR A CB  1 
ATOM   27   O  OG1 . THR A 1 13  ? -19.588 -6.037  0.664   1.00 44.66  ? 3    THR A OG1 1 
ATOM   28   C  CG2 . THR A 1 13  ? -19.487 -3.634  0.817   1.00 39.67  ? 3    THR A CG2 1 
ATOM   29   N  N   . PRO A 1 14  ? -16.907 -3.054  -1.441  1.00 29.95  ? 4    PRO A N   1 
ATOM   30   C  CA  . PRO A 1 14  ? -16.471 -1.705  -1.674  1.00 28.29  ? 4    PRO A CA  1 
ATOM   31   C  C   . PRO A 1 14  ? -17.387 -0.753  -0.936  1.00 28.16  ? 4    PRO A C   1 
ATOM   32   O  O   . PRO A 1 14  ? -18.607 -0.851  -1.031  1.00 26.69  ? 4    PRO A O   1 
ATOM   33   C  CB  . PRO A 1 14  ? -16.620 -1.570  -3.178  1.00 30.06  ? 4    PRO A CB  1 
ATOM   34   C  CG  . PRO A 1 14  ? -16.205 -2.946  -3.687  1.00 34.96  ? 4    PRO A CG  1 
ATOM   35   C  CD  . PRO A 1 14  ? -16.525 -3.932  -2.563  1.00 30.50  ? 4    PRO A CD  1 
ATOM   36   N  N   . SER A 1 15  ? -16.782 0.083   -0.102  1.00 22.84  ? 5    SER A N   1 
ATOM   37   C  CA  . SER A 1 15  ? -17.510 1.059   0.686   1.00 21.76  ? 5    SER A CA  1 
ATOM   38   C  C   . SER A 1 15  ? -16.523 2.022   1.340   1.00 26.47  ? 5    SER A C   1 
ATOM   39   O  O   . SER A 1 15  ? -16.173 1.880   2.516   1.00 25.86  ? 5    SER A O   1 
ATOM   40   C  CB  . SER A 1 15  ? -18.379 0.376   1.740   1.00 22.48  ? 5    SER A CB  1 
ATOM   41   O  OG  . SER A 1 15  ? -19.067 1.337   2.515   1.00 25.30  ? 5    SER A OG  1 
ATOM   42   N  N   . GLY A 1 16  ? -16.059 2.985   0.551   1.00 23.35  ? 6    GLY A N   1 
ATOM   43   C  CA  . GLY A 1 16  ? -15.118 3.982   1.030   1.00 23.03  ? 6    GLY A CA  1 
ATOM   44   C  C   . GLY A 1 16  ? -14.396 4.670   -0.128  1.00 26.70  ? 6    GLY A C   1 
ATOM   45   O  O   . GLY A 1 16  ? -14.653 4.384   -1.308  1.00 27.06  ? 6    GLY A O   1 
ATOM   46   N  N   . THR A 1 17  ? -13.499 5.580   0.218   1.00 21.53  ? 7    THR A N   1 
ATOM   47   C  CA  . THR A 1 17  ? -12.743 6.317   -0.772  1.00 20.82  ? 7    THR A CA  1 
ATOM   48   C  C   . THR A 1 17  ? -11.511 5.518   -1.188  1.00 24.22  ? 7    THR A C   1 
ATOM   49   O  O   . THR A 1 17  ? -11.247 4.449   -0.635  1.00 23.91  ? 7    THR A O   1 
ATOM   50   C  CB  . THR A 1 17  ? -12.330 7.673   -0.214  1.00 29.23  ? 7    THR A CB  1 
ATOM   51   O  OG1 . THR A 1 17  ? -11.869 7.508   1.131   1.00 31.47  ? 7    THR A OG1 1 
ATOM   52   C  CG2 . THR A 1 17  ? -13.526 8.609   -0.207  1.00 27.09  ? 7    THR A CG2 1 
ATOM   53   N  N   . THR A 1 18  ? -10.771 6.019   -2.176  1.00 20.44  ? 8    THR A N   1 
ATOM   54   C  CA  . THR A 1 18  ? -9.566  5.332   -2.646  1.00 20.04  ? 8    THR A CA  1 
ATOM   55   C  C   . THR A 1 18  ? -8.287  6.120   -2.394  1.00 24.78  ? 8    THR A C   1 
ATOM   56   O  O   . THR A 1 18  ? -8.086  7.191   -2.954  1.00 24.45  ? 8    THR A O   1 
ATOM   57   C  CB  . THR A 1 18  ? -9.633  4.991   -4.138  1.00 24.09  ? 8    THR A CB  1 
ATOM   58   O  OG1 . THR A 1 18  ? -10.726 4.101   -4.383  1.00 25.69  ? 8    THR A OG1 1 
ATOM   59   C  CG2 . THR A 1 18  ? -8.350  4.323   -4.569  1.00 19.43  ? 8    THR A CG2 1 
ATOM   60   N  N   . GLY A 1 19  ? -7.396  5.544   -1.595  1.00 22.47  ? 9    GLY A N   1 
ATOM   61   C  CA  . GLY A 1 19  ? -6.123  6.176   -1.282  1.00 22.60  ? 9    GLY A CA  1 
ATOM   62   C  C   . GLY A 1 19  ? -5.057  5.666   -2.232  1.00 26.59  ? 9    GLY A C   1 
ATOM   63   O  O   . GLY A 1 19  ? -5.238  4.641   -2.880  1.00 26.03  ? 9    GLY A O   1 
ATOM   64   N  N   . THR A 1 20  ? -3.940  6.377   -2.308  1.00 23.48  ? 10   THR A N   1 
ATOM   65   C  CA  . THR A 1 20  ? -2.862  5.977   -3.192  1.00 23.63  ? 10   THR A CA  1 
ATOM   66   C  C   . THR A 1 20  ? -1.527  6.275   -2.567  1.00 30.22  ? 10   THR A C   1 
ATOM   67   O  O   . THR A 1 20  ? -1.353  7.315   -1.935  1.00 31.63  ? 10   THR A O   1 
ATOM   68   C  CB  . THR A 1 20  ? -2.916  6.749   -4.507  1.00 28.85  ? 10   THR A CB  1 
ATOM   69   O  OG1 . THR A 1 20  ? -3.094  5.838   -5.594  1.00 31.79  ? 10   THR A OG1 1 
ATOM   70   C  CG2 . THR A 1 20  ? -1.634  7.524   -4.713  1.00 24.56  ? 10   THR A CG2 1 
ATOM   71   N  N   . THR A 1 21  ? -0.559  5.395   -2.800  1.00 26.53  ? 11   THR A N   1 
ATOM   72   C  CA  . THR A 1 21  ? 0.811   5.644   -2.382  1.00 26.18  ? 11   THR A CA  1 
ATOM   73   C  C   . THR A 1 21  ? 1.670   5.756   -3.619  1.00 31.81  ? 11   THR A C   1 
ATOM   74   O  O   . THR A 1 21  ? 1.765   4.821   -4.413  1.00 31.48  ? 11   THR A O   1 
ATOM   75   C  CB  . THR A 1 21  ? 1.357   4.546   -1.484  1.00 30.33  ? 11   THR A CB  1 
ATOM   76   O  OG1 . THR A 1 21  ? 0.344   4.162   -0.558  1.00 36.34  ? 11   THR A OG1 1 
ATOM   77   C  CG2 . THR A 1 21  ? 2.575   5.050   -0.706  1.00 25.61  ? 11   THR A CG2 1 
ATOM   78   N  N   . LYS A 1 22  ? 2.199   6.947   -3.845  1.00 29.84  ? 12   LYS A N   1 
ATOM   79   C  CA  . LYS A 1 22  ? 3.035   7.181   -5.002  1.00 30.24  ? 12   LYS A CA  1 
ATOM   80   C  C   . LYS A 1 22  ? 4.490   7.305   -4.563  1.00 35.42  ? 12   LYS A C   1 
ATOM   81   O  O   . LYS A 1 22  ? 4.788   7.845   -3.491  1.00 35.09  ? 12   LYS A O   1 
ATOM   82   C  CB  . LYS A 1 22  ? 2.591   8.445   -5.745  1.00 32.18  ? 12   LYS A CB  1 
ATOM   83   C  CG  . LYS A 1 22  ? 1.426   8.238   -6.692  1.00 41.07  ? 12   LYS A CG  1 
ATOM   84   C  CD  . LYS A 1 22  ? 0.283   9.195   -6.375  1.00 51.00  ? 12   LYS A CD  1 
ATOM   85   C  CE  . LYS A 1 22  ? -0.601  9.450   -7.594  1.00 62.99  ? 12   LYS A CE  1 
ATOM   86   N  NZ  . LYS A 1 22  ? -1.219  10.812  -7.565  1.00 72.51  ? 12   LYS A NZ  1 
ATOM   87   N  N   . LEU A 1 23  ? 5.386   6.748   -5.371  1.00 31.86  ? 13   LEU A N   1 
ATOM   88   C  CA  . LEU A 1 23  ? 6.809   6.823   -5.108  1.00 31.19  ? 13   LEU A CA  1 
ATOM   89   C  C   . LEU A 1 23  ? 7.545   6.905   -6.410  1.00 33.60  ? 13   LEU A C   1 
ATOM   90   O  O   . LEU A 1 23  ? 7.326   6.096   -7.307  1.00 32.65  ? 13   LEU A O   1 
ATOM   91   C  CB  . LEU A 1 23  ? 7.302   5.602   -4.342  1.00 31.30  ? 13   LEU A CB  1 
ATOM   92   C  CG  . LEU A 1 23  ? 8.801   5.333   -4.516  1.00 35.46  ? 13   LEU A CG  1 
ATOM   93   C  CD1 . LEU A 1 23  ? 9.637   6.309   -3.695  1.00 36.52  ? 13   LEU A CD1 1 
ATOM   94   C  CD2 . LEU A 1 23  ? 9.136   3.898   -4.164  1.00 35.56  ? 13   LEU A CD2 1 
ATOM   95   N  N   . THR A 1 24  ? 8.427   7.885   -6.509  1.00 30.18  ? 14   THR A N   1 
ATOM   96   C  CA  . THR A 1 24  ? 9.239   8.047   -7.691  1.00 30.10  ? 14   THR A CA  1 
ATOM   97   C  C   . THR A 1 24  ? 10.629  7.529   -7.380  1.00 34.97  ? 14   THR A C   1 
ATOM   98   O  O   . THR A 1 24  ? 11.245  7.937   -6.392  1.00 34.96  ? 14   THR A O   1 
ATOM   99   C  CB  . THR A 1 24  ? 9.305   9.513   -8.133  1.00 34.54  ? 14   THR A CB  1 
ATOM   100  O  OG1 . THR A 1 24  ? 8.070   9.867   -8.766  1.00 33.96  ? 14   THR A OG1 1 
ATOM   101  C  CG2 . THR A 1 24  ? 10.452  9.726   -9.111  1.00 31.01  ? 14   THR A CG2 1 
ATOM   102  N  N   . VAL A 1 25  ? 11.074  6.555   -8.167  1.00 30.89  ? 15   VAL A N   1 
ATOM   103  C  CA  . VAL A 1 25  ? 12.379  5.953   -7.974  1.00 30.07  ? 15   VAL A CA  1 
ATOM   104  C  C   . VAL A 1 25  ? 13.372  6.609   -8.913  1.00 33.35  ? 15   VAL A C   1 
ATOM   105  O  O   . VAL A 1 25  ? 13.128  6.696   -10.120 1.00 32.52  ? 15   VAL A O   1 
ATOM   106  C  CB  . VAL A 1 25  ? 12.329  4.455   -8.246  1.00 34.10  ? 15   VAL A CB  1 
ATOM   107  C  CG1 . VAL A 1 25  ? 13.714  3.917   -8.538  1.00 34.20  ? 15   VAL A CG1 1 
ATOM   108  C  CG2 . VAL A 1 25  ? 11.706  3.731   -7.066  1.00 33.77  ? 15   VAL A CG2 1 
ATOM   109  N  N   . THR A 1 26  ? 14.464  7.124   -8.348  1.00 30.30  ? 16   THR A N   1 
ATOM   110  C  CA  . THR A 1 26  ? 15.477  7.835   -9.134  1.00 30.62  ? 16   THR A CA  1 
ATOM   111  C  C   . THR A 1 26  ? 16.876  7.307   -8.880  1.00 36.62  ? 16   THR A C   1 
ATOM   112  O  O   . THR A 1 26  ? 17.129  6.697   -7.846  1.00 36.41  ? 16   THR A O   1 
ATOM   113  C  CB  . THR A 1 26  ? 15.504  9.333   -8.790  1.00 33.75  ? 16   THR A CB  1 
ATOM   114  O  OG1 . THR A 1 26  ? 15.561  9.492   -7.368  1.00 29.78  ? 16   THR A OG1 1 
ATOM   115  C  CG2 . THR A 1 26  ? 14.271  10.031  -9.332  1.00 32.50  ? 16   THR A CG2 1 
ATOM   116  N  N   . GLU A 1 27  ? 17.797  7.622   -9.792  1.00 34.46  ? 17   GLU A N   1 
ATOM   117  C  CA  . GLU A 1 27  ? 19.206  7.256   -9.625  1.00 34.89  ? 17   GLU A CA  1 
ATOM   118  C  C   . GLU A 1 27  ? 19.789  8.116   -8.514  1.00 39.16  ? 17   GLU A C   1 
ATOM   119  O  O   . GLU A 1 27  ? 19.074  8.925   -7.916  1.00 37.98  ? 17   GLU A O   1 
ATOM   120  C  CB  . GLU A 1 27  ? 19.994  7.480   -10.920 1.00 36.52  ? 17   GLU A CB  1 
ATOM   121  C  CG  . GLU A 1 27  ? 19.523  6.642   -12.095 1.00 50.65  ? 17   GLU A CG  1 
ATOM   122  C  CD  . GLU A 1 27  ? 20.160  5.264   -12.121 1.00 84.38  ? 17   GLU A CD  1 
ATOM   123  O  OE1 . GLU A 1 27  ? 19.821  4.469   -13.028 1.00 79.52  ? 17   GLU A OE1 1 
ATOM   124  O  OE2 . GLU A 1 27  ? 20.992  4.974   -11.228 1.00 85.83  ? 17   GLU A OE2 1 
ATOM   125  N  N   . GLU A 1 28  ? 21.077  7.944   -8.231  1.00 37.05  ? 18   GLU A N   1 
ATOM   126  C  CA  . GLU A 1 28  ? 21.703  8.693   -7.143  1.00 37.57  ? 18   GLU A CA  1 
ATOM   127  C  C   . GLU A 1 28  ? 21.621  10.207  -7.354  1.00 43.67  ? 18   GLU A C   1 
ATOM   128  O  O   . GLU A 1 28  ? 21.326  10.956  -6.414  1.00 43.12  ? 18   GLU A O   1 
ATOM   129  C  CB  . GLU A 1 28  ? 23.137  8.221   -6.870  1.00 38.73  ? 18   GLU A CB  1 
ATOM   130  C  CG  . GLU A 1 28  ? 23.664  8.565   -5.461  1.00 48.15  ? 18   GLU A CG  1 
ATOM   131  C  CD  . GLU A 1 28  ? 22.813  7.981   -4.324  1.00 69.19  ? 18   GLU A CD  1 
ATOM   132  O  OE1 . GLU A 1 28  ? 22.334  8.763   -3.470  1.00 65.29  ? 18   GLU A OE1 1 
ATOM   133  O  OE2 . GLU A 1 28  ? 22.707  6.739   -4.227  1.00 61.54  ? 18   GLU A OE2 1 
ATOM   134  N  N   . CYS A 1 29  ? 21.817  10.646  -8.596  1.00 41.72  ? 19   CYS A N   1 
ATOM   135  C  CA  . CYS A 1 29  ? 21.658  12.062  -8.938  1.00 42.02  ? 19   CYS A CA  1 
ATOM   136  C  C   . CYS A 1 29  ? 20.191  12.283  -9.294  1.00 42.11  ? 19   CYS A C   1 
ATOM   137  O  O   . CYS A 1 29  ? 19.759  11.964  -10.403 1.00 41.71  ? 19   CYS A O   1 
ATOM   138  C  CB  . CYS A 1 29  ? 22.565  12.444  -10.116 1.00 43.46  ? 19   CYS A CB  1 
ATOM   139  S  SG  . CYS A 1 29  ? 22.040  13.907  -11.086 1.00 48.12  ? 19   CYS A SG  1 
ATOM   140  N  N   . GLN A 1 30  ? 19.409  12.744  -8.322  1.00 35.71  ? 20   GLN A N   1 
ATOM   141  C  CA  . GLN A 1 30  ? 17.975  12.883  -8.515  1.00 34.90  ? 20   GLN A CA  1 
ATOM   142  C  C   . GLN A 1 30  ? 17.481  14.320  -8.608  1.00 37.85  ? 20   GLN A C   1 
ATOM   143  O  O   . GLN A 1 30  ? 17.725  15.134  -7.718  1.00 37.70  ? 20   GLN A O   1 
ATOM   144  C  CB  . GLN A 1 30  ? 17.216  12.124  -7.430  1.00 36.21  ? 20   GLN A CB  1 
ATOM   145  C  CG  . GLN A 1 30  ? 16.657  12.994  -6.327  1.00 43.41  ? 20   GLN A CG  1 
ATOM   146  C  CD  . GLN A 1 30  ? 16.001  12.185  -5.236  1.00 59.20  ? 20   GLN A CD  1 
ATOM   147  O  OE1 . GLN A 1 30  ? 15.579  12.726  -4.216  1.00 54.66  ? 20   GLN A OE1 1 
ATOM   148  N  NE2 . GLN A 1 30  ? 15.920  10.875  -5.437  1.00 50.74  ? 20   GLN A NE2 1 
ATOM   149  N  N   . VAL A 1 31  ? 16.734  14.604  -9.671  1.00 33.36  ? 21   VAL A N   1 
ATOM   150  C  CA  . VAL A 1 31  ? 16.192  15.937  -9.911  1.00 32.85  ? 21   VAL A CA  1 
ATOM   151  C  C   . VAL A 1 31  ? 14.686  16.004  -9.646  1.00 36.59  ? 21   VAL A C   1 
ATOM   152  O  O   . VAL A 1 31  ? 13.903  15.309  -10.288 1.00 36.58  ? 21   VAL A O   1 
ATOM   153  C  CB  . VAL A 1 31  ? 16.423  16.361  -11.357 1.00 36.38  ? 21   VAL A CB  1 
ATOM   154  C  CG1 . VAL A 1 31  ? 15.841  17.742  -11.600 1.00 36.22  ? 21   VAL A CG1 1 
ATOM   155  C  CG2 . VAL A 1 31  ? 17.893  16.303  -11.698 1.00 35.87  ? 21   VAL A CG2 1 
ATOM   156  N  N   . ARG A 1 32  ? 14.275  16.896  -8.758  1.00 32.63  ? 22   ARG A N   1 
ATOM   157  C  CA  . ARG A 1 32  ? 12.863  17.035  -8.448  1.00 32.71  ? 22   ARG A CA  1 
ATOM   158  C  C   . ARG A 1 32  ? 12.238  18.238  -9.132  1.00 37.81  ? 22   ARG A C   1 
ATOM   159  O  O   . ARG A 1 32  ? 12.332  19.373  -8.654  1.00 37.69  ? 22   ARG A O   1 
ATOM   160  C  CB  . ARG A 1 32  ? 12.648  17.106  -6.946  1.00 34.55  ? 22   ARG A CB  1 
ATOM   161  C  CG  . ARG A 1 32  ? 13.865  16.700  -6.138  1.00 51.01  ? 22   ARG A CG  1 
ATOM   162  C  CD  . ARG A 1 32  ? 13.611  15.414  -5.376  1.00 61.02  ? 22   ARG A CD  1 
ATOM   163  N  NE  . ARG A 1 32  ? 12.326  15.443  -4.692  1.00 66.20  ? 22   ARG A NE  1 
ATOM   164  C  CZ  . ARG A 1 32  ? 12.084  14.842  -3.534  1.00 80.59  ? 22   ARG A CZ  1 
ATOM   165  N  NH1 . ARG A 1 32  ? 13.040  14.152  -2.925  1.00 67.54  ? 22   ARG A NH1 1 
ATOM   166  N  NH2 . ARG A 1 32  ? 10.880  14.919  -2.985  1.00 69.23  ? 22   ARG A NH2 1 
ATOM   167  N  N   . VAL A 1 33  ? 11.577  17.979  -10.251 1.00 34.77  ? 23   VAL A N   1 
ATOM   168  C  CA  . VAL A 1 33  ? 10.917  19.025  -10.994 1.00 34.70  ? 23   VAL A CA  1 
ATOM   169  C  C   . VAL A 1 33  ? 9.499   19.206  -10.508 1.00 40.40  ? 23   VAL A C   1 
ATOM   170  O  O   . VAL A 1 33  ? 8.764   18.238  -10.318 1.00 39.61  ? 23   VAL A O   1 
ATOM   171  C  CB  . VAL A 1 33  ? 10.870  18.707  -12.485 1.00 38.31  ? 23   VAL A CB  1 
ATOM   172  C  CG1 . VAL A 1 33  ? 9.718   19.449  -13.147 1.00 37.88  ? 23   VAL A CG1 1 
ATOM   173  C  CG2 . VAL A 1 33  ? 12.186  19.059  -13.137 1.00 38.23  ? 23   VAL A CG2 1 
ATOM   174  N  N   . GLY A 1 34  ? 9.106   20.456  -10.331 1.00 39.38  ? 24   GLY A N   1 
ATOM   175  C  CA  . GLY A 1 34  ? 7.743   20.778  -9.951  1.00 40.21  ? 24   GLY A CA  1 
ATOM   176  C  C   . GLY A 1 34  ? 7.429   20.543  -8.484  1.00 45.43  ? 24   GLY A C   1 
ATOM   177  O  O   . GLY A 1 34  ? 8.236   20.858  -7.600  1.00 43.91  ? 24   GLY A O   1 
ATOM   178  N  N   . ASP A 1 35  ? 6.183   20.151  -8.227  1.00 44.47  ? 25   ASP A N   1 
ATOM   179  C  CA  . ASP A 1 35  ? 5.702   19.925  -6.870  1.00 45.22  ? 25   ASP A CA  1 
ATOM   180  C  C   . ASP A 1 35  ? 6.463   18.802  -6.216  1.00 49.17  ? 25   ASP A C   1 
ATOM   181  O  O   . ASP A 1 35  ? 6.972   17.905  -6.895  1.00 49.58  ? 25   ASP A O   1 
ATOM   182  C  CB  . ASP A 1 35  ? 4.209   19.585  -6.880  1.00 47.88  ? 25   ASP A CB  1 
ATOM   183  C  CG  . ASP A 1 35  ? 3.348   20.718  -6.353  1.00 66.97  ? 25   ASP A CG  1 
ATOM   184  O  OD1 . ASP A 1 35  ? 3.037   21.648  -7.132  1.00 69.09  ? 25   ASP A OD1 1 
ATOM   185  O  OD2 . ASP A 1 35  ? 2.986   20.686  -5.156  1.00 75.31  ? 25   ASP A OD2 1 
ATOM   186  N  N   . LEU A 1 36  ? 6.493   18.814  -4.890  1.00 45.01  ? 26   LEU A N   1 
ATOM   187  C  CA  . LEU A 1 36  ? 7.202   17.784  -4.143  1.00 44.88  ? 26   LEU A CA  1 
ATOM   188  C  C   . LEU A 1 36  ? 6.389   16.498  -3.962  1.00 49.65  ? 26   LEU A C   1 
ATOM   189  O  O   . LEU A 1 36  ? 5.185   16.536  -3.676  1.00 48.97  ? 26   LEU A O   1 
ATOM   190  C  CB  . LEU A 1 36  ? 7.644   18.314  -2.783  1.00 44.64  ? 26   LEU A CB  1 
ATOM   191  C  CG  . LEU A 1 36  ? 7.498   17.320  -1.631  1.00 49.06  ? 26   LEU A CG  1 
ATOM   192  C  CD1 . LEU A 1 36  ? 8.458   17.655  -0.506  1.00 49.10  ? 26   LEU A CD1 1 
ATOM   193  C  CD2 . LEU A 1 36  ? 6.064   17.283  -1.118  1.00 51.66  ? 26   LEU A CD2 1 
ATOM   194  N  N   . THR A 1 37  ? 7.069   15.361  -4.085  1.00 46.34  ? 27   THR A N   1 
ATOM   195  C  CA  . THR A 1 37  ? 6.439   14.066  -3.866  1.00 45.96  ? 27   THR A CA  1 
ATOM   196  C  C   . THR A 1 37  ? 7.445   13.118  -3.251  1.00 48.37  ? 27   THR A C   1 
ATOM   197  O  O   . THR A 1 37  ? 8.585   13.502  -2.992  1.00 47.12  ? 27   THR A O   1 
ATOM   198  C  CB  . THR A 1 37  ? 5.870   13.451  -5.165  1.00 55.64  ? 27   THR A CB  1 
ATOM   199  O  OG1 . THR A 1 37  ? 6.760   13.707  -6.259  1.00 55.52  ? 27   THR A OG1 1 
ATOM   200  C  CG2 . THR A 1 37  ? 4.500   14.040  -5.476  1.00 55.03  ? 27   THR A CG2 1 
ATOM   201  N  N   . VAL A 1 38  ? 7.005   11.899  -2.964  1.00 44.84  ? 28   VAL A N   1 
ATOM   202  C  CA  . VAL A 1 38  ? 7.884   10.908  -2.375  1.00 44.66  ? 28   VAL A CA  1 
ATOM   203  C  C   . VAL A 1 38  ? 8.789   10.379  -3.458  1.00 48.09  ? 28   VAL A C   1 
ATOM   204  O  O   . VAL A 1 38  ? 8.326   9.959   -4.517  1.00 48.05  ? 28   VAL A O   1 
ATOM   205  C  CB  . VAL A 1 38  ? 7.107   9.735   -1.753  1.00 48.88  ? 28   VAL A CB  1 
ATOM   206  C  CG1 . VAL A 1 38  ? 7.617   9.446   -0.348  1.00 48.47  ? 28   VAL A CG1 1 
ATOM   207  C  CG2 . VAL A 1 38  ? 5.604   10.028  -1.742  1.00 48.93  ? 28   VAL A CG2 1 
ATOM   208  N  N   . ALA A 1 39  ? 10.087  10.500  -3.231  1.00 44.10  ? 29   ALA A N   1 
ATOM   209  C  CA  . ALA A 1 39  ? 11.070  10.044  -4.189  1.00 43.51  ? 29   ALA A CA  1 
ATOM   210  C  C   . ALA A 1 39  ? 12.136  9.274   -3.450  1.00 45.90  ? 29   ALA A C   1 
ATOM   211  O  O   . ALA A 1 39  ? 12.360  9.490   -2.255  1.00 45.68  ? 29   ALA A O   1 
ATOM   212  C  CB  . ALA A 1 39  ? 11.680  11.217  -4.929  1.00 44.32  ? 29   ALA A CB  1 
ATOM   213  N  N   . LYS A 1 40  ? 12.769  8.347   -4.156  1.00 40.55  ? 30   LYS A N   1 
ATOM   214  C  CA  . LYS A 1 40  ? 13.789  7.511   -3.565  1.00 38.72  ? 30   LYS A CA  1 
ATOM   215  C  C   . LYS A 1 40  ? 14.764  7.023   -4.622  1.00 40.63  ? 30   LYS A C   1 
ATOM   216  O  O   . LYS A 1 40  ? 14.388  6.775   -5.776  1.00 39.64  ? 30   LYS A O   1 
ATOM   217  C  CB  . LYS A 1 40  ? 13.143  6.316   -2.863  1.00 39.76  ? 30   LYS A CB  1 
ATOM   218  C  CG  . LYS A 1 40  ? 13.314  6.319   -1.364  1.00 39.35  ? 30   LYS A CG  1 
ATOM   219  C  CD  . LYS A 1 40  ? 12.053  6.781   -0.667  1.00 42.84  ? 30   LYS A CD  1 
ATOM   220  C  CE  . LYS A 1 40  ? 12.309  7.035   0.805   1.00 52.19  ? 30   LYS A CE  1 
ATOM   221  N  NZ  . LYS A 1 40  ? 13.438  7.990   0.989   1.00 66.85  ? 30   LYS A NZ  1 
ATOM   222  N  N   . THR A 1 41  ? 16.023  6.899   -4.223  1.00 36.10  ? 31   THR A N   1 
ATOM   223  C  CA  . THR A 1 41  ? 17.043  6.364   -5.102  1.00 35.26  ? 31   THR A CA  1 
ATOM   224  C  C   . THR A 1 41  ? 17.016  4.851   -4.952  1.00 37.85  ? 31   THR A C   1 
ATOM   225  O  O   . THR A 1 41  ? 16.674  4.333   -3.881  1.00 37.08  ? 31   THR A O   1 
ATOM   226  C  CB  . THR A 1 41  ? 18.453  6.890   -4.741  1.00 41.27  ? 31   THR A CB  1 
ATOM   227  O  OG1 . THR A 1 41  ? 18.643  6.839   -3.320  1.00 38.89  ? 31   THR A OG1 1 
ATOM   228  C  CG2 . THR A 1 41  ? 18.628  8.323   -5.227  1.00 39.65  ? 31   THR A CG2 1 
ATOM   229  N  N   . ARG A 1 42  ? 17.310  4.146   -6.039  1.00 33.10  ? 32   ARG A N   1 
ATOM   230  C  CA  . ARG A 1 42  ? 17.320  2.694   -6.013  1.00 32.40  ? 32   ARG A CA  1 
ATOM   231  C  C   . ARG A 1 42  ? 18.109  2.208   -4.804  1.00 35.55  ? 32   ARG A C   1 
ATOM   232  O  O   . ARG A 1 42  ? 17.713  1.262   -4.122  1.00 35.03  ? 32   ARG A O   1 
ATOM   233  C  CB  . ARG A 1 42  ? 17.933  2.155   -7.296  1.00 32.33  ? 32   ARG A CB  1 
ATOM   234  C  CG  . ARG A 1 42  ? 17.979  3.172   -8.404  1.00 46.41  ? 32   ARG A CG  1 
ATOM   235  C  CD  . ARG A 1 42  ? 18.173  2.510   -9.749  1.00 64.00  ? 32   ARG A CD  1 
ATOM   236  N  NE  . ARG A 1 42  ? 19.538  2.027   -9.937  1.00 78.45  ? 32   ARG A NE  1 
ATOM   237  C  CZ  . ARG A 1 42  ? 19.868  1.060   -10.785 1.00 99.54  ? 32   ARG A CZ  1 
ATOM   238  N  NH1 . ARG A 1 42  ? 18.933  0.468   -11.519 1.00 87.12  ? 32   ARG A NH1 1 
ATOM   239  N  NH2 . ARG A 1 42  ? 21.133  0.671   -10.892 1.00 91.55  ? 32   ARG A NH2 1 
ATOM   240  N  N   . GLY A 1 43  ? 19.174  2.929   -4.484  1.00 31.57  ? 33   GLY A N   1 
ATOM   241  C  CA  . GLY A 1 43  ? 20.012  2.585   -3.345  1.00 31.15  ? 33   GLY A CA  1 
ATOM   242  C  C   . GLY A 1 43  ? 19.252  2.500   -2.016  1.00 33.87  ? 33   GLY A C   1 
ATOM   243  O  O   . GLY A 1 43  ? 19.589  1.682   -1.156  1.00 33.63  ? 33   GLY A O   1 
ATOM   244  N  N   . GLN A 1 44  ? 18.263  3.373   -1.828  1.00 29.17  ? 34   GLN A N   1 
ATOM   245  C  CA  . GLN A 1 44  ? 17.515  3.430   -0.560  1.00 28.08  ? 34   GLN A CA  1 
ATOM   246  C  C   . GLN A 1 44  ? 16.432  2.353   -0.453  1.00 28.03  ? 34   GLN A C   1 
ATOM   247  O  O   . GLN A 1 44  ? 15.834  2.166   0.617   1.00 25.88  ? 34   GLN A O   1 
ATOM   248  C  CB  . GLN A 1 44  ? 16.890  4.821   -0.347  1.00 29.58  ? 34   GLN A CB  1 
ATOM   249  C  CG  . GLN A 1 44  ? 17.840  5.997   -0.539  1.00 39.91  ? 34   GLN A CG  1 
ATOM   250  C  CD  . GLN A 1 44  ? 17.104  7.313   -0.662  1.00 60.71  ? 34   GLN A CD  1 
ATOM   251  O  OE1 . GLN A 1 44  ? 16.477  7.772   0.290   1.00 56.10  ? 34   GLN A OE1 1 
ATOM   252  N  NE2 . GLN A 1 44  ? 17.114  7.890   -1.860  1.00 57.65  ? 34   GLN A NE2 1 
ATOM   253  N  N   . LEU A 1 45  ? 16.177  1.671   -1.572  1.00 22.91  ? 35   LEU A N   1 
ATOM   254  C  CA  . LEU A 1 45  ? 15.164  0.617   -1.650  1.00 21.43  ? 35   LEU A CA  1 
ATOM   255  C  C   . LEU A 1 45  ? 15.606  -0.675  -0.968  1.00 23.24  ? 35   LEU A C   1 
ATOM   256  O  O   . LEU A 1 45  ? 15.539  -1.759  -1.550  1.00 22.17  ? 35   LEU A O   1 
ATOM   257  C  CB  . LEU A 1 45  ? 14.826  0.332   -3.106  1.00 21.19  ? 35   LEU A CB  1 
ATOM   258  C  CG  . LEU A 1 45  ? 14.049  1.431   -3.812  1.00 25.65  ? 35   LEU A CG  1 
ATOM   259  C  CD1 . LEU A 1 45  ? 13.653  0.964   -5.202  1.00 28.72  ? 35   LEU A CD1 1 
ATOM   260  C  CD2 . LEU A 1 45  ? 12.821  1.823   -2.992  1.00 25.40  ? 35   LEU A CD2 1 
ATOM   261  N  N   . THR A 1 46  ? 16.068  -0.550  0.265   1.00 19.25  ? 36   THR A N   1 
ATOM   262  C  CA  . THR A 1 46  ? 16.518  -1.693  1.035   1.00 18.91  ? 36   THR A CA  1 
ATOM   263  C  C   . THR A 1 46  ? 15.315  -2.395  1.629   1.00 24.40  ? 36   THR A C   1 
ATOM   264  O  O   . THR A 1 46  ? 14.199  -1.897  1.546   1.00 25.27  ? 36   THR A O   1 
ATOM   265  C  CB  . THR A 1 46  ? 17.404  -1.240  2.191   1.00 21.91  ? 36   THR A CB  1 
ATOM   266  O  OG1 . THR A 1 46  ? 16.578  -0.872  3.308   1.00 17.97  ? 36   THR A OG1 1 
ATOM   267  C  CG2 . THR A 1 46  ? 18.252  -0.049  1.769   1.00 18.32  ? 36   THR A CG2 1 
ATOM   268  N  N   . ASP A 1 47  ? 15.540  -3.531  2.271   1.00 21.26  ? 37   ASP A N   1 
ATOM   269  C  CA  . ASP A 1 47  ? 14.441  -4.233  2.907   1.00 21.76  ? 37   ASP A CA  1 
ATOM   270  C  C   . ASP A 1 47  ? 13.911  -3.437  4.107   1.00 28.14  ? 37   ASP A C   1 
ATOM   271  O  O   . ASP A 1 47  ? 14.686  -2.828  4.850   1.00 28.53  ? 37   ASP A O   1 
ATOM   272  C  CB  . ASP A 1 47  ? 14.874  -5.626  3.341   1.00 23.48  ? 37   ASP A CB  1 
ATOM   273  C  CG  . ASP A 1 47  ? 13.787  -6.368  4.078   1.00 35.21  ? 37   ASP A CG  1 
ATOM   274  O  OD1 . ASP A 1 47  ? 14.060  -6.866  5.191   1.00 36.54  ? 37   ASP A OD1 1 
ATOM   275  O  OD2 . ASP A 1 47  ? 12.663  -6.465  3.543   1.00 42.09  ? 37   ASP A OD2 1 
ATOM   276  N  N   . ALA A 1 48  ? 12.586  -3.416  4.257   1.00 24.86  ? 38   ALA A N   1 
ATOM   277  C  CA  . ALA A 1 48  ? 11.917  -2.719  5.358   1.00 24.34  ? 38   ALA A CA  1 
ATOM   278  C  C   . ALA A 1 48  ? 11.997  -1.189  5.267   1.00 29.02  ? 38   ALA A C   1 
ATOM   279  O  O   . ALA A 1 48  ? 11.511  -0.471  6.153   1.00 27.96  ? 38   ALA A O   1 
ATOM   280  C  CB  . ALA A 1 48  ? 12.421  -3.211  6.691   1.00 24.68  ? 38   ALA A CB  1 
ATOM   281  N  N   . ALA A 1 49  ? 12.589  -0.696  4.184   1.00 26.59  ? 39   ALA A N   1 
ATOM   282  C  CA  . ALA A 1 49  ? 12.683  0.738   3.975   1.00 27.51  ? 39   ALA A CA  1 
ATOM   283  C  C   . ALA A 1 49  ? 11.281  1.273   3.765   1.00 34.74  ? 39   ALA A C   1 
ATOM   284  O  O   . ALA A 1 49  ? 10.591  0.853   2.840   1.00 35.69  ? 39   ALA A O   1 
ATOM   285  C  CB  . ALA A 1 49  ? 13.548  1.042   2.769   1.00 28.30  ? 39   ALA A CB  1 
ATOM   286  N  N   . PRO A 1 50  ? 10.849  2.175   4.643   1.00 32.03  ? 40   PRO A N   1 
ATOM   287  C  CA  . PRO A 1 50  ? 9.511   2.737   4.559   1.00 31.24  ? 40   PRO A CA  1 
ATOM   288  C  C   . PRO A 1 50  ? 9.340   3.628   3.340   1.00 35.30  ? 40   PRO A C   1 
ATOM   289  O  O   . PRO A 1 50  ? 10.248  4.371   2.964   1.00 34.37  ? 40   PRO A O   1 
ATOM   290  C  CB  . PRO A 1 50  ? 9.410   3.568   5.831   1.00 32.62  ? 40   PRO A CB  1 
ATOM   291  C  CG  . PRO A 1 50  ? 10.789  3.993   6.099   1.00 37.07  ? 40   PRO A CG  1 
ATOM   292  C  CD  . PRO A 1 50  ? 11.670  2.864   5.651   1.00 32.72  ? 40   PRO A CD  1 
ATOM   293  N  N   . ILE A 1 51  ? 8.179   3.505   2.705   1.00 32.98  ? 41   ILE A N   1 
ATOM   294  C  CA  . ILE A 1 51  ? 7.817   4.326   1.566   1.00 33.66  ? 41   ILE A CA  1 
ATOM   295  C  C   . ILE A 1 51  ? 6.972   5.431   2.161   1.00 38.51  ? 41   ILE A C   1 
ATOM   296  O  O   . ILE A 1 51  ? 7.373   6.067   3.128   1.00 38.49  ? 41   ILE A O   1 
ATOM   297  C  CB  . ILE A 1 51  ? 6.947   3.528   0.553   1.00 37.46  ? 41   ILE A CB  1 
ATOM   298  C  CG1 . ILE A 1 51  ? 7.662   2.257   0.123   1.00 37.71  ? 41   ILE A CG1 1 
ATOM   299  C  CG2 . ILE A 1 51  ? 6.645   4.373   -0.679  1.00 39.85  ? 41   ILE A CG2 1 
ATOM   300  C  CD1 . ILE A 1 51  ? 9.131   2.466   -0.112  1.00 45.98  ? 41   ILE A CD1 1 
ATOM   301  N  N   . GLY A 1 52  ? 5.753   5.575   1.670   1.00 36.25  ? 42   GLY A N   1 
ATOM   302  C  CA  . GLY A 1 52  ? 4.825   6.516   2.261   1.00 36.65  ? 42   GLY A CA  1 
ATOM   303  C  C   . GLY A 1 52  ? 4.057   5.770   3.342   1.00 41.65  ? 42   GLY A C   1 
ATOM   304  O  O   . GLY A 1 52  ? 4.447   4.674   3.750   1.00 42.61  ? 42   GLY A O   1 
ATOM   305  N  N   . PRO A 1 53  ? 2.982   6.378   3.817   1.00 36.57  ? 43   PRO A N   1 
ATOM   306  C  CA  . PRO A 1 53  ? 2.068   5.734   4.745   1.00 35.24  ? 43   PRO A CA  1 
ATOM   307  C  C   . PRO A 1 53  ? 0.699   6.079   4.183   1.00 39.18  ? 43   PRO A C   1 
ATOM   308  O  O   . PRO A 1 53  ? 0.604   6.764   3.160   1.00 39.25  ? 43   PRO A O   1 
ATOM   309  C  CB  . PRO A 1 53  ? 2.331   6.457   6.071   1.00 36.23  ? 43   PRO A CB  1 
ATOM   310  C  CG  . PRO A 1 53  ? 2.941   7.742   5.695   1.00 40.81  ? 43   PRO A CG  1 
ATOM   311  C  CD  . PRO A 1 53  ? 3.697   7.510   4.430   1.00 36.43  ? 43   PRO A CD  1 
ATOM   312  N  N   . VAL A 1 54  ? -0.355  5.542   4.775   1.00 34.89  ? 44   VAL A N   1 
ATOM   313  C  CA  . VAL A 1 54  ? -1.688  5.821   4.284   1.00 34.15  ? 44   VAL A CA  1 
ATOM   314  C  C   . VAL A 1 54  ? -2.663  5.926   5.440   1.00 37.77  ? 44   VAL A C   1 
ATOM   315  O  O   . VAL A 1 54  ? -2.710  5.045   6.303   1.00 36.73  ? 44   VAL A O   1 
ATOM   316  C  CB  . VAL A 1 54  ? -2.158  4.750   3.301   1.00 37.89  ? 44   VAL A CB  1 
ATOM   317  C  CG1 . VAL A 1 54  ? -3.670  4.806   3.151   1.00 38.00  ? 44   VAL A CG1 1 
ATOM   318  C  CG2 . VAL A 1 54  ? -1.471  4.925   1.952   1.00 37.32  ? 44   VAL A CG2 1 
ATOM   319  N  N   . THR A 1 55  ? -3.398  7.036   5.492   1.00 34.65  ? 45   THR A N   1 
ATOM   320  C  CA  . THR A 1 55  ? -4.336  7.260   6.587   1.00 34.56  ? 45   THR A CA  1 
ATOM   321  C  C   . THR A 1 55  ? -5.672  6.598   6.327   1.00 39.55  ? 45   THR A C   1 
ATOM   322  O  O   . THR A 1 55  ? -6.148  6.551   5.194   1.00 39.70  ? 45   THR A O   1 
ATOM   323  C  CB  . THR A 1 55  ? -4.537  8.743   6.890   1.00 37.76  ? 45   THR A CB  1 
ATOM   324  O  OG1 . THR A 1 55  ? -3.713  9.519   6.010   1.00 39.65  ? 45   THR A OG1 1 
ATOM   325  C  CG2 . THR A 1 55  ? -4.164  9.040   8.343   1.00 32.24  ? 45   THR A CG2 1 
ATOM   326  N  N   . VAL A 1 56  ? -6.260  6.058   7.382   1.00 36.09  ? 46   VAL A N   1 
ATOM   327  C  CA  . VAL A 1 56  ? -7.508  5.342   7.260   1.00 36.00  ? 46   VAL A CA  1 
ATOM   328  C  C   . VAL A 1 56  ? -8.458  5.712   8.388   1.00 41.94  ? 46   VAL A C   1 
ATOM   329  O  O   . VAL A 1 56  ? -8.054  5.798   9.553   1.00 41.62  ? 46   VAL A O   1 
ATOM   330  C  CB  . VAL A 1 56  ? -7.261  3.829   7.289   1.00 39.42  ? 46   VAL A CB  1 
ATOM   331  C  CG1 . VAL A 1 56  ? -8.553  3.080   7.083   1.00 39.47  ? 46   VAL A CG1 1 
ATOM   332  C  CG2 . VAL A 1 56  ? -6.238  3.440   6.239   1.00 38.99  ? 46   VAL A CG2 1 
ATOM   333  N  N   . GLN A 1 57  ? -9.723  5.936   8.043   1.00 39.86  ? 47   GLN A N   1 
ATOM   334  C  CA  . GLN A 1 57  ? -10.737 6.238   9.044   1.00 40.52  ? 47   GLN A CA  1 
ATOM   335  C  C   . GLN A 1 57  ? -12.062 5.568   8.738   1.00 45.10  ? 47   GLN A C   1 
ATOM   336  O  O   . GLN A 1 57  ? -12.848 6.066   7.937   1.00 44.40  ? 47   GLN A O   1 
ATOM   337  C  CB  . GLN A 1 57  ? -10.931 7.747   9.208   1.00 42.26  ? 47   GLN A CB  1 
ATOM   338  C  CG  . GLN A 1 57  ? -11.508 8.163   10.580  1.00 61.83  ? 47   GLN A CG  1 
ATOM   339  C  CD  . GLN A 1 57  ? -11.249 7.131   11.680  1.00 80.17  ? 47   GLN A CD  1 
ATOM   340  O  OE1 . GLN A 1 57  ? -10.288 7.245   12.445  1.00 76.64  ? 47   GLN A OE1 1 
ATOM   341  N  NE2 . GLN A 1 57  ? -12.140 6.151   11.795  1.00 68.13  ? 47   GLN A NE2 1 
ATOM   342  N  N   . ALA A 1 58  ? -12.311 4.439   9.393   1.00 42.86  ? 48   ALA A N   1 
ATOM   343  C  CA  . ALA A 1 58  ? -13.557 3.709   9.211   1.00 42.99  ? 48   ALA A CA  1 
ATOM   344  C  C   . ALA A 1 58  ? -14.641 4.289   10.109  1.00 47.98  ? 48   ALA A C   1 
ATOM   345  O  O   . ALA A 1 58  ? -14.415 4.530   11.292  1.00 46.94  ? 48   ALA A O   1 
ATOM   346  C  CB  . ALA A 1 58  ? -13.357 2.228   9.502   1.00 43.59  ? 48   ALA A CB  1 
ATOM   347  N  N   . LEU A 1 59  ? -15.810 4.543   9.528   1.00 46.44  ? 49   LEU A N   1 
ATOM   348  C  CA  . LEU A 1 59  ? -16.939 5.095   10.271  1.00 46.92  ? 49   LEU A CA  1 
ATOM   349  C  C   . LEU A 1 59  ? -18.115 4.137   10.262  1.00 51.42  ? 49   LEU A C   1 
ATOM   350  O  O   . LEU A 1 59  ? -18.313 3.395   9.298   1.00 51.22  ? 49   LEU A O   1 
ATOM   351  C  CB  . LEU A 1 59  ? -17.360 6.440   9.684   1.00 47.16  ? 49   LEU A CB  1 
ATOM   352  C  CG  . LEU A 1 59  ? -16.406 7.583   10.024  1.00 52.83  ? 49   LEU A CG  1 
ATOM   353  C  CD1 . LEU A 1 59  ? -17.097 8.932   9.871   1.00 53.44  ? 49   LEU A CD1 1 
ATOM   354  C  CD2 . LEU A 1 59  ? -15.839 7.411   11.436  1.00 55.52  ? 49   LEU A CD2 1 
ATOM   355  N  N   . GLY A 1 60  ? -18.888 4.150   11.344  1.00 48.07  ? 50   GLY A N   1 
ATOM   356  C  CA  . GLY A 1 60  ? -20.059 3.287   11.468  1.00 47.86  ? 50   GLY A CA  1 
ATOM   357  C  C   . GLY A 1 60  ? -19.750 1.839   11.091  1.00 51.35  ? 50   GLY A C   1 
ATOM   358  O  O   . GLY A 1 60  ? -20.570 1.156   10.468  1.00 50.72  ? 50   GLY A O   1 
ATOM   359  N  N   . CYS A 1 61  ? -18.558 1.379   11.457  1.00 47.49  ? 51   CYS A N   1 
ATOM   360  C  CA  . CYS A 1 61  ? -18.150 0.011   11.162  1.00 46.82  ? 51   CYS A CA  1 
ATOM   361  C  C   . CYS A 1 61  ? -17.960 -0.781  12.452  1.00 54.40  ? 51   CYS A C   1 
ATOM   362  O  O   . CYS A 1 61  ? -17.050 -1.603  12.562  1.00 54.85  ? 51   CYS A O   1 
ATOM   363  C  CB  . CYS A 1 61  ? -16.867 0.001   10.329  1.00 45.56  ? 51   CYS A CB  1 
ATOM   364  S  SG  . CYS A 1 61  ? -17.075 0.686   8.656   1.00 48.44  ? 51   CYS A SG  1 
ATOM   365  N  N   . ASN A 1 62  ? -18.846 -0.544  13.416  1.00 52.21  ? 52   ASN A N   1 
ATOM   366  C  CA  . ASN A 1 62  ? -18.762 -1.187  14.725  1.00 52.20  ? 52   ASN A CA  1 
ATOM   367  C  C   . ASN A 1 62  ? -19.275 -2.623  14.731  1.00 55.86  ? 52   ASN A C   1 
ATOM   368  O  O   . ASN A 1 62  ? -19.235 -3.295  15.766  1.00 55.93  ? 52   ASN A O   1 
ATOM   369  C  CB  . ASN A 1 62  ? -19.507 -0.358  15.767  1.00 53.44  ? 52   ASN A CB  1 
ATOM   370  C  CG  . ASN A 1 62  ? -19.301 1.131   15.577  1.00 78.52  ? 52   ASN A CG  1 
ATOM   371  O  OD1 . ASN A 1 62  ? -19.976 1.770   14.761  1.00 64.83  ? 52   ASN A OD1 1 
ATOM   372  N  ND2 . ASN A 1 62  ? -18.336 1.689   16.303  1.00 75.09  ? 52   ASN A ND2 1 
ATOM   373  N  N   . ALA A 1 63  ? -19.740 -3.096  13.580  1.00 51.17  ? 53   ALA A N   1 
ATOM   374  C  CA  . ALA A 1 63  ? -20.259 -4.453  13.472  1.00 50.57  ? 53   ALA A CA  1 
ATOM   375  C  C   . ALA A 1 63  ? -19.725 -5.140  12.231  1.00 53.41  ? 53   ALA A C   1 
ATOM   376  O  O   . ALA A 1 63  ? -20.211 -6.204  11.843  1.00 53.22  ? 53   ALA A O   1 
ATOM   377  C  CB  . ALA A 1 63  ? -21.769 -4.437  13.446  1.00 51.40  ? 53   ALA A CB  1 
ATOM   378  N  N   . ARG A 1 64  ? -18.749 -4.507  11.589  1.00 48.37  ? 54   ARG A N   1 
ATOM   379  C  CA  . ARG A 1 64  ? -18.159 -5.051  10.374  1.00 47.06  ? 54   ARG A CA  1 
ATOM   380  C  C   . ARG A 1 64  ? -16.643 -4.931  10.440  1.00 48.21  ? 54   ARG A C   1 
ATOM   381  O  O   . ARG A 1 64  ? -16.111 -4.072  11.152  1.00 47.94  ? 54   ARG A O   1 
ATOM   382  C  CB  . ARG A 1 64  ? -18.698 -4.313  9.143   1.00 47.18  ? 54   ARG A CB  1 
ATOM   383  C  CG  . ARG A 1 64  ? -20.198 -4.475  8.922   1.00 57.95  ? 54   ARG A CG  1 
ATOM   384  C  CD  . ARG A 1 64  ? -20.483 -5.135  7.585   1.00 71.61  ? 54   ARG A CD  1 
ATOM   385  N  NE  . ARG A 1 64  ? -21.795 -5.777  7.552   1.00 85.85  ? 54   ARG A NE  1 
ATOM   386  C  CZ  . ARG A 1 64  ? -22.949 -5.120  7.515   1.00 103.27 ? 54   ARG A CZ  1 
ATOM   387  N  NH1 . ARG A 1 64  ? -22.961 -3.793  7.517   1.00 89.26  ? 54   ARG A NH1 1 
ATOM   388  N  NH2 . ARG A 1 64  ? -24.095 -5.790  7.475   1.00 93.41  ? 54   ARG A NH2 1 
ATOM   389  N  N   . GLN A 1 65  ? -15.949 -5.802  9.707   1.00 41.89  ? 55   GLN A N   1 
ATOM   390  C  CA  . GLN A 1 65  ? -14.484 -5.799  9.687   1.00 39.79  ? 55   GLN A CA  1 
ATOM   391  C  C   . GLN A 1 65  ? -13.894 -4.877  8.616   1.00 38.64  ? 55   GLN A C   1 
ATOM   392  O  O   . GLN A 1 65  ? -13.954 -5.178  7.418   1.00 37.68  ? 55   GLN A O   1 
ATOM   393  C  CB  . GLN A 1 65  ? -13.952 -7.215  9.502   1.00 41.08  ? 55   GLN A CB  1 
ATOM   394  C  CG  . GLN A 1 65  ? -14.221 -8.132  10.676  1.00 50.49  ? 55   GLN A CG  1 
ATOM   395  C  CD  . GLN A 1 65  ? -14.249 -9.591  10.271  1.00 63.75  ? 55   GLN A CD  1 
ATOM   396  O  OE1 . GLN A 1 65  ? -13.241 -10.144 9.813   1.00 54.63  ? 55   GLN A OE1 1 
ATOM   397  N  NE2 . GLN A 1 65  ? -15.411 -10.221 10.415  1.00 55.40  ? 55   GLN A NE2 1 
ATOM   398  N  N   . VAL A 1 66  ? -13.299 -3.772  9.066   1.00 31.51  ? 56   VAL A N   1 
ATOM   399  C  CA  . VAL A 1 66  ? -12.659 -2.799  8.183   1.00 29.12  ? 56   VAL A CA  1 
ATOM   400  C  C   . VAL A 1 66  ? -11.692 -3.472  7.203   1.00 30.37  ? 56   VAL A C   1 
ATOM   401  O  O   . VAL A 1 66  ? -11.024 -4.448  7.544   1.00 28.37  ? 56   VAL A O   1 
ATOM   402  C  CB  . VAL A 1 66  ? -11.918 -1.737  8.992   1.00 31.90  ? 56   VAL A CB  1 
ATOM   403  C  CG1 . VAL A 1 66  ? -11.121 -0.839  8.081   1.00 31.62  ? 56   VAL A CG1 1 
ATOM   404  C  CG2 . VAL A 1 66  ? -12.897 -0.938  9.832   1.00 31.30  ? 56   VAL A CG2 1 
ATOM   405  N  N   . ALA A 1 67  ? -11.646 -2.965  5.973   1.00 27.02  ? 57   ALA A N   1 
ATOM   406  C  CA  . ALA A 1 67  ? -10.844 -3.594  4.920   1.00 26.46  ? 57   ALA A CA  1 
ATOM   407  C  C   . ALA A 1 67  ? -10.253 -2.614  3.908   1.00 26.59  ? 57   ALA A C   1 
ATOM   408  O  O   . ALA A 1 67  ? -10.775 -1.519  3.709   1.00 26.06  ? 57   ALA A O   1 
ATOM   409  C  CB  . ALA A 1 67  ? -11.682 -4.660  4.187   1.00 27.32  ? 57   ALA A CB  1 
ATOM   410  N  N   . LEU A 1 68  ? -9.206  -3.062  3.220   1.00 20.12  ? 58   LEU A N   1 
ATOM   411  C  CA  . LEU A 1 68  ? -8.566  -2.282  2.169   1.00 19.11  ? 58   LEU A CA  1 
ATOM   412  C  C   . LEU A 1 68  ? -8.353  -3.206  0.973   1.00 22.17  ? 58   LEU A C   1 
ATOM   413  O  O   . LEU A 1 68  ? -8.008  -4.364  1.148   1.00 21.39  ? 58   LEU A O   1 
ATOM   414  C  CB  . LEU A 1 68  ? -7.212  -1.743  2.654   1.00 18.83  ? 58   LEU A CB  1 
ATOM   415  C  CG  . LEU A 1 68  ? -7.158  -0.368  3.334   1.00 22.40  ? 58   LEU A CG  1 
ATOM   416  C  CD1 . LEU A 1 68  ? -8.479  -0.008  3.935   1.00 22.31  ? 58   LEU A CD1 1 
ATOM   417  C  CD2 . LEU A 1 68  ? -6.073  -0.311  4.392   1.00 23.46  ? 58   LEU A CD2 1 
ATOM   418  N  N   . LYS A 1 69  ? -8.613  -2.717  -0.233  1.00 19.58  ? 59   LYS A N   1 
ATOM   419  C  CA  . LYS A 1 69  ? -8.429  -3.545  -1.421  1.00 20.37  ? 59   LYS A CA  1 
ATOM   420  C  C   . LYS A 1 69  ? -7.566  -2.885  -2.488  1.00 26.06  ? 59   LYS A C   1 
ATOM   421  O  O   . LYS A 1 69  ? -7.934  -1.857  -3.070  1.00 25.76  ? 59   LYS A O   1 
ATOM   422  C  CB  . LYS A 1 69  ? -9.764  -3.995  -2.013  1.00 23.72  ? 59   LYS A CB  1 
ATOM   423  C  CG  . LYS A 1 69  ? -9.622  -4.711  -3.371  1.00 45.57  ? 59   LYS A CG  1 
ATOM   424  C  CD  . LYS A 1 69  ? -10.763 -5.699  -3.630  1.00 57.25  ? 59   LYS A CD  1 
ATOM   425  C  CE  . LYS A 1 69  ? -10.290 -6.904  -4.433  1.00 71.21  ? 59   LYS A CE  1 
ATOM   426  N  NZ  . LYS A 1 69  ? -9.204  -6.543  -5.393  1.00 85.19  ? 59   LYS A NZ  1 
ATOM   427  N  N   . ALA A 1 70  ? -6.416  -3.491  -2.747  1.00 23.47  ? 60   ALA A N   1 
ATOM   428  C  CA  . ALA A 1 70  ? -5.487  -2.963  -3.724  1.00 23.71  ? 60   ALA A CA  1 
ATOM   429  C  C   . ALA A 1 70  ? -6.037  -3.156  -5.121  1.00 28.55  ? 60   ALA A C   1 
ATOM   430  O  O   . ALA A 1 70  ? -6.778  -4.103  -5.378  1.00 27.72  ? 60   ALA A O   1 
ATOM   431  C  CB  . ALA A 1 70  ? -4.146  -3.651  -3.585  1.00 24.46  ? 60   ALA A CB  1 
ATOM   432  N  N   . ASP A 1 71  ? -5.675  -2.257  -6.028  1.00 26.62  ? 61   ASP A N   1 
ATOM   433  C  CA  . ASP A 1 71  ? -6.091  -2.384  -7.414  1.00 27.47  ? 61   ASP A CA  1 
ATOM   434  C  C   . ASP A 1 71  ? -5.602  -3.742  -7.891  1.00 33.31  ? 61   ASP A C   1 
ATOM   435  O  O   . ASP A 1 71  ? -4.699  -4.322  -7.295  1.00 32.46  ? 61   ASP A O   1 
ATOM   436  C  CB  . ASP A 1 71  ? -5.460  -1.283  -8.274  1.00 29.52  ? 61   ASP A CB  1 
ATOM   437  C  CG  . ASP A 1 71  ? -6.247  0.015   -8.240  1.00 39.47  ? 61   ASP A CG  1 
ATOM   438  O  OD1 . ASP A 1 71  ? -7.166  0.145   -7.392  1.00 40.65  ? 61   ASP A OD1 1 
ATOM   439  O  OD2 . ASP A 1 71  ? -5.903  0.925   -9.028  1.00 42.84  ? 61   ASP A OD2 1 
ATOM   440  N  N   . THR A 1 72  ? -6.187  -4.244  -8.970  1.00 32.01  ? 62   THR A N   1 
ATOM   441  C  CA  . THR A 1 72  ? -5.804  -5.546  -9.493  1.00 32.33  ? 62   THR A CA  1 
ATOM   442  C  C   . THR A 1 72  ? -4.345  -5.606  -9.948  1.00 36.63  ? 62   THR A C   1 
ATOM   443  O  O   . THR A 1 72  ? -3.756  -6.688  -10.022 1.00 36.68  ? 62   THR A O   1 
ATOM   444  C  CB  . THR A 1 72  ? -6.724  -6.004  -10.635 1.00 40.15  ? 62   THR A CB  1 
ATOM   445  O  OG1 . THR A 1 72  ? -8.067  -5.566  -10.379 1.00 39.16  ? 62   THR A OG1 1 
ATOM   446  C  CG2 . THR A 1 72  ? -6.698  -7.523  -10.745 1.00 38.05  ? 62   THR A CG2 1 
ATOM   447  N  N   . ASP A 1 73  ? -3.762  -4.447  -10.236 1.00 32.91  ? 63   ASP A N   1 
ATOM   448  C  CA  . ASP A 1 73  ? -2.374  -4.388  -10.686 1.00 33.11  ? 63   ASP A CA  1 
ATOM   449  C  C   . ASP A 1 73  ? -1.421  -4.136  -9.533  1.00 36.73  ? 63   ASP A C   1 
ATOM   450  O  O   . ASP A 1 73  ? -0.243  -3.845  -9.747  1.00 36.50  ? 63   ASP A O   1 
ATOM   451  C  CB  . ASP A 1 73  ? -2.193  -3.296  -11.739 1.00 35.41  ? 63   ASP A CB  1 
ATOM   452  C  CG  . ASP A 1 73  ? -3.404  -2.405  -11.865 1.00 52.47  ? 63   ASP A CG  1 
ATOM   453  O  OD1 . ASP A 1 73  ? -4.520  -2.946  -12.014 1.00 55.69  ? 63   ASP A OD1 1 
ATOM   454  O  OD2 . ASP A 1 73  ? -3.244  -1.166  -11.804 1.00 58.23  ? 63   ASP A OD2 1 
ATOM   455  N  N   . ASN A 1 74  ? -1.930  -4.236  -8.311  1.00 32.36  ? 64   ASN A N   1 
ATOM   456  C  CA  . ASN A 1 74  ? -1.123  -3.945  -7.140  1.00 31.49  ? 64   ASN A CA  1 
ATOM   457  C  C   . ASN A 1 74  ? -0.926  -5.145  -6.242  1.00 35.33  ? 64   ASN A C   1 
ATOM   458  O  O   . ASN A 1 74  ? -0.294  -5.038  -5.193  1.00 34.56  ? 64   ASN A O   1 
ATOM   459  C  CB  . ASN A 1 74  ? -1.735  -2.791  -6.346  1.00 29.32  ? 64   ASN A CB  1 
ATOM   460  C  CG  . ASN A 1 74  ? -1.624  -1.460  -7.071  1.00 33.97  ? 64   ASN A CG  1 
ATOM   461  O  OD1 . ASN A 1 74  ? -0.544  -1.060  -7.496  1.00 26.31  ? 64   ASN A OD1 1 
ATOM   462  N  ND2 . ASN A 1 74  ? -2.738  -0.753  -7.180  1.00 21.06  ? 64   ASN A ND2 1 
ATOM   463  N  N   . PHE A 1 75  ? -1.463  -6.288  -6.651  1.00 33.18  ? 65   PHE A N   1 
ATOM   464  C  CA  . PHE A 1 75  ? -1.340  -7.502  -5.855  1.00 34.14  ? 65   PHE A CA  1 
ATOM   465  C  C   . PHE A 1 75  ? -1.432  -8.755  -6.692  1.00 38.07  ? 65   PHE A C   1 
ATOM   466  O  O   . PHE A 1 75  ? -2.280  -8.859  -7.582  1.00 38.04  ? 65   PHE A O   1 
ATOM   467  C  CB  . PHE A 1 75  ? -2.421  -7.556  -4.779  1.00 36.87  ? 65   PHE A CB  1 
ATOM   468  C  CG  . PHE A 1 75  ? -3.733  -8.108  -5.266  1.00 39.80  ? 65   PHE A CG  1 
ATOM   469  C  CD1 . PHE A 1 75  ? -4.136  -9.390  -4.924  1.00 43.72  ? 65   PHE A CD1 1 
ATOM   470  C  CD2 . PHE A 1 75  ? -4.573  -7.337  -6.062  1.00 43.55  ? 65   PHE A CD2 1 
ATOM   471  C  CE1 . PHE A 1 75  ? -5.351  -9.892  -5.364  1.00 45.25  ? 65   PHE A CE1 1 
ATOM   472  C  CE2 . PHE A 1 75  ? -5.800  -7.832  -6.499  1.00 46.93  ? 65   PHE A CE2 1 
ATOM   473  C  CZ  . PHE A 1 75  ? -6.193  -9.104  -6.140  1.00 45.01  ? 65   PHE A CZ  1 
ATOM   474  N  N   . GLU A 1 76  ? -0.612  -9.739  -6.339  1.00 34.07  ? 66   GLU A N   1 
ATOM   475  C  CA  . GLU A 1 76  ? -0.645  -11.047 -6.986  1.00 33.02  ? 66   GLU A CA  1 
ATOM   476  C  C   . GLU A 1 76  ? -0.106  -12.154 -6.082  1.00 32.92  ? 66   GLU A C   1 
ATOM   477  O  O   . GLU A 1 76  ? 0.989   -12.048 -5.529  1.00 31.20  ? 66   GLU A O   1 
ATOM   478  C  CB  . GLU A 1 76  ? 0.126   -11.038 -8.308  1.00 34.40  ? 66   GLU A CB  1 
ATOM   479  C  CG  . GLU A 1 76  ? 0.467   -12.436 -8.814  1.00 44.36  ? 66   GLU A CG  1 
ATOM   480  C  CD  . GLU A 1 76  ? 0.866   -12.447 -10.268 1.00 68.80  ? 66   GLU A CD  1 
ATOM   481  O  OE1 . GLU A 1 76  ? 0.220   -13.172 -11.052 1.00 57.85  ? 66   GLU A OE1 1 
ATOM   482  O  OE2 . GLU A 1 76  ? 1.832   -11.736 -10.625 1.00 71.83  ? 66   GLU A OE2 1 
ATOM   483  N  N   . GLN A 1 77  ? -0.878  -13.219 -5.952  1.00 28.11  ? 67   GLN A N   1 
ATOM   484  C  CA  . GLN A 1 77  ? -0.429  -14.382 -5.219  1.00 27.87  ? 67   GLN A CA  1 
ATOM   485  C  C   . GLN A 1 77  ? 0.000   -14.046 -3.781  1.00 32.79  ? 67   GLN A C   1 
ATOM   486  O  O   . GLN A 1 77  ? 1.011   -14.560 -3.280  1.00 32.28  ? 67   GLN A O   1 
ATOM   487  C  CB  . GLN A 1 77  ? 0.713   -15.056 -5.986  1.00 29.05  ? 67   GLN A CB  1 
ATOM   488  C  CG  . GLN A 1 77  ? 0.376   -16.435 -6.578  1.00 40.50  ? 67   GLN A CG  1 
ATOM   489  C  CD  . GLN A 1 77  ? -1.051  -16.546 -7.095  1.00 52.30  ? 67   GLN A CD  1 
ATOM   490  O  OE1 . GLN A 1 77  ? -1.374  -16.040 -8.173  1.00 41.53  ? 67   GLN A OE1 1 
ATOM   491  N  NE2 . GLN A 1 77  ? -1.881  -17.304 -6.379  1.00 47.11  ? 67   GLN A NE2 1 
ATOM   492  N  N   . GLY A 1 78  ? -0.798  -13.214 -3.113  1.00 29.69  ? 68   GLY A N   1 
ATOM   493  C  CA  . GLY A 1 78  ? -0.560  -12.860 -1.710  1.00 29.09  ? 68   GLY A CA  1 
ATOM   494  C  C   . GLY A 1 78  ? 0.635   -11.928 -1.506  1.00 31.12  ? 68   GLY A C   1 
ATOM   495  O  O   . GLY A 1 78  ? 1.426   -12.110 -0.585  1.00 31.17  ? 68   GLY A O   1 
ATOM   496  N  N   . LYS A 1 79  ? 0.753   -10.925 -2.360  1.00 25.50  ? 69   LYS A N   1 
ATOM   497  C  CA  . LYS A 1 79  ? 1.839   -9.966  -2.257  1.00 24.12  ? 69   LYS A CA  1 
ATOM   498  C  C   . LYS A 1 79  ? 1.442   -8.662  -2.939  1.00 27.69  ? 69   LYS A C   1 
ATOM   499  O  O   . LYS A 1 79  ? 0.930   -8.664  -4.062  1.00 27.83  ? 69   LYS A O   1 
ATOM   500  C  CB  . LYS A 1 79  ? 3.112   -10.531 -2.888  1.00 25.28  ? 69   LYS A CB  1 
ATOM   501  C  CG  . LYS A 1 79  ? 3.921   -11.419 -1.958  1.00 27.81  ? 69   LYS A CG  1 
ATOM   502  C  CD  . LYS A 1 79  ? 5.383   -11.000 -1.906  1.00 28.80  ? 69   LYS A CD  1 
ATOM   503  C  CE  . LYS A 1 79  ? 6.216   -11.994 -1.106  1.00 31.44  ? 69   LYS A CE  1 
ATOM   504  N  NZ  . LYS A 1 79  ? 6.334   -11.621 0.331   1.00 38.03  ? 69   LYS A NZ  1 
ATOM   505  N  N   . PHE A 1 80  ? 1.626   -7.554  -2.233  1.00 22.66  ? 70   PHE A N   1 
ATOM   506  C  CA  . PHE A 1 80  ? 1.304   -6.241  -2.771  1.00 21.46  ? 70   PHE A CA  1 
ATOM   507  C  C   . PHE A 1 80  ? 2.568   -5.616  -3.353  1.00 26.46  ? 70   PHE A C   1 
ATOM   508  O  O   . PHE A 1 80  ? 3.666   -5.798  -2.822  1.00 27.15  ? 70   PHE A O   1 
ATOM   509  C  CB  . PHE A 1 80  ? 0.764   -5.343  -1.663  1.00 22.51  ? 70   PHE A CB  1 
ATOM   510  C  CG  . PHE A 1 80  ? -0.517  -5.825  -1.063  1.00 23.43  ? 70   PHE A CG  1 
ATOM   511  C  CD1 . PHE A 1 80  ? -0.514  -6.528  0.123   1.00 26.76  ? 70   PHE A CD1 1 
ATOM   512  C  CD2 . PHE A 1 80  ? -1.726  -5.510  -1.644  1.00 25.53  ? 70   PHE A CD2 1 
ATOM   513  C  CE1 . PHE A 1 80  ? -1.697  -6.933  0.705   1.00 27.81  ? 70   PHE A CE1 1 
ATOM   514  C  CE2 . PHE A 1 80  ? -2.910  -5.909  -1.070  1.00 28.61  ? 70   PHE A CE2 1 
ATOM   515  C  CZ  . PHE A 1 80  ? -2.896  -6.626  0.105   1.00 26.89  ? 70   PHE A CZ  1 
ATOM   516  N  N   . PHE A 1 81  ? 2.413   -4.837  -4.411  1.00 22.76  ? 71   PHE A N   1 
ATOM   517  C  CA  . PHE A 1 81  ? 3.563   -4.197  -5.035  1.00 22.88  ? 71   PHE A CA  1 
ATOM   518  C  C   . PHE A 1 81  ? 3.110   -2.951  -5.769  1.00 26.45  ? 71   PHE A C   1 
ATOM   519  O  O   . PHE A 1 81  ? 2.074   -2.952  -6.426  1.00 26.36  ? 71   PHE A O   1 
ATOM   520  C  CB  . PHE A 1 81  ? 4.200   -5.151  -6.032  1.00 24.87  ? 71   PHE A CB  1 
ATOM   521  C  CG  . PHE A 1 81  ? 3.223   -5.704  -7.022  1.00 26.82  ? 71   PHE A CG  1 
ATOM   522  C  CD1 . PHE A 1 81  ? 2.883   -4.980  -8.152  1.00 30.01  ? 71   PHE A CD1 1 
ATOM   523  C  CD2 . PHE A 1 81  ? 2.530   -6.875  -6.748  1.00 29.46  ? 71   PHE A CD2 1 
ATOM   524  C  CE1 . PHE A 1 81  ? 1.926   -5.447  -9.029  1.00 31.20  ? 71   PHE A CE1 1 
ATOM   525  C  CE2 . PHE A 1 81  ? 1.565   -7.352  -7.623  1.00 32.39  ? 71   PHE A CE2 1 
ATOM   526  C  CZ  . PHE A 1 81  ? 1.261   -6.635  -8.762  1.00 30.66  ? 71   PHE A CZ  1 
ATOM   527  N  N   . LEU A 1 82  ? 3.893   -1.888  -5.662  1.00 22.22  ? 72   LEU A N   1 
ATOM   528  C  CA  . LEU A 1 82  ? 3.585   -0.664  -6.370  1.00 21.74  ? 72   LEU A CA  1 
ATOM   529  C  C   . LEU A 1 82  ? 3.866   -0.927  -7.842  1.00 27.57  ? 72   LEU A C   1 
ATOM   530  O  O   . LEU A 1 82  ? 4.848   -1.592  -8.176  1.00 27.20  ? 72   LEU A O   1 
ATOM   531  C  CB  . LEU A 1 82  ? 4.476   0.470   -5.864  1.00 21.25  ? 72   LEU A CB  1 
ATOM   532  C  CG  . LEU A 1 82  ? 3.953   1.299   -4.695  1.00 24.77  ? 72   LEU A CG  1 
ATOM   533  C  CD1 . LEU A 1 82  ? 4.133   0.554   -3.388  1.00 24.58  ? 72   LEU A CD1 1 
ATOM   534  C  CD2 . LEU A 1 82  ? 4.670   2.631   -4.661  1.00 26.20  ? 72   LEU A CD2 1 
ATOM   535  N  N   . ILE A 1 83  ? 2.987   -0.460  -8.722  1.00 25.39  ? 73   ILE A N   1 
ATOM   536  C  CA  . ILE A 1 83  ? 3.191   -0.685  -10.147 1.00 25.91  ? 73   ILE A CA  1 
ATOM   537  C  C   . ILE A 1 83  ? 3.681   0.570   -10.858 1.00 33.79  ? 73   ILE A C   1 
ATOM   538  O  O   . ILE A 1 83  ? 3.360   1.693   -10.451 1.00 34.75  ? 73   ILE A O   1 
ATOM   539  C  CB  . ILE A 1 83  ? 1.944   -1.235  -10.832 1.00 28.42  ? 73   ILE A CB  1 
ATOM   540  C  CG1 . ILE A 1 83  ? 2.311   -1.828  -12.191 1.00 29.02  ? 73   ILE A CG1 1 
ATOM   541  C  CG2 . ILE A 1 83  ? 0.898   -0.163  -10.974 1.00 28.44  ? 73   ILE A CG2 1 
ATOM   542  C  CD1 . ILE A 1 83  ? 1.201   -2.668  -12.818 1.00 40.35  ? 73   ILE A CD1 1 
ATOM   543  N  N   . SER A 1 84  ? 4.504   0.382   -11.884 1.00 31.18  ? 74   SER A N   1 
ATOM   544  C  CA  . SER A 1 84  ? 5.046   1.514   -12.615 1.00 31.67  ? 74   SER A CA  1 
ATOM   545  C  C   . SER A 1 84  ? 4.050   2.042   -13.624 1.00 37.59  ? 74   SER A C   1 
ATOM   546  O  O   . SER A 1 84  ? 3.036   1.400   -13.905 1.00 36.24  ? 74   SER A O   1 
ATOM   547  C  CB  . SER A 1 84  ? 6.355   1.156   -13.309 1.00 35.41  ? 74   SER A CB  1 
ATOM   548  O  OG  . SER A 1 84  ? 6.709   2.162   -14.244 1.00 44.77  ? 74   SER A OG  1 
ATOM   549  N  N   . ASP A 1 85  ? 4.343   3.223   -14.158 1.00 36.97  ? 75   ASP A N   1 
ATOM   550  C  CA  . ASP A 1 85  ? 3.466   3.871   -15.121 1.00 38.00  ? 75   ASP A CA  1 
ATOM   551  C  C   . ASP A 1 85  ? 3.419   3.070   -16.421 1.00 43.75  ? 75   ASP A C   1 
ATOM   552  O  O   . ASP A 1 85  ? 2.561   3.304   -17.284 1.00 43.62  ? 75   ASP A O   1 
ATOM   553  C  CB  . ASP A 1 85  ? 3.933   5.308   -15.383 1.00 40.20  ? 75   ASP A CB  1 
ATOM   554  C  CG  . ASP A 1 85  ? 3.577   6.259   -14.243 1.00 54.08  ? 75   ASP A CG  1 
ATOM   555  O  OD1 . ASP A 1 85  ? 2.805   5.852   -13.348 1.00 56.20  ? 75   ASP A OD1 1 
ATOM   556  O  OD2 . ASP A 1 85  ? 4.061   7.418   -14.249 1.00 59.16  ? 75   ASP A OD2 1 
ATOM   557  N  N   . ASN A 1 86  ? 4.320   2.100   -16.538 1.00 40.57  ? 76   ASN A N   1 
ATOM   558  C  CA  . ASN A 1 86  ? 4.369   1.255   -17.719 1.00 40.43  ? 76   ASN A CA  1 
ATOM   559  C  C   . ASN A 1 86  ? 3.690   -0.088  -17.473 1.00 45.61  ? 76   ASN A C   1 
ATOM   560  O  O   . ASN A 1 86  ? 3.765   -0.991  -18.305 1.00 46.37  ? 76   ASN A O   1 
ATOM   561  C  CB  . ASN A 1 86  ? 5.814   1.045   -18.165 1.00 38.85  ? 76   ASN A CB  1 
ATOM   562  C  CG  . ASN A 1 86  ? 6.679   0.432   -17.081 1.00 51.62  ? 76   ASN A CG  1 
ATOM   563  O  OD1 . ASN A 1 86  ? 7.830   0.829   -16.895 1.00 43.92  ? 76   ASN A OD1 1 
ATOM   564  N  ND2 . ASN A 1 86  ? 6.155   -0.588  -16.407 1.00 40.47  ? 76   ASN A ND2 1 
ATOM   565  N  N   . ASN A 1 87  ? 3.054   -0.222  -16.314 1.00 41.67  ? 77   ASN A N   1 
ATOM   566  C  CA  . ASN A 1 87  ? 2.377   -1.468  -15.944 1.00 41.20  ? 77   ASN A CA  1 
ATOM   567  C  C   . ASN A 1 87  ? 3.276   -2.693  -16.143 1.00 42.09  ? 77   ASN A C   1 
ATOM   568  O  O   . ASN A 1 87  ? 2.808   -3.783  -16.475 1.00 40.62  ? 77   ASN A O   1 
ATOM   569  C  CB  . ASN A 1 87  ? 1.048   -1.615  -16.693 1.00 43.27  ? 77   ASN A CB  1 
ATOM   570  C  CG  . ASN A 1 87  ? 0.340   -0.288  -16.877 1.00 77.58  ? 77   ASN A CG  1 
ATOM   571  O  OD1 . ASN A 1 87  ? -0.021  0.378   -15.903 1.00 75.03  ? 77   ASN A OD1 1 
ATOM   572  N  ND2 . ASN A 1 87  ? 0.236   0.154   -18.125 1.00 72.05  ? 77   ASN A ND2 1 
ATOM   573  N  N   . ARG A 1 88  ? 4.563   -2.506  -15.888 1.00 37.50  ? 78   ARG A N   1 
ATOM   574  C  CA  . ARG A 1 88  ? 5.526   -3.588  -15.984 1.00 37.49  ? 78   ARG A CA  1 
ATOM   575  C  C   . ARG A 1 88  ? 6.328   -3.735  -14.686 1.00 39.39  ? 78   ARG A C   1 
ATOM   576  O  O   . ARG A 1 88  ? 6.164   -4.714  -13.954 1.00 39.77  ? 78   ARG A O   1 
ATOM   577  C  CB  . ARG A 1 88  ? 6.469   -3.359  -17.162 1.00 40.90  ? 78   ARG A CB  1 
ATOM   578  C  CG  . ARG A 1 88  ? 6.584   -4.550  -18.105 1.00 58.86  ? 78   ARG A CG  1 
ATOM   579  C  CD  . ARG A 1 88  ? 7.949   -4.587  -18.776 1.00 79.53  ? 78   ARG A CD  1 
ATOM   580  N  NE  . ARG A 1 88  ? 7.898   -5.218  -20.093 1.00 98.04  ? 78   ARG A NE  1 
ATOM   581  C  CZ  . ARG A 1 88  ? 8.262   -4.620  -21.225 1.00 115.83 ? 78   ARG A CZ  1 
ATOM   582  N  NH1 . ARG A 1 88  ? 8.696   -3.364  -21.206 1.00 105.05 ? 78   ARG A NH1 1 
ATOM   583  N  NH2 . ARG A 1 88  ? 8.183   -5.273  -22.380 1.00 100.90 ? 78   ARG A NH2 1 
ATOM   584  N  N   . ASP A 1 89  ? 7.202   -2.766  -14.415 1.00 32.62  ? 79   ASP A N   1 
ATOM   585  C  CA  . ASP A 1 89  ? 8.040   -2.789  -13.213 1.00 30.90  ? 79   ASP A CA  1 
ATOM   586  C  C   . ASP A 1 89  ? 7.210   -2.743  -11.931 1.00 28.82  ? 79   ASP A C   1 
ATOM   587  O  O   . ASP A 1 89  ? 6.181   -2.072  -11.873 1.00 28.57  ? 79   ASP A O   1 
ATOM   588  C  CB  . ASP A 1 89  ? 9.030   -1.620  -13.225 1.00 33.72  ? 79   ASP A CB  1 
ATOM   589  C  CG  . ASP A 1 89  ? 9.679   -1.410  -14.588 1.00 52.01  ? 79   ASP A CG  1 
ATOM   590  O  OD1 . ASP A 1 89  ? 9.826   -2.402  -15.341 1.00 54.08  ? 79   ASP A OD1 1 
ATOM   591  O  OD2 . ASP A 1 89  ? 10.058  -0.251  -14.894 1.00 58.49  ? 79   ASP A OD2 1 
ATOM   592  N  N   . LYS A 1 90  ? 7.674   -3.451  -10.902 1.00 20.72  ? 80   LYS A N   1 
ATOM   593  C  CA  . LYS A 1 90  ? 6.979   -3.503  -9.619  1.00 18.24  ? 80   LYS A CA  1 
ATOM   594  C  C   . LYS A 1 90  ? 7.930   -3.318  -8.443  1.00 19.83  ? 80   LYS A C   1 
ATOM   595  O  O   . LYS A 1 90  ? 9.095   -3.723  -8.491  1.00 19.10  ? 80   LYS A O   1 
ATOM   596  C  CB  . LYS A 1 90  ? 6.247   -4.838  -9.451  1.00 19.46  ? 80   LYS A CB  1 
ATOM   597  C  CG  . LYS A 1 90  ? 5.531   -5.337  -10.684 1.00 26.69  ? 80   LYS A CG  1 
ATOM   598  C  CD  . LYS A 1 90  ? 5.081   -6.777  -10.504 1.00 32.46  ? 80   LYS A CD  1 
ATOM   599  C  CE  . LYS A 1 90  ? 4.256   -7.255  -11.687 1.00 44.61  ? 80   LYS A CE  1 
ATOM   600  N  NZ  . LYS A 1 90  ? 3.337   -8.375  -11.321 1.00 55.78  ? 80   LYS A NZ  1 
ATOM   601  N  N   . LEU A 1 91  ? 7.407   -2.745  -7.367  1.00 14.99  ? 81   LEU A N   1 
ATOM   602  C  CA  . LEU A 1 91  ? 8.161   -2.583  -6.136  1.00 13.85  ? 81   LEU A CA  1 
ATOM   603  C  C   . LEU A 1 91  ? 7.369   -3.262  -5.042  1.00 17.33  ? 81   LEU A C   1 
ATOM   604  O  O   . LEU A 1 91  ? 6.321   -2.774  -4.631  1.00 16.38  ? 81   LEU A O   1 
ATOM   605  C  CB  . LEU A 1 91  ? 8.355   -1.108  -5.800  1.00 13.52  ? 81   LEU A CB  1 
ATOM   606  C  CG  . LEU A 1 91  ? 9.217   -0.874  -4.561  1.00 17.80  ? 81   LEU A CG  1 
ATOM   607  C  CD1 . LEU A 1 91  ? 10.685  -1.060  -4.901  1.00 18.37  ? 81   LEU A CD1 1 
ATOM   608  C  CD2 . LEU A 1 91  ? 8.976   0.494   -3.964  1.00 18.25  ? 81   LEU A CD2 1 
ATOM   609  N  N   . TYR A 1 92  ? 7.817   -4.444  -4.649  1.00 14.73  ? 82   TYR A N   1 
ATOM   610  C  CA  . TYR A 1 92  ? 7.098   -5.233  -3.657  1.00 14.32  ? 82   TYR A CA  1 
ATOM   611  C  C   . TYR A 1 92  ? 7.140   -4.588  -2.279  1.00 19.83  ? 82   TYR A C   1 
ATOM   612  O  O   . TYR A 1 92  ? 8.197   -4.158  -1.805  1.00 19.44  ? 82   TYR A O   1 
ATOM   613  C  CB  . TYR A 1 92  ? 7.634   -6.661  -3.607  1.00 13.90  ? 82   TYR A CB  1 
ATOM   614  C  CG  . TYR A 1 92  ? 7.308   -7.464  -4.840  1.00 14.37  ? 82   TYR A CG  1 
ATOM   615  C  CD1 . TYR A 1 92  ? 8.204   -7.544  -5.903  1.00 15.62  ? 82   TYR A CD1 1 
ATOM   616  C  CD2 . TYR A 1 92  ? 6.085   -8.112  -4.962  1.00 15.31  ? 82   TYR A CD2 1 
ATOM   617  C  CE1 . TYR A 1 92  ? 7.911   -8.291  -7.029  1.00 15.72  ? 82   TYR A CE1 1 
ATOM   618  C  CE2 . TYR A 1 92  ? 5.782   -8.867  -6.081  1.00 16.16  ? 82   TYR A CE2 1 
ATOM   619  C  CZ  . TYR A 1 92  ? 6.698   -8.960  -7.108  1.00 23.97  ? 82   TYR A CZ  1 
ATOM   620  O  OH  . TYR A 1 92  ? 6.391   -9.718  -8.218  1.00 27.35  ? 82   TYR A OH  1 
ATOM   621  N  N   . VAL A 1 93  ? 5.981   -4.513  -1.639  1.00 16.12  ? 83   VAL A N   1 
ATOM   622  C  CA  . VAL A 1 93  ? 5.908   -3.894  -0.340  1.00 15.54  ? 83   VAL A CA  1 
ATOM   623  C  C   . VAL A 1 93  ? 5.012   -4.659  0.602   1.00 18.03  ? 83   VAL A C   1 
ATOM   624  O  O   . VAL A 1 93  ? 4.143   -5.424  0.179   1.00 16.42  ? 83   VAL A O   1 
ATOM   625  C  CB  . VAL A 1 93  ? 5.419   -2.456  -0.451  1.00 19.85  ? 83   VAL A CB  1 
ATOM   626  C  CG1 . VAL A 1 93  ? 6.387   -1.650  -1.280  1.00 19.74  ? 83   VAL A CG1 1 
ATOM   627  C  CG2 . VAL A 1 93  ? 4.021   -2.411  -1.075  1.00 19.72  ? 83   VAL A CG2 1 
ATOM   628  N  N   . ASN A 1 94  ? 5.265   -4.467  1.889   1.00 14.74  ? 84   ASN A N   1 
ATOM   629  C  CA  . ASN A 1 94  ? 4.467   -5.062  2.938   1.00 14.45  ? 84   ASN A CA  1 
ATOM   630  C  C   . ASN A 1 94  ? 3.571   -3.965  3.464   1.00 19.30  ? 84   ASN A C   1 
ATOM   631  O  O   . ASN A 1 94  ? 3.938   -2.792  3.438   1.00 18.74  ? 84   ASN A O   1 
ATOM   632  C  CB  . ASN A 1 94  ? 5.363   -5.579  4.058   1.00 13.34  ? 84   ASN A CB  1 
ATOM   633  C  CG  . ASN A 1 94  ? 5.993   -6.896  3.726   1.00 34.61  ? 84   ASN A CG  1 
ATOM   634  O  OD1 . ASN A 1 94  ? 5.313   -7.821  3.299   1.00 35.86  ? 84   ASN A OD1 1 
ATOM   635  N  ND2 . ASN A 1 94  ? 7.310   -6.968  3.836   1.00 27.18  ? 84   ASN A ND2 1 
ATOM   636  N  N   . ILE A 1 95  ? 2.367   -4.336  3.866   1.00 17.13  ? 85   ILE A N   1 
ATOM   637  C  CA  . ILE A 1 95  ? 1.402   -3.376  4.348   1.00 18.06  ? 85   ILE A CA  1 
ATOM   638  C  C   . ILE A 1 95  ? 1.152   -3.679  5.810   1.00 26.11  ? 85   ILE A C   1 
ATOM   639  O  O   . ILE A 1 95  ? 0.799   -4.802  6.158   1.00 26.18  ? 85   ILE A O   1 
ATOM   640  C  CB  . ILE A 1 95  ? 0.082   -3.505  3.554   1.00 21.25  ? 85   ILE A CB  1 
ATOM   641  C  CG1 . ILE A 1 95  ? 0.119   -2.633  2.309   1.00 21.52  ? 85   ILE A CG1 1 
ATOM   642  C  CG2 . ILE A 1 95  ? -1.096  -3.145  4.399   1.00 23.30  ? 85   ILE A CG2 1 
ATOM   643  C  CD1 . ILE A 1 95  ? 1.059   -3.148  1.252   1.00 32.41  ? 85   ILE A CD1 1 
ATOM   644  N  N   . ARG A 1 96  ? 1.405   -2.711  6.682   1.00 25.92  ? 86   ARG A N   1 
ATOM   645  C  CA  . ARG A 1 96  ? 1.176   -2.941  8.103   1.00 27.66  ? 86   ARG A CA  1 
ATOM   646  C  C   . ARG A 1 96  ? 0.730   -1.709  8.864   1.00 33.52  ? 86   ARG A C   1 
ATOM   647  O  O   . ARG A 1 96  ? 1.187   -0.595  8.596   1.00 31.70  ? 86   ARG A O   1 
ATOM   648  C  CB  . ARG A 1 96  ? 2.376   -3.634  8.786   1.00 31.21  ? 86   ARG A CB  1 
ATOM   649  C  CG  . ARG A 1 96  ? 3.692   -2.841  8.804   1.00 48.69  ? 86   ARG A CG  1 
ATOM   650  C  CD  . ARG A 1 96  ? 4.914   -3.791  8.858   1.00 69.80  ? 86   ARG A CD  1 
ATOM   651  N  NE  . ARG A 1 96  ? 6.152   -3.120  9.288   1.00 85.33  ? 86   ARG A NE  1 
ATOM   652  C  CZ  . ARG A 1 96  ? 7.385   -3.483  8.915   1.00 94.01  ? 86   ARG A CZ  1 
ATOM   653  N  NH1 . ARG A 1 96  ? 7.564   -4.514  8.089   1.00 69.95  ? 86   ARG A NH1 1 
ATOM   654  N  NH2 . ARG A 1 96  ? 8.441   -2.810  9.361   1.00 79.71  ? 86   ARG A NH2 1 
ATOM   655  N  N   . PRO A 1 97  ? -0.211  -1.914  9.779   1.00 33.06  ? 87   PRO A N   1 
ATOM   656  C  CA  . PRO A 1 97  ? -0.737  -0.828  10.600  1.00 34.15  ? 87   PRO A CA  1 
ATOM   657  C  C   . PRO A 1 97  ? 0.246   -0.570  11.732  1.00 44.17  ? 87   PRO A C   1 
ATOM   658  O  O   . PRO A 1 97  ? 0.897   -1.498  12.213  1.00 44.49  ? 87   PRO A O   1 
ATOM   659  C  CB  . PRO A 1 97  ? -2.056  -1.398  11.144  1.00 34.93  ? 87   PRO A CB  1 
ATOM   660  C  CG  . PRO A 1 97  ? -1.983  -2.865  10.915  1.00 38.08  ? 87   PRO A CG  1 
ATOM   661  C  CD  . PRO A 1 97  ? -1.116  -3.072  9.732   1.00 33.07  ? 87   PRO A CD  1 
HETATM 662  N  N   . MSE A 1 98  ? 0.395   0.695   12.111  1.00 44.88  ? 88   MSE A N   1 
HETATM 663  C  CA  . MSE A 1 98  ? 1.353   1.088   13.140  1.00 47.30  ? 88   MSE A CA  1 
HETATM 664  C  C   . MSE A 1 98  ? 0.969   0.670   14.564  1.00 54.64  ? 88   MSE A C   1 
HETATM 665  O  O   . MSE A 1 98  ? 1.761   0.815   15.495  1.00 54.20  ? 88   MSE A O   1 
HETATM 666  C  CB  . MSE A 1 98  ? 1.589   2.580   13.088  1.00 50.64  ? 88   MSE A CB  1 
HETATM 667  C  CG  . MSE A 1 98  ? 1.793   3.136   11.705  1.00 60.03  ? 88   MSE A CG  1 
HETATM 668  SE SE  . MSE A 1 98  ? 3.248   2.283   10.749  1.00 63.00  ? 88   MSE A SE  1 
HETATM 669  C  CE  . MSE A 1 98  ? 3.941   3.818   9.836   1.00 59.57  ? 88   MSE A CE  1 
ATOM   670  N  N   . ASP A 1 99  ? -0.237  0.144   14.724  1.00 53.91  ? 89   ASP A N   1 
ATOM   671  C  CA  . ASP A 1 99  ? -0.709  -0.296  16.030  1.00 55.21  ? 89   ASP A CA  1 
ATOM   672  C  C   . ASP A 1 99  ? -0.552  -1.808  16.211  1.00 61.03  ? 89   ASP A C   1 
ATOM   673  O  O   . ASP A 1 99  ? -0.131  -2.521  15.294  1.00 60.32  ? 89   ASP A O   1 
ATOM   674  C  CB  . ASP A 1 99  ? -2.174  0.103   16.222  1.00 57.79  ? 89   ASP A CB  1 
ATOM   675  C  CG  . ASP A 1 99  ? -3.123  -0.801  15.463  1.00 71.83  ? 89   ASP A CG  1 
ATOM   676  O  OD1 . ASP A 1 99  ? -4.193  -1.141  16.008  1.00 72.14  ? 89   ASP A OD1 1 
ATOM   677  O  OD2 . ASP A 1 99  ? -2.778  -1.202  14.336  1.00 80.37  ? 89   ASP A OD2 1 
ATOM   678  N  N   . ASN A 1 100 ? -0.921  -2.295  17.391  1.00 59.57  ? 90   ASN A N   1 
ATOM   679  C  CA  . ASN A 1 100 ? -0.814  -3.720  17.695  1.00 60.48  ? 90   ASN A CA  1 
ATOM   680  C  C   . ASN A 1 100 ? -1.720  -4.558  16.795  1.00 63.95  ? 90   ASN A C   1 
ATOM   681  O  O   . ASN A 1 100 ? -1.392  -5.704  16.457  1.00 63.60  ? 90   ASN A O   1 
ATOM   682  C  CB  . ASN A 1 100 ? -1.158  -3.981  19.172  1.00 65.47  ? 90   ASN A CB  1 
ATOM   683  C  CG  . ASN A 1 100 ? 0.087   -4.116  20.056  1.00 99.72  ? 90   ASN A CG  1 
ATOM   684  O  OD1 . ASN A 1 100 ? 0.873   -5.063  19.914  1.00 93.39  ? 90   ASN A OD1 1 
ATOM   685  N  ND2 . ASN A 1 100 ? 0.243   -3.189  21.001  1.00 93.55  ? 90   ASN A ND2 1 
ATOM   686  N  N   . SER A 1 101 ? -2.856  -3.969  16.417  1.00 59.51  ? 91   SER A N   1 
ATOM   687  C  CA  . SER A 1 101 ? -3.901  -4.642  15.637  1.00 58.51  ? 91   SER A CA  1 
ATOM   688  C  C   . SER A 1 101 ? -3.440  -5.677  14.622  1.00 60.62  ? 91   SER A C   1 
ATOM   689  O  O   . SER A 1 101 ? -2.387  -5.536  13.993  1.00 60.68  ? 91   SER A O   1 
ATOM   690  C  CB  . SER A 1 101 ? -4.826  -3.626  14.978  1.00 61.56  ? 91   SER A CB  1 
ATOM   691  O  OG  . SER A 1 101 ? -4.152  -2.921  13.960  1.00 67.74  ? 91   SER A OG  1 
ATOM   692  N  N   . ALA A 1 102 ? -4.250  -6.718  14.463  1.00 55.30  ? 92   ALA A N   1 
ATOM   693  C  CA  . ALA A 1 102 ? -3.942  -7.801  13.539  1.00 54.54  ? 92   ALA A CA  1 
ATOM   694  C  C   . ALA A 1 102 ? -4.839  -7.761  12.311  1.00 55.65  ? 92   ALA A C   1 
ATOM   695  O  O   . ALA A 1 102 ? -6.026  -7.432  12.404  1.00 56.35  ? 92   ALA A O   1 
ATOM   696  C  CB  . ALA A 1 102 ? -4.072  -9.146  14.241  1.00 55.40  ? 92   ALA A CB  1 
ATOM   697  N  N   . TRP A 1 103 ? -4.270  -8.094  11.160  1.00 48.10  ? 93   TRP A N   1 
ATOM   698  C  CA  . TRP A 1 103 ? -5.032  -8.130  9.928   1.00 45.91  ? 93   TRP A CA  1 
ATOM   699  C  C   . TRP A 1 103 ? -4.769  -9.412  9.163   1.00 48.14  ? 93   TRP A C   1 
ATOM   700  O  O   . TRP A 1 103 ? -3.864  -10.175 9.494   1.00 46.94  ? 93   TRP A O   1 
ATOM   701  C  CB  . TRP A 1 103 ? -4.708  -6.919  9.062   1.00 43.89  ? 93   TRP A CB  1 
ATOM   702  C  CG  . TRP A 1 103 ? -5.032  -5.625  9.719   1.00 44.28  ? 93   TRP A CG  1 
ATOM   703  C  CD1 . TRP A 1 103 ? -4.596  -5.198  10.930  1.00 47.01  ? 93   TRP A CD1 1 
ATOM   704  C  CD2 . TRP A 1 103 ? -5.860  -4.576  9.198   1.00 43.96  ? 93   TRP A CD2 1 
ATOM   705  N  NE1 . TRP A 1 103 ? -5.104  -3.958  11.205  1.00 46.33  ? 93   TRP A NE1 1 
ATOM   706  C  CE2 . TRP A 1 103 ? -5.881  -3.551  10.153  1.00 47.72  ? 93   TRP A CE2 1 
ATOM   707  C  CE3 . TRP A 1 103 ? -6.565  -4.396  8.004   1.00 44.89  ? 93   TRP A CE3 1 
ATOM   708  C  CZ2 . TRP A 1 103 ? -6.585  -2.365  9.959   1.00 46.75  ? 93   TRP A CZ2 1 
ATOM   709  C  CZ3 . TRP A 1 103 ? -7.259  -3.219  7.817   1.00 45.92  ? 93   TRP A CZ3 1 
ATOM   710  C  CH2 . TRP A 1 103 ? -7.269  -2.223  8.790   1.00 46.43  ? 93   TRP A CH2 1 
ATOM   711  N  N   . THR A 1 104 ? -5.571  -9.643  8.134   1.00 45.03  ? 94   THR A N   1 
ATOM   712  C  CA  . THR A 1 104 ? -5.423  -10.820 7.298   1.00 45.35  ? 94   THR A CA  1 
ATOM   713  C  C   . THR A 1 104 ? -5.431  -10.412 5.832   1.00 50.60  ? 94   THR A C   1 
ATOM   714  O  O   . THR A 1 104 ? -6.315  -9.676  5.392   1.00 51.36  ? 94   THR A O   1 
ATOM   715  C  CB  . THR A 1 104 ? -6.581  -11.810 7.525   1.00 53.75  ? 94   THR A CB  1 
ATOM   716  O  OG1 . THR A 1 104 ? -6.436  -12.437 8.803   1.00 54.76  ? 94   THR A OG1 1 
ATOM   717  C  CG2 . THR A 1 104 ? -6.593  -12.872 6.442   1.00 52.43  ? 94   THR A CG2 1 
ATOM   718  N  N   . THR A 1 105 ? -4.451  -10.889 5.074   1.00 46.34  ? 95   THR A N   1 
ATOM   719  C  CA  . THR A 1 105 ? -4.414  -10.610 3.650   1.00 45.74  ? 95   THR A CA  1 
ATOM   720  C  C   . THR A 1 105 ? -5.098  -11.744 2.909   1.00 51.61  ? 95   THR A C   1 
ATOM   721  O  O   . THR A 1 105 ? -4.940  -12.907 3.270   1.00 52.50  ? 95   THR A O   1 
ATOM   722  C  CB  . THR A 1 105 ? -2.997  -10.464 3.145   1.00 46.36  ? 95   THR A CB  1 
ATOM   723  O  OG1 . THR A 1 105 ? -2.536  -9.137  3.414   1.00 44.87  ? 95   THR A OG1 1 
ATOM   724  C  CG2 . THR A 1 105 ? -2.947  -10.723 1.661   1.00 43.23  ? 95   THR A CG2 1 
ATOM   725  N  N   . ASP A 1 106 ? -5.899  -11.399 1.907   1.00 48.19  ? 96   ASP A N   1 
ATOM   726  C  CA  . ASP A 1 106 ? -6.645  -12.395 1.144   1.00 47.65  ? 96   ASP A CA  1 
ATOM   727  C  C   . ASP A 1 106 ? -7.015  -11.866 -0.235  1.00 50.50  ? 96   ASP A C   1 
ATOM   728  O  O   . ASP A 1 106 ? -7.990  -11.126 -0.390  1.00 49.91  ? 96   ASP A O   1 
ATOM   729  C  CB  . ASP A 1 106 ? -7.909  -12.807 1.907   1.00 49.36  ? 96   ASP A CB  1 
ATOM   730  C  CG  . ASP A 1 106 ? -8.725  -13.852 1.167   1.00 58.49  ? 96   ASP A CG  1 
ATOM   731  O  OD1 . ASP A 1 106 ? -9.804  -14.228 1.677   1.00 59.88  ? 96   ASP A OD1 1 
ATOM   732  O  OD2 . ASP A 1 106 ? -8.285  -14.308 0.087   1.00 61.33  ? 96   ASP A OD2 1 
ATOM   733  N  N   . ASN A 1 107 ? -6.237  -12.249 -1.238  1.00 46.64  ? 97   ASN A N   1 
ATOM   734  C  CA  . ASN A 1 107 ? -6.503  -11.820 -2.606  1.00 46.46  ? 97   ASN A CA  1 
ATOM   735  C  C   . ASN A 1 107 ? -6.618  -10.297 -2.734  1.00 48.69  ? 97   ASN A C   1 
ATOM   736  O  O   . ASN A 1 107 ? -7.653  -9.778  -3.169  1.00 48.98  ? 97   ASN A O   1 
ATOM   737  C  CB  . ASN A 1 107 ? -7.772  -12.493 -3.149  1.00 49.03  ? 97   ASN A CB  1 
ATOM   738  C  CG  . ASN A 1 107 ? -7.711  -12.739 -4.651  1.00 84.15  ? 97   ASN A CG  1 
ATOM   739  O  OD1 . ASN A 1 107 ? -6.831  -13.451 -5.140  1.00 85.52  ? 97   ASN A OD1 1 
ATOM   740  N  ND2 . ASN A 1 107 ? -8.662  -12.168 -5.385  1.00 76.04  ? 97   ASN A ND2 1 
ATOM   741  N  N   . GLY A 1 108 ? -5.536  -9.590  -2.420  1.00 42.35  ? 98   GLY A N   1 
ATOM   742  C  CA  . GLY A 1 108 ? -5.497  -8.137  -2.579  1.00 40.43  ? 98   GLY A CA  1 
ATOM   743  C  C   . GLY A 1 108 ? -6.210  -7.359  -1.480  1.00 39.67  ? 98   GLY A C   1 
ATOM   744  O  O   . GLY A 1 108 ? -6.044  -6.150  -1.365  1.00 38.85  ? 98   GLY A O   1 
ATOM   745  N  N   . VAL A 1 109 ? -7.029  -8.044  -0.696  1.00 33.55  ? 99   VAL A N   1 
ATOM   746  C  CA  . VAL A 1 109 ? -7.727  -7.387  0.388   1.00 32.39  ? 99   VAL A CA  1 
ATOM   747  C  C   . VAL A 1 109 ? -6.914  -7.514  1.651   1.00 35.16  ? 99   VAL A C   1 
ATOM   748  O  O   . VAL A 1 109 ? -6.217  -8.491  1.850   1.00 35.07  ? 99   VAL A O   1 
ATOM   749  C  CB  . VAL A 1 109 ? -9.112  -7.982  0.619   1.00 36.32  ? 99   VAL A CB  1 
ATOM   750  C  CG1 . VAL A 1 109 ? -9.667  -7.503  1.930   1.00 36.19  ? 99   VAL A CG1 1 
ATOM   751  C  CG2 . VAL A 1 109 ? -10.044 -7.602  -0.509  1.00 36.19  ? 99   VAL A CG2 1 
ATOM   752  N  N   . PHE A 1 110 ? -6.945  -6.480  2.466   1.00 31.74  ? 100  PHE A N   1 
ATOM   753  C  CA  . PHE A 1 110 ? -6.221  -6.460  3.718   1.00 32.07  ? 100  PHE A CA  1 
ATOM   754  C  C   . PHE A 1 110 ? -7.245  -6.016  4.735   1.00 38.51  ? 100  PHE A C   1 
ATOM   755  O  O   . PHE A 1 110 ? -7.580  -4.833  4.809   1.00 38.26  ? 100  PHE A O   1 
ATOM   756  C  CB  . PHE A 1 110 ? -5.081  -5.438  3.638   1.00 33.96  ? 100  PHE A CB  1 
ATOM   757  C  CG  . PHE A 1 110 ? -4.171  -5.438  4.834   1.00 35.66  ? 100  PHE A CG  1 
ATOM   758  C  CD1 . PHE A 1 110 ? -3.258  -6.461  5.028   1.00 38.99  ? 100  PHE A CD1 1 
ATOM   759  C  CD2 . PHE A 1 110 ? -4.178  -4.377  5.728   1.00 37.46  ? 100  PHE A CD2 1 
ATOM   760  C  CE1 . PHE A 1 110 ? -2.403  -6.451  6.120   1.00 39.70  ? 100  PHE A CE1 1 
ATOM   761  C  CE2 . PHE A 1 110 ? -3.330  -4.365  6.823   1.00 40.09  ? 100  PHE A CE2 1 
ATOM   762  C  CZ  . PHE A 1 110 ? -2.445  -5.403  7.020   1.00 38.20  ? 100  PHE A CZ  1 
ATOM   763  N  N   . TYR A 1 111 ? -7.860  -6.978  5.407   1.00 37.10  ? 101  TYR A N   1 
ATOM   764  C  CA  . TYR A 1 111 ? -8.931  -6.663  6.339   1.00 37.82  ? 101  TYR A CA  1 
ATOM   765  C  C   . TYR A 1 111 ? -8.576  -6.912  7.796   1.00 42.60  ? 101  TYR A C   1 
ATOM   766  O  O   . TYR A 1 111 ? -7.734  -7.750  8.115   1.00 40.70  ? 101  TYR A O   1 
ATOM   767  C  CB  . TYR A 1 111 ? -10.214 -7.400  5.960   1.00 39.58  ? 101  TYR A CB  1 
ATOM   768  C  CG  . TYR A 1 111 ? -10.106 -8.904  6.030   1.00 42.27  ? 101  TYR A CG  1 
ATOM   769  C  CD1 . TYR A 1 111 ? -9.887  -9.655  4.888   1.00 44.55  ? 101  TYR A CD1 1 
ATOM   770  C  CD2 . TYR A 1 111 ? -10.249 -9.571  7.235   1.00 43.53  ? 101  TYR A CD2 1 
ATOM   771  C  CE1 . TYR A 1 111 ? -9.793  -11.032 4.943   1.00 46.50  ? 101  TYR A CE1 1 
ATOM   772  C  CE2 . TYR A 1 111 ? -10.159 -10.948 7.305   1.00 44.95  ? 101  TYR A CE2 1 
ATOM   773  C  CZ  . TYR A 1 111 ? -9.934  -11.678 6.155   1.00 53.93  ? 101  TYR A CZ  1 
ATOM   774  O  OH  . TYR A 1 111 ? -9.847  -13.057 6.215   1.00 55.06  ? 101  TYR A OH  1 
ATOM   775  N  N   . LYS A 1 112 ? -9.213  -6.147  8.677   1.00 42.13  ? 102  LYS A N   1 
ATOM   776  C  CA  . LYS A 1 112 ? -8.985  -6.263  10.109  1.00 43.37  ? 102  LYS A CA  1 
ATOM   777  C  C   . LYS A 1 112 ? -9.632  -7.535  10.634  1.00 51.25  ? 102  LYS A C   1 
ATOM   778  O  O   . LYS A 1 112 ? -10.738 -7.894  10.229  1.00 50.63  ? 102  LYS A O   1 
ATOM   779  C  CB  . LYS A 1 112 ? -9.537  -5.038  10.845  1.00 45.39  ? 102  LYS A CB  1 
ATOM   780  C  CG  . LYS A 1 112 ? -8.968  -4.853  12.240  1.00 51.38  ? 102  LYS A CG  1 
ATOM   781  C  CD  . LYS A 1 112 ? -9.181  -3.435  12.747  1.00 53.20  ? 102  LYS A CD  1 
ATOM   782  C  CE  . LYS A 1 112 ? -8.589  -3.267  14.138  1.00 52.95  ? 102  LYS A CE  1 
ATOM   783  N  NZ  . LYS A 1 112 ? -8.361  -4.590  14.796  1.00 57.77  ? 102  LYS A NZ  1 
ATOM   784  N  N   . ASN A 1 113 ? -8.920  -8.227  11.518  1.00 51.07  ? 103  ASN A N   1 
ATOM   785  C  CA  . ASN A 1 113 ? -9.383  -9.504  12.053  1.00 52.11  ? 103  ASN A CA  1 
ATOM   786  C  C   . ASN A 1 113 ? -10.647 -9.373  12.898  1.00 57.82  ? 103  ASN A C   1 
ATOM   787  O  O   . ASN A 1 113 ? -11.471 -10.290 12.945  1.00 57.21  ? 103  ASN A O   1 
ATOM   788  C  CB  . ASN A 1 113 ? -8.272  -10.176 12.860  1.00 52.72  ? 103  ASN A CB  1 
ATOM   789  C  CG  . ASN A 1 113 ? -7.065  -10.513 12.016  1.00 70.48  ? 103  ASN A CG  1 
ATOM   790  O  OD1 . ASN A 1 113 ? -5.927  -10.317 12.439  1.00 63.55  ? 103  ASN A OD1 1 
ATOM   791  N  ND2 . ASN A 1 113 ? -7.308  -11.034 10.818  1.00 60.34  ? 103  ASN A ND2 1 
ATOM   792  N  N   . ASP A 1 114 ? -10.780 -8.243  13.585  1.00 55.51  ? 104  ASP A N   1 
ATOM   793  C  CA  . ASP A 1 114 ? -11.927 -8.003  14.450  1.00 55.96  ? 104  ASP A CA  1 
ATOM   794  C  C   . ASP A 1 114 ? -12.668 -6.745  14.023  1.00 59.17  ? 104  ASP A C   1 
ATOM   795  O  O   . ASP A 1 114 ? -12.061 -5.790  13.535  1.00 59.56  ? 104  ASP A O   1 
ATOM   796  C  CB  . ASP A 1 114 ? -11.476 -7.858  15.910  1.00 58.87  ? 104  ASP A CB  1 
ATOM   797  C  CG  . ASP A 1 114 ? -10.445 -8.909  16.320  1.00 75.54  ? 104  ASP A CG  1 
ATOM   798  O  OD1 . ASP A 1 114 ? -10.778 -10.119 16.296  1.00 77.10  ? 104  ASP A OD1 1 
ATOM   799  O  OD2 . ASP A 1 114 ? -9.322  -8.521  16.724  1.00 82.25  ? 104  ASP A OD2 1 
ATOM   800  N  N   . VAL A 1 115 ? -13.975 -6.726  14.254  1.00 54.09  ? 105  VAL A N   1 
ATOM   801  C  CA  . VAL A 1 115 ? -14.790 -5.566  13.909  1.00 52.79  ? 105  VAL A CA  1 
ATOM   802  C  C   . VAL A 1 115 ? -14.297 -4.313  14.630  1.00 54.46  ? 105  VAL A C   1 
ATOM   803  O  O   . VAL A 1 115 ? -13.275 -4.347  15.323  1.00 53.65  ? 105  VAL A O   1 
ATOM   804  C  CB  . VAL A 1 115 ? -16.270 -5.798  14.261  1.00 56.15  ? 105  VAL A CB  1 
ATOM   805  C  CG1 . VAL A 1 115 ? -16.681 -7.218  13.920  1.00 55.80  ? 105  VAL A CG1 1 
ATOM   806  C  CG2 . VAL A 1 115 ? -16.516 -5.504  15.724  1.00 55.90  ? 105  VAL A CG2 1 
ATOM   807  N  N   . GLY A 1 116 ? -15.027 -3.211  14.456  1.00 49.44  ? 106  GLY A N   1 
ATOM   808  C  CA  . GLY A 1 116 ? -14.694 -1.946  15.107  1.00 48.47  ? 106  GLY A CA  1 
ATOM   809  C  C   . GLY A 1 116 ? -14.372 -0.831  14.115  1.00 50.46  ? 106  GLY A C   1 
ATOM   810  O  O   . GLY A 1 116 ? -13.663 -1.043  13.136  1.00 50.14  ? 106  GLY A O   1 
ATOM   811  N  N   . SER A 1 117 ? -14.876 0.365   14.394  1.00 46.15  ? 107  SER A N   1 
ATOM   812  C  CA  . SER A 1 117 ? -14.629 1.526   13.537  1.00 45.80  ? 107  SER A CA  1 
ATOM   813  C  C   . SER A 1 117 ? -13.166 1.993   13.625  1.00 47.20  ? 107  SER A C   1 
ATOM   814  O  O   . SER A 1 117 ? -12.877 3.114   14.067  1.00 46.55  ? 107  SER A O   1 
ATOM   815  C  CB  . SER A 1 117 ? -15.581 2.673   13.906  1.00 50.59  ? 107  SER A CB  1 
ATOM   816  O  OG  . SER A 1 117 ? -16.926 2.350   13.584  1.00 61.20  ? 107  SER A OG  1 
ATOM   817  N  N   . TRP A 1 118 ? -12.254 1.131   13.179  1.00 41.75  ? 108  TRP A N   1 
ATOM   818  C  CA  . TRP A 1 118 ? -10.813 1.397   13.247  1.00 40.30  ? 108  TRP A CA  1 
ATOM   819  C  C   . TRP A 1 118 ? -10.332 2.593   12.422  1.00 40.73  ? 108  TRP A C   1 
ATOM   820  O  O   . TRP A 1 118 ? -10.918 2.941   11.401  1.00 40.40  ? 108  TRP A O   1 
ATOM   821  C  CB  . TRP A 1 118 ? -10.032 0.144   12.862  1.00 38.92  ? 108  TRP A CB  1 
ATOM   822  C  CG  . TRP A 1 118 ? -8.561  0.253   13.063  1.00 39.83  ? 108  TRP A CG  1 
ATOM   823  C  CD1 . TRP A 1 118 ? -7.855  -0.176  14.144  1.00 42.87  ? 108  TRP A CD1 1 
ATOM   824  C  CD2 . TRP A 1 118 ? -7.590  0.695   12.101  1.00 39.47  ? 108  TRP A CD2 1 
ATOM   825  N  NE1 . TRP A 1 118 ? -6.509  0.023   13.941  1.00 42.39  ? 108  TRP A NE1 1 
ATOM   826  C  CE2 . TRP A 1 118 ? -6.323  0.552   12.691  1.00 43.50  ? 108  TRP A CE2 1 
ATOM   827  C  CE3 . TRP A 1 118 ? -7.671  1.195   10.800  1.00 40.44  ? 108  TRP A CE3 1 
ATOM   828  C  CZ2 . TRP A 1 118 ? -5.152  0.917   12.036  1.00 42.59  ? 108  TRP A CZ2 1 
ATOM   829  C  CZ3 . TRP A 1 118 ? -6.505  1.544   10.149  1.00 41.61  ? 108  TRP A CZ3 1 
ATOM   830  C  CH2 . TRP A 1 118 ? -5.267  1.412   10.770  1.00 42.24  ? 108  TRP A CH2 1 
ATOM   831  N  N   . GLY A 1 119 ? -9.241  3.197   12.865  1.00 35.00  ? 109  GLY A N   1 
ATOM   832  C  CA  . GLY A 1 119 ? -8.656  4.338   12.176  1.00 34.44  ? 109  GLY A CA  1 
ATOM   833  C  C   . GLY A 1 119 ? -7.183  4.443   12.565  1.00 38.18  ? 109  GLY A C   1 
ATOM   834  O  O   . GLY A 1 119 ? -6.744  3.834   13.548  1.00 37.86  ? 109  GLY A O   1 
ATOM   835  N  N   . GLY A 1 120 ? -6.413  5.199   11.789  1.00 33.83  ? 110  GLY A N   1 
ATOM   836  C  CA  . GLY A 1 120 ? -4.988  5.330   12.059  1.00 33.21  ? 110  GLY A CA  1 
ATOM   837  C  C   . GLY A 1 120 ? -4.152  5.306   10.783  1.00 35.48  ? 110  GLY A C   1 
ATOM   838  O  O   . GLY A 1 120 ? -4.593  5.767   9.731   1.00 35.14  ? 110  GLY A O   1 
ATOM   839  N  N   . THR A 1 121 ? -2.923  4.812   10.885  1.00 30.73  ? 111  THR A N   1 
ATOM   840  C  CA  . THR A 1 121 ? -2.035  4.819   9.731   1.00 30.43  ? 111  THR A CA  1 
ATOM   841  C  C   . THR A 1 121 ? -1.627  3.424   9.272   1.00 32.65  ? 111  THR A C   1 
ATOM   842  O  O   . THR A 1 121 ? -1.486  2.496   10.074  1.00 32.66  ? 111  THR A O   1 
ATOM   843  C  CB  . THR A 1 121 ? -0.776  5.700   9.956   1.00 41.51  ? 111  THR A CB  1 
ATOM   844  O  OG1 . THR A 1 121 ? -1.170  7.041   10.280  1.00 42.51  ? 111  THR A OG1 1 
ATOM   845  C  CG2 . THR A 1 121 ? 0.081   5.726   8.700   1.00 39.47  ? 111  THR A CG2 1 
ATOM   846  N  N   . ILE A 1 122 ? -1.482  3.274   7.963   1.00 26.53  ? 112  ILE A N   1 
ATOM   847  C  CA  . ILE A 1 122 ? -1.109  2.001   7.389   1.00 24.70  ? 112  ILE A CA  1 
ATOM   848  C  C   . ILE A 1 122 ? 0.256   2.171   6.777   1.00 27.76  ? 112  ILE A C   1 
ATOM   849  O  O   . ILE A 1 122 ? 0.423   2.900   5.807   1.00 26.89  ? 112  ILE A O   1 
ATOM   850  C  CB  . ILE A 1 122 ? -2.091  1.571   6.296   1.00 26.91  ? 112  ILE A CB  1 
ATOM   851  C  CG1 . ILE A 1 122 ? -3.337  0.933   6.913   1.00 25.99  ? 112  ILE A CG1 1 
ATOM   852  C  CG2 . ILE A 1 122 ? -1.423  0.618   5.346   1.00 28.16  ? 112  ILE A CG2 1 
ATOM   853  C  CD1 . ILE A 1 122 ? -3.123  -0.446  7.409   1.00 23.56  ? 112  ILE A CD1 1 
ATOM   854  N  N   . GLY A 1 123 ? 1.244   1.539   7.386   1.00 24.63  ? 113  GLY A N   1 
ATOM   855  C  CA  . GLY A 1 123 ? 2.615   1.652   6.923   1.00 24.15  ? 113  GLY A CA  1 
ATOM   856  C  C   . GLY A 1 123 ? 2.844   0.807   5.687   1.00 26.70  ? 113  GLY A C   1 
ATOM   857  O  O   . GLY A 1 123 ? 2.180   -0.219  5.478   1.00 26.26  ? 113  GLY A O   1 
ATOM   858  N  N   . ILE A 1 124 ? 3.795   1.244   4.874   1.00 21.86  ? 114  ILE A N   1 
ATOM   859  C  CA  . ILE A 1 124 ? 4.147   0.554   3.653   1.00 21.54  ? 114  ILE A CA  1 
ATOM   860  C  C   . ILE A 1 124 ? 5.655   0.521   3.578   1.00 25.29  ? 114  ILE A C   1 
ATOM   861  O  O   . ILE A 1 124 ? 6.292   1.560   3.454   1.00 25.81  ? 114  ILE A O   1 
ATOM   862  C  CB  . ILE A 1 124 ? 3.648   1.324   2.426   1.00 25.00  ? 114  ILE A CB  1 
ATOM   863  C  CG1 . ILE A 1 124 ? 2.130   1.533   2.484   1.00 25.30  ? 114  ILE A CG1 1 
ATOM   864  C  CG2 . ILE A 1 124 ? 4.105   0.642   1.149   1.00 26.38  ? 114  ILE A CG2 1 
ATOM   865  C  CD1 . ILE A 1 124 ? 1.325   0.289   2.202   1.00 30.96  ? 114  ILE A CD1 1 
ATOM   866  N  N   . TYR A 1 125 ? 6.235   -0.664  3.679   1.00 21.05  ? 115  TYR A N   1 
ATOM   867  C  CA  . TYR A 1 125 ? 7.680   -0.786  3.628   1.00 20.34  ? 115  TYR A CA  1 
ATOM   868  C  C   . TYR A 1 125 ? 8.117   -1.689  2.503   1.00 22.89  ? 115  TYR A C   1 
ATOM   869  O  O   . TYR A 1 125 ? 7.417   -2.632  2.143   1.00 22.64  ? 115  TYR A O   1 
ATOM   870  C  CB  . TYR A 1 125 ? 8.203   -1.318  4.943   1.00 22.13  ? 115  TYR A CB  1 
ATOM   871  C  CG  . TYR A 1 125 ? 7.612   -0.622  6.133   1.00 24.64  ? 115  TYR A CG  1 
ATOM   872  C  CD1 . TYR A 1 125 ? 8.326   0.363   6.806   1.00 26.94  ? 115  TYR A CD1 1 
ATOM   873  C  CD2 . TYR A 1 125 ? 6.323   -0.911  6.554   1.00 25.44  ? 115  TYR A CD2 1 
ATOM   874  C  CE1 . TYR A 1 125 ? 7.784   1.017   7.890   1.00 29.00  ? 115  TYR A CE1 1 
ATOM   875  C  CE2 . TYR A 1 125 ? 5.770   -0.268  7.636   1.00 26.93  ? 115  TYR A CE2 1 
ATOM   876  C  CZ  . TYR A 1 125 ? 6.502   0.703   8.305   1.00 38.09  ? 115  TYR A CZ  1 
ATOM   877  O  OH  . TYR A 1 125 ? 5.950   1.364   9.386   1.00 41.36  ? 115  TYR A OH  1 
ATOM   878  N  N   . VAL A 1 126 ? 9.272   -1.385  1.928   1.00 18.73  ? 116  VAL A N   1 
ATOM   879  C  CA  . VAL A 1 126 ? 9.817   -2.216  0.872   1.00 18.27  ? 116  VAL A CA  1 
ATOM   880  C  C   . VAL A 1 126 ? 9.885   -3.662  1.366   1.00 24.40  ? 116  VAL A C   1 
ATOM   881  O  O   . VAL A 1 126 ? 10.177  -3.914  2.545   1.00 24.12  ? 116  VAL A O   1 
ATOM   882  C  CB  . VAL A 1 126 ? 11.210  -1.735  0.434   1.00 20.57  ? 116  VAL A CB  1 
ATOM   883  C  CG1 . VAL A 1 126 ? 11.872  -2.758  -0.451  1.00 19.89  ? 116  VAL A CG1 1 
ATOM   884  C  CG2 . VAL A 1 126 ? 11.097  -0.423  -0.292  1.00 20.16  ? 116  VAL A CG2 1 
ATOM   885  N  N   . ASP A 1 127 ? 9.503   -4.596  0.494   1.00 21.69  ? 117  ASP A N   1 
ATOM   886  C  CA  . ASP A 1 127 ? 9.536   -6.022  0.820   1.00 21.78  ? 117  ASP A CA  1 
ATOM   887  C  C   . ASP A 1 127 ? 10.797  -6.673  0.244   1.00 26.06  ? 117  ASP A C   1 
ATOM   888  O  O   . ASP A 1 127 ? 10.835  -7.055  -0.928  1.00 24.95  ? 117  ASP A O   1 
ATOM   889  C  CB  . ASP A 1 127 ? 8.274   -6.726  0.306   1.00 23.53  ? 117  ASP A CB  1 
ATOM   890  C  CG  . ASP A 1 127 ? 8.270   -8.217  0.604   1.00 30.49  ? 117  ASP A CG  1 
ATOM   891  O  OD1 . ASP A 1 127 ? 9.199   -8.689  1.289   1.00 31.83  ? 117  ASP A OD1 1 
ATOM   892  O  OD2 . ASP A 1 127 ? 7.354   -8.922  0.126   1.00 32.82  ? 117  ASP A OD2 1 
ATOM   893  N  N   . GLY A 1 128 ? 11.837  -6.748  1.067   1.00 24.24  ? 118  GLY A N   1 
ATOM   894  C  CA  . GLY A 1 128 ? 13.116  -7.306  0.647   1.00 25.01  ? 118  GLY A CA  1 
ATOM   895  C  C   . GLY A 1 128 ? 13.865  -6.348  -0.279  1.00 30.55  ? 118  GLY A C   1 
ATOM   896  O  O   . GLY A 1 128 ? 13.286  -5.798  -1.224  1.00 30.11  ? 118  GLY A O   1 
ATOM   897  N  N   . GLN A 1 129 ? 15.158  -6.177  -0.013  1.00 28.16  ? 119  GLN A N   1 
ATOM   898  C  CA  . GLN A 1 129 ? 15.999  -5.262  -0.772  1.00 28.51  ? 119  GLN A CA  1 
ATOM   899  C  C   . GLN A 1 129 ? 15.814  -5.398  -2.279  1.00 33.21  ? 119  GLN A C   1 
ATOM   900  O  O   . GLN A 1 129 ? 15.976  -6.479  -2.840  1.00 33.40  ? 119  GLN A O   1 
ATOM   901  C  CB  . GLN A 1 129 ? 17.470  -5.441  -0.380  1.00 30.13  ? 119  GLN A CB  1 
ATOM   902  C  CG  . GLN A 1 129 ? 18.236  -6.428  -1.246  1.00 56.65  ? 119  GLN A CG  1 
ATOM   903  C  CD  . GLN A 1 129 ? 18.885  -5.762  -2.442  1.00 86.41  ? 119  GLN A CD  1 
ATOM   904  O  OE1 . GLN A 1 129 ? 19.590  -4.762  -2.296  1.00 84.27  ? 119  GLN A OE1 1 
ATOM   905  N  NE2 . GLN A 1 129 ? 18.622  -6.292  -3.639  1.00 79.28  ? 119  GLN A NE2 1 
ATOM   906  N  N   . GLN A 1 130 ? 15.417  -4.305  -2.921  1.00 29.95  ? 120  GLN A N   1 
ATOM   907  C  CA  . GLN A 1 130 ? 15.223  -4.304  -4.365  1.00 30.32  ? 120  GLN A CA  1 
ATOM   908  C  C   . GLN A 1 130 ? 15.931  -3.099  -4.959  1.00 37.36  ? 120  GLN A C   1 
ATOM   909  O  O   . GLN A 1 130 ? 15.325  -2.288  -5.655  1.00 38.22  ? 120  GLN A O   1 
ATOM   910  C  CB  . GLN A 1 130 ? 13.735  -4.263  -4.719  1.00 31.20  ? 120  GLN A CB  1 
ATOM   911  C  CG  . GLN A 1 130 ? 12.865  -5.217  -3.916  1.00 37.09  ? 120  GLN A CG  1 
ATOM   912  C  CD  . GLN A 1 130 ? 11.388  -5.064  -4.237  1.00 47.38  ? 120  GLN A CD  1 
ATOM   913  O  OE1 . GLN A 1 130 ? 10.957  -5.295  -5.369  1.00 43.55  ? 120  GLN A OE1 1 
ATOM   914  N  NE2 . GLN A 1 130 ? 10.609  -4.643  -3.250  1.00 31.06  ? 120  GLN A NE2 1 
ATOM   915  N  N   . THR A 1 131 ? 17.216  -2.978  -4.658  1.00 34.51  ? 121  THR A N   1 
ATOM   916  C  CA  . THR A 1 131 ? 18.009  -1.850  -5.114  1.00 34.34  ? 121  THR A CA  1 
ATOM   917  C  C   . THR A 1 131 ? 18.225  -1.816  -6.622  1.00 38.53  ? 121  THR A C   1 
ATOM   918  O  O   . THR A 1 131 ? 18.904  -0.931  -7.131  1.00 38.50  ? 121  THR A O   1 
ATOM   919  C  CB  . THR A 1 131 ? 19.366  -1.809  -4.405  1.00 41.25  ? 121  THR A CB  1 
ATOM   920  O  OG1 . THR A 1 131 ? 20.237  -2.799  -4.978  1.00 41.70  ? 121  THR A OG1 1 
ATOM   921  C  CG2 . THR A 1 131 ? 19.186  -2.080  -2.911  1.00 36.43  ? 121  THR A CG2 1 
ATOM   922  N  N   . ASN A 1 132 ? 17.629  -2.759  -7.341  1.00 35.73  ? 122  ASN A N   1 
ATOM   923  C  CA  . ASN A 1 132 ? 17.785  -2.799  -8.794  1.00 36.42  ? 122  ASN A CA  1 
ATOM   924  C  C   . ASN A 1 132 ? 16.519  -2.386  -9.540  1.00 40.50  ? 122  ASN A C   1 
ATOM   925  O  O   . ASN A 1 132 ? 16.431  -2.542  -10.766 1.00 40.12  ? 122  ASN A O   1 
ATOM   926  C  CB  . ASN A 1 132 ? 18.251  -4.180  -9.261  1.00 40.77  ? 122  ASN A CB  1 
ATOM   927  C  CG  . ASN A 1 132 ? 19.491  -4.653  -8.527  1.00 79.17  ? 122  ASN A CG  1 
ATOM   928  O  OD1 . ASN A 1 132 ? 20.473  -3.918  -8.403  1.00 74.99  ? 122  ASN A OD1 1 
ATOM   929  N  ND2 . ASN A 1 132 ? 19.434  -5.871  -7.994  1.00 74.93  ? 122  ASN A ND2 1 
ATOM   930  N  N   . THR A 1 133 ? 15.547  -1.847  -8.799  1.00 36.32  ? 123  THR A N   1 
ATOM   931  C  CA  . THR A 1 133 ? 14.277  -1.403  -9.385  1.00 35.23  ? 123  THR A CA  1 
ATOM   932  C  C   . THR A 1 133 ? 14.475  -0.194  -10.297 1.00 38.50  ? 123  THR A C   1 
ATOM   933  O  O   . THR A 1 133 ? 14.921  0.868   -9.854  1.00 38.98  ? 123  THR A O   1 
ATOM   934  C  CB  . THR A 1 133 ? 13.233  -1.042  -8.299  1.00 37.31  ? 123  THR A CB  1 
ATOM   935  O  OG1 . THR A 1 133 ? 12.771  -2.235  -7.647  1.00 35.26  ? 123  THR A OG1 1 
ATOM   936  C  CG2 . THR A 1 133 ? 12.049  -0.324  -8.928  1.00 33.45  ? 123  THR A CG2 1 
ATOM   937  N  N   . PRO A 1 134 ? 14.138  -0.356  -11.570 1.00 33.54  ? 124  PRO A N   1 
ATOM   938  C  CA  . PRO A 1 134 ? 14.271  0.723   -12.546 1.00 33.00  ? 124  PRO A CA  1 
ATOM   939  C  C   . PRO A 1 134 ? 13.624  2.023   -12.063 1.00 37.74  ? 124  PRO A C   1 
ATOM   940  O  O   . PRO A 1 134 ? 12.573  2.005   -11.429 1.00 37.68  ? 124  PRO A O   1 
ATOM   941  C  CB  . PRO A 1 134 ? 13.515  0.185   -13.761 1.00 34.29  ? 124  PRO A CB  1 
ATOM   942  C  CG  . PRO A 1 134 ? 12.478  -0.714  -13.189 1.00 38.37  ? 124  PRO A CG  1 
ATOM   943  C  CD  . PRO A 1 134 ? 13.032  -1.273  -11.897 1.00 33.60  ? 124  PRO A CD  1 
ATOM   944  N  N   . PRO A 1 135 ? 14.248  3.152   -12.370 1.00 34.82  ? 125  PRO A N   1 
ATOM   945  C  CA  . PRO A 1 135 ? 13.677  4.431   -11.994 1.00 34.68  ? 125  PRO A CA  1 
ATOM   946  C  C   . PRO A 1 135 ? 12.350  4.628   -12.723 1.00 38.68  ? 125  PRO A C   1 
ATOM   947  O  O   . PRO A 1 135 ? 12.145  4.088   -13.821 1.00 38.72  ? 125  PRO A O   1 
ATOM   948  C  CB  . PRO A 1 135 ? 14.722  5.429   -12.496 1.00 36.00  ? 125  PRO A CB  1 
ATOM   949  C  CG  . PRO A 1 135 ? 16.012  4.712   -12.328 1.00 39.99  ? 125  PRO A CG  1 
ATOM   950  C  CD  . PRO A 1 135 ? 15.717  3.218   -12.443 1.00 35.30  ? 125  PRO A CD  1 
ATOM   951  N  N   . GLY A 1 136 ? 11.434  5.361   -12.088 1.00 33.54  ? 126  GLY A N   1 
ATOM   952  C  CA  . GLY A 1 136 ? 10.118  5.612   -12.673 1.00 32.16  ? 126  GLY A CA  1 
ATOM   953  C  C   . GLY A 1 136 ? 9.086   6.003   -11.620 1.00 32.59  ? 126  GLY A C   1 
ATOM   954  O  O   . GLY A 1 136 ? 9.421   6.235   -10.452 1.00 30.32  ? 126  GLY A O   1 
ATOM   955  N  N   . ASN A 1 137 ? 7.828   6.081   -12.044 1.00 28.95  ? 127  ASN A N   1 
ATOM   956  C  CA  . ASN A 1 137 ? 6.746   6.469   -11.144 1.00 28.95  ? 127  ASN A CA  1 
ATOM   957  C  C   . ASN A 1 137 ? 5.913   5.270   -10.696 1.00 32.38  ? 127  ASN A C   1 
ATOM   958  O  O   . ASN A 1 137 ? 5.163   4.691   -11.480 1.00 32.25  ? 127  ASN A O   1 
ATOM   959  C  CB  . ASN A 1 137 ? 5.859   7.526   -11.797 1.00 29.92  ? 127  ASN A CB  1 
ATOM   960  C  CG  . ASN A 1 137 ? 6.573   8.844   -11.985 1.00 51.36  ? 127  ASN A CG  1 
ATOM   961  O  OD1 . ASN A 1 137 ? 7.264   9.326   -11.087 1.00 39.93  ? 127  ASN A OD1 1 
ATOM   962  N  ND2 . ASN A 1 137 ? 6.428   9.428   -13.165 1.00 47.93  ? 127  ASN A ND2 1 
ATOM   963  N  N   . TYR A 1 138 ? 6.043   4.908   -9.426  1.00 28.06  ? 128  TYR A N   1 
ATOM   964  C  CA  . TYR A 1 138 ? 5.334   3.757   -8.893  1.00 27.43  ? 128  TYR A CA  1 
ATOM   965  C  C   . TYR A 1 138 ? 4.124   4.152   -8.069  1.00 30.58  ? 128  TYR A C   1 
ATOM   966  O  O   . TYR A 1 138 ? 4.147   5.147   -7.341  1.00 30.17  ? 128  TYR A O   1 
ATOM   967  C  CB  . TYR A 1 138 ? 6.278   2.866   -8.085  1.00 28.24  ? 128  TYR A CB  1 
ATOM   968  C  CG  . TYR A 1 138 ? 7.432   2.353   -8.905  1.00 29.29  ? 128  TYR A CG  1 
ATOM   969  C  CD1 . TYR A 1 138 ? 7.370   1.119   -9.523  1.00 31.43  ? 128  TYR A CD1 1 
ATOM   970  C  CD2 . TYR A 1 138 ? 8.530   3.155   -9.164  1.00 29.63  ? 128  TYR A CD2 1 
ATOM   971  C  CE1 . TYR A 1 138 ? 8.401   0.673   -10.318 1.00 32.24  ? 128  TYR A CE1 1 
ATOM   972  C  CE2 . TYR A 1 138 ? 9.561   2.715   -9.952  1.00 30.25  ? 128  TYR A CE2 1 
ATOM   973  C  CZ  . TYR A 1 138 ? 9.489   1.478   -10.529 1.00 36.64  ? 128  TYR A CZ  1 
ATOM   974  O  OH  . TYR A 1 138 ? 10.501  1.055   -11.340 1.00 38.52  ? 128  TYR A OH  1 
ATOM   975  N  N   . THR A 1 139 ? 3.062   3.365   -8.195  1.00 25.87  ? 129  THR A N   1 
ATOM   976  C  CA  . THR A 1 139 ? 1.831   3.646   -7.486  1.00 24.78  ? 129  THR A CA  1 
ATOM   977  C  C   . THR A 1 139 ? 1.212   2.406   -6.863  1.00 26.55  ? 129  THR A C   1 
ATOM   978  O  O   . THR A 1 139 ? 1.351   1.289   -7.382  1.00 25.43  ? 129  THR A O   1 
ATOM   979  C  CB  . THR A 1 139 ? 0.793   4.255   -8.417  1.00 32.70  ? 129  THR A CB  1 
ATOM   980  O  OG1 . THR A 1 139 ? 1.378   5.338   -9.149  1.00 37.91  ? 129  THR A OG1 1 
ATOM   981  C  CG2 . THR A 1 139 ? -0.384  4.750   -7.625  1.00 28.49  ? 129  THR A CG2 1 
ATOM   982  N  N   . LEU A 1 140 ? 0.497   2.628   -5.763  1.00 21.37  ? 130  LEU A N   1 
ATOM   983  C  CA  . LEU A 1 140 ? -0.260  1.591   -5.090  1.00 20.14  ? 130  LEU A CA  1 
ATOM   984  C  C   . LEU A 1 140 ? -1.593  2.196   -4.694  1.00 22.37  ? 130  LEU A C   1 
ATOM   985  O  O   . LEU A 1 140 ? -1.645  3.164   -3.942  1.00 21.96  ? 130  LEU A O   1 
ATOM   986  C  CB  . LEU A 1 140 ? 0.470   1.094   -3.851  1.00 20.20  ? 130  LEU A CB  1 
ATOM   987  C  CG  . LEU A 1 140 ? -0.401  0.273   -2.891  1.00 25.25  ? 130  LEU A CG  1 
ATOM   988  C  CD1 . LEU A 1 140 ? -0.818  -1.046  -3.503  1.00 24.71  ? 130  LEU A CD1 1 
ATOM   989  C  CD2 . LEU A 1 140 ? 0.317   0.045   -1.569  1.00 29.90  ? 130  LEU A CD2 1 
ATOM   990  N  N   . THR A 1 141 ? -2.666  1.657   -5.247  1.00 18.08  ? 131  THR A N   1 
ATOM   991  C  CA  . THR A 1 141 ? -3.995  2.182   -5.008  1.00 17.67  ? 131  THR A CA  1 
ATOM   992  C  C   . THR A 1 141 ? -4.802  1.297   -4.057  1.00 22.63  ? 131  THR A C   1 
ATOM   993  O  O   . THR A 1 141 ? -4.939  0.095   -4.276  1.00 22.64  ? 131  THR A O   1 
ATOM   994  C  CB  . THR A 1 141 ? -4.734  2.335   -6.330  1.00 23.56  ? 131  THR A CB  1 
ATOM   995  O  OG1 . THR A 1 141 ? -3.771  2.507   -7.381  1.00 22.78  ? 131  THR A OG1 1 
ATOM   996  C  CG2 . THR A 1 141 ? -5.652  3.527   -6.294  1.00 21.26  ? 131  THR A CG2 1 
ATOM   997  N  N   . LEU A 1 142 ? -5.321  1.897   -2.992  1.00 19.50  ? 132  LEU A N   1 
ATOM   998  C  CA  . LEU A 1 142 ? -6.106  1.165   -2.002  1.00 19.11  ? 132  LEU A CA  1 
ATOM   999  C  C   . LEU A 1 142 ? -7.515  1.736   -1.852  1.00 26.59  ? 132  LEU A C   1 
ATOM   1000 O  O   . LEU A 1 142 ? -7.692  2.949   -1.730  1.00 27.11  ? 132  LEU A O   1 
ATOM   1001 C  CB  . LEU A 1 142 ? -5.404  1.200   -0.655  1.00 18.28  ? 132  LEU A CB  1 
ATOM   1002 C  CG  . LEU A 1 142 ? -4.071  0.480   -0.643  1.00 21.89  ? 132  LEU A CG  1 
ATOM   1003 C  CD1 . LEU A 1 142 ? -3.283  0.852   0.605   1.00 21.44  ? 132  LEU A CD1 1 
ATOM   1004 C  CD2 . LEU A 1 142 ? -4.324  -1.010  -0.718  1.00 24.16  ? 132  LEU A CD2 1 
ATOM   1005 N  N   . THR A 1 143 ? -8.511  0.855   -1.818  1.00 24.03  ? 133  THR A N   1 
ATOM   1006 C  CA  . THR A 1 143 ? -9.894  1.280   -1.650  1.00 23.98  ? 133  THR A CA  1 
ATOM   1007 C  C   . THR A 1 143 ? -10.469 0.795   -0.331  1.00 30.56  ? 133  THR A C   1 
ATOM   1008 O  O   . THR A 1 143 ? -10.362 -0.383  0.003   1.00 30.08  ? 133  THR A O   1 
ATOM   1009 C  CB  . THR A 1 143 ? -10.770 0.756   -2.766  1.00 27.22  ? 133  THR A CB  1 
ATOM   1010 O  OG1 . THR A 1 143 ? -10.108 0.947   -4.023  1.00 30.78  ? 133  THR A OG1 1 
ATOM   1011 C  CG2 . THR A 1 143 ? -12.093 1.477   -2.763  1.00 21.23  ? 133  THR A CG2 1 
ATOM   1012 N  N   . GLY A 1 144 ? -11.110 1.703   0.402   1.00 29.23  ? 134  GLY A N   1 
ATOM   1013 C  CA  . GLY A 1 144 ? -11.711 1.373   1.692   1.00 29.75  ? 134  GLY A CA  1 
ATOM   1014 C  C   . GLY A 1 144 ? -12.959 0.509   1.537   1.00 36.29  ? 134  GLY A C   1 
ATOM   1015 O  O   . GLY A 1 144 ? -13.555 0.448   0.467   1.00 35.69  ? 134  GLY A O   1 
ATOM   1016 N  N   . GLY A 1 145 ? -13.360 -0.146  2.620   1.00 35.62  ? 135  GLY A N   1 
ATOM   1017 C  CA  . GLY A 1 145 ? -14.544 -1.001  2.605   1.00 36.33  ? 135  GLY A CA  1 
ATOM   1018 C  C   . GLY A 1 145 ? -14.518 -2.007  3.758   1.00 41.83  ? 135  GLY A C   1 
ATOM   1019 O  O   . GLY A 1 145 ? -13.567 -2.051  4.542   1.00 41.08  ? 135  GLY A O   1 
ATOM   1020 N  N   . TYR A 1 146 ? -15.575 -2.803  3.868   1.00 39.68  ? 136  TYR A N   1 
ATOM   1021 C  CA  . TYR A 1 146 ? -15.648 -3.815  4.905   1.00 40.14  ? 136  TYR A CA  1 
ATOM   1022 C  C   . TYR A 1 146 ? -15.652 -5.192  4.294   1.00 45.99  ? 136  TYR A C   1 
ATOM   1023 O  O   . TYR A 1 146 ? -15.695 -5.338  3.075   1.00 45.58  ? 136  TYR A O   1 
ATOM   1024 C  CB  . TYR A 1 146 ? -16.865 -3.612  5.801   1.00 41.51  ? 136  TYR A CB  1 
ATOM   1025 C  CG  . TYR A 1 146 ? -18.191 -3.595  5.083   1.00 43.39  ? 136  TYR A CG  1 
ATOM   1026 C  CD1 . TYR A 1 146 ? -19.094 -2.554  5.290   1.00 45.59  ? 136  TYR A CD1 1 
ATOM   1027 C  CD2 . TYR A 1 146 ? -18.592 -4.664  4.287   1.00 44.04  ? 136  TYR A CD2 1 
ATOM   1028 C  CE1 . TYR A 1 146 ? -20.342 -2.554  4.687   1.00 47.04  ? 136  TYR A CE1 1 
ATOM   1029 C  CE2 . TYR A 1 146 ? -19.843 -4.673  3.673   1.00 45.01  ? 136  TYR A CE2 1 
ATOM   1030 C  CZ  . TYR A 1 146 ? -20.712 -3.612  3.881   1.00 52.79  ? 136  TYR A CZ  1 
ATOM   1031 O  OH  . TYR A 1 146 ? -21.951 -3.601  3.287   1.00 52.86  ? 136  TYR A OH  1 
ATOM   1032 N  N   . TRP A 1 147 ? -15.582 -6.215  5.134   1.00 44.70  ? 137  TRP A N   1 
ATOM   1033 C  CA  . TRP A 1 147 ? -15.445 -7.570  4.629   1.00 45.45  ? 137  TRP A CA  1 
ATOM   1034 C  C   . TRP A 1 147 ? -16.238 -8.630  5.380   1.00 53.50  ? 137  TRP A C   1 
ATOM   1035 O  O   . TRP A 1 147 ? -16.403 -8.556  6.602   1.00 52.67  ? 137  TRP A O   1 
ATOM   1036 C  CB  . TRP A 1 147 ? -13.954 -7.927  4.551   1.00 43.65  ? 137  TRP A CB  1 
ATOM   1037 C  CG  . TRP A 1 147 ? -13.616 -9.374  4.726   1.00 44.11  ? 137  TRP A CG  1 
ATOM   1038 C  CD1 . TRP A 1 147 ? -13.710 -10.102 5.863   1.00 46.80  ? 137  TRP A CD1 1 
ATOM   1039 C  CD2 . TRP A 1 147 ? -12.970 -10.219 3.757   1.00 43.84  ? 137  TRP A CD2 1 
ATOM   1040 N  NE1 . TRP A 1 147 ? -13.228 -11.366 5.657   1.00 45.95  ? 137  TRP A NE1 1 
ATOM   1041 C  CE2 . TRP A 1 147 ? -12.749 -11.461 4.376   1.00 47.52  ? 137  TRP A CE2 1 
ATOM   1042 C  CE3 . TRP A 1 147 ? -12.568 -10.043 2.432   1.00 45.00  ? 137  TRP A CE3 1 
ATOM   1043 C  CZ2 . TRP A 1 147 ? -12.176 -12.532 3.707   1.00 46.93  ? 137  TRP A CZ2 1 
ATOM   1044 C  CZ3 . TRP A 1 147 ? -11.987 -11.109 1.769   1.00 46.37  ? 137  TRP A CZ3 1 
ATOM   1045 C  CH2 . TRP A 1 147 ? -11.813 -12.346 2.403   1.00 47.03  ? 137  TRP A CH2 1 
ATOM   1046 N  N   . ALA A 1 148 ? -16.758 -9.594  4.621   1.00 53.60  ? 138  ALA A N   1 
ATOM   1047 C  CA  . ALA A 1 148 ? -17.516 -10.716 5.170   1.00 55.05  ? 138  ALA A CA  1 
ATOM   1048 C  C   . ALA A 1 148 ? -17.266 -11.982 4.336   1.00 63.77  ? 138  ALA A C   1 
ATOM   1049 O  O   . ALA A 1 148 ? -16.786 -11.901 3.192   1.00 63.66  ? 138  ALA A O   1 
ATOM   1050 C  CB  . ALA A 1 148 ? -18.996 -10.388 5.204   1.00 55.61  ? 138  ALA A CB  1 
ATOM   1051 N  N   . LYS A 1 149 ? -17.551 -13.146 4.922   1.00 62.87  ? 139  LYS A N   1 
ATOM   1052 C  CA  . LYS A 1 149 ? -17.393 -14.425 4.216   1.00 68.70  ? 139  LYS A CA  1 
ATOM   1053 C  C   . LYS A 1 149 ? -18.745 -15.100 4.000   1.00 88.56  ? 139  LYS A C   1 
ATOM   1054 O  O   . LYS A 1 149 ? -19.781 -14.406 4.118   1.00 90.80  ? 139  LYS A O   1 
ATOM   1055 C  CB  . LYS A 1 149 ? -16.432 -15.379 4.951   1.00 71.40  ? 139  LYS A CB  1 
ATOM   1056 C  CG  . LYS A 1 149 ? -15.858 -14.845 6.260   1.00 87.80  ? 139  LYS A CG  1 
ATOM   1057 C  CD  . LYS A 1 149 ? -14.385 -15.225 6.408   1.00 97.33  ? 139  LYS A CD  1 
ATOM   1058 C  CE  . LYS A 1 149 ? -14.164 -16.163 7.584   1.00 106.63 ? 139  LYS A CE  1 
ATOM   1059 N  NZ  . LYS A 1 149 ? -15.037 -15.815 8.741   1.00 113.95 ? 139  LYS A NZ  1 
HETATM 1060 S  S   . SO4 B 2 .   ? 3.202   19.344  -10.435 1.00 68.47  ? 1140 SO4 A S   1 
HETATM 1061 O  O1  . SO4 B 2 .   ? 1.994   19.896  -9.748  1.00 68.52  ? 1140 SO4 A O1  1 
HETATM 1062 O  O2  . SO4 B 2 .   ? 3.780   18.187  -9.759  1.00 68.60  ? 1140 SO4 A O2  1 
HETATM 1063 O  O3  . SO4 B 2 .   ? 2.719   18.837  -11.758 1.00 68.51  ? 1140 SO4 A O3  1 
HETATM 1064 O  O4  . SO4 B 2 .   ? 4.128   20.461  -10.722 1.00 68.15  ? 1140 SO4 A O4  1 
HETATM 1065 CL CL  . CL  C 3 .   ? 5.794   4.542   6.678   1.00 51.84  ? 1141 CL  A CL  1 
HETATM 1066 O  O   . HOH D 4 .   ? 2.068   9.171   -0.910  1.00 10.26  ? 2001 HOH A O   1 
HETATM 1067 O  O   . HOH D 4 .   ? 10.598  12.367  -0.381  1.00 33.85  ? 2002 HOH A O   1 
HETATM 1068 O  O   . HOH D 4 .   ? -18.717 3.948   15.368  1.00 23.50  ? 2003 HOH A O   1 
HETATM 1069 O  O   . HOH D 4 .   ? -22.933 -1.509  6.226   1.00 42.67  ? 2004 HOH A O   1 
# 
